data_6H4Y
#
_entry.id   6H4Y
#
_cell.length_a   58.050
_cell.length_b   100.760
_cell.length_c   143.170
_cell.angle_alpha   90.00
_cell.angle_beta   99.56
_cell.angle_gamma   90.00
#
_symmetry.space_group_name_H-M   'P 1 21 1'
#
loop_
_entity.id
_entity.type
_entity.pdbx_description
1 polymer 'Lysine-specific demethylase 4A'
2 non-polymer 'ZINC ION'
3 non-polymer 8-[4-[2-[4-[4-(2-morpholin-4-ylethyl)phenyl]piperidin-1-yl]ethyl]pyrazol-1-yl]-3~{H}-pyrido[3,4-d]pyrimidin-4-one
4 non-polymer 'CHLORIDE ION'
5 non-polymer 'DIMETHYL SULFOXIDE'
6 non-polymer GLYCEROL
7 water water
#
_entity_poly.entity_id   1
_entity_poly.type   'polypeptide(L)'
_entity_poly.pdbx_seq_one_letter_code
;SMASESETLNPSARIMTFYPTMEEFRNFSRYIAYIESQGAHRAGLAKVVPPKEWKPRASYDDIDDLVIPAPIQQLVTGQS
GLFTQYNIQKKAMTVREFRKIANSDKYCTPRYSEFEELERKYWKNLTFNPPIYGADVNGTLYEKHVDEWNIGRLRTILDL
VEKESGITIEGVNTPYLYFGMWKTSFAWHTEDMDLYSINYLHFGEPKSWYSVPPEHGKRLERLAKGFFPGSAQSCEAFLR
HKMTLISPLMLKKYGIPFDKVTQEAGEFMITFPYGYHAGFNHGFNCAESTNFATRRWIEYGKQAVLCSCRKDMVKISMDV
FVRKFQPERYKLWKAGKDNTVIDHTLPTPEAAEFLKESEL
;
_entity_poly.pdbx_strand_id   A,B,C,D
#
loop_
_chem_comp.id
_chem_comp.type
_chem_comp.name
_chem_comp.formula
CL non-polymer 'CHLORIDE ION' 'Cl -1'
DMS non-polymer 'DIMETHYL SULFOXIDE' 'C2 H6 O S'
FO8 non-polymer 8-[4-[2-[4-[4-(2-morpholin-4-ylethyl)phenyl]piperidin-1-yl]ethyl]pyrazol-1-yl]-3~{H}-pyrido[3,4-d]pyrimidin-4-one 'C29 H35 N7 O2'
GOL non-polymer GLYCEROL 'C3 H8 O3'
ZN non-polymer 'ZINC ION' 'Zn 2'
#
# COMPACT_ATOMS: atom_id res chain seq x y z
N LEU A 9 27.37 32.82 -21.54
CA LEU A 9 26.22 32.74 -20.62
C LEU A 9 26.54 31.86 -19.39
N ASN A 10 26.51 32.52 -18.20
CA ASN A 10 26.83 31.97 -16.86
C ASN A 10 28.17 31.18 -16.86
N PRO A 11 29.33 31.81 -17.21
CA PRO A 11 30.60 31.04 -17.22
C PRO A 11 31.00 30.44 -15.88
N SER A 12 30.66 31.16 -14.79
CA SER A 12 30.95 30.77 -13.40
C SER A 12 30.15 29.55 -12.90
N ALA A 13 29.05 29.19 -13.61
CA ALA A 13 28.13 28.10 -13.27
C ALA A 13 27.52 28.32 -11.87
N ARG A 14 27.21 29.59 -11.54
N ARG A 14 27.22 29.59 -11.52
CA ARG A 14 26.62 29.97 -10.25
CA ARG A 14 26.64 29.94 -10.24
C ARG A 14 25.09 29.84 -10.29
C ARG A 14 25.11 29.85 -10.29
N ILE A 15 24.46 29.53 -9.14
CA ILE A 15 22.99 29.39 -9.01
C ILE A 15 22.33 30.74 -9.28
N MET A 16 21.44 30.73 -10.29
CA MET A 16 20.67 31.88 -10.70
C MET A 16 19.27 31.89 -10.09
N THR A 17 18.74 33.08 -9.81
CA THR A 17 17.39 33.32 -9.26
C THR A 17 16.63 34.13 -10.27
N PHE A 18 15.39 33.71 -10.57
CA PHE A 18 14.53 34.34 -11.56
C PHE A 18 13.25 34.84 -10.93
N TYR A 19 12.81 36.03 -11.35
CA TYR A 19 11.60 36.68 -10.90
C TYR A 19 10.67 36.91 -12.10
N PRO A 20 10.02 35.84 -12.64
CA PRO A 20 9.11 36.03 -13.79
C PRO A 20 7.88 36.84 -13.44
N THR A 21 7.35 37.55 -14.45
CA THR A 21 6.12 38.32 -14.35
C THR A 21 4.98 37.30 -14.56
N MET A 22 3.72 37.66 -14.26
CA MET A 22 2.61 36.73 -14.45
C MET A 22 2.51 36.21 -15.90
N GLU A 23 2.78 37.06 -16.92
CA GLU A 23 2.77 36.69 -18.34
C GLU A 23 3.88 35.66 -18.67
N GLU A 24 5.12 35.93 -18.18
CA GLU A 24 6.28 35.04 -18.37
C GLU A 24 6.07 33.67 -17.70
N PHE A 25 5.54 33.70 -16.45
CA PHE A 25 5.27 32.57 -15.58
C PHE A 25 4.20 31.62 -16.10
N ARG A 26 3.19 32.12 -16.85
CA ARG A 26 2.08 31.31 -17.38
C ARG A 26 2.49 30.07 -18.22
N ASN A 27 3.56 30.17 -19.04
CA ASN A 27 4.06 29.06 -19.86
C ASN A 27 5.32 28.48 -19.22
N PHE A 28 5.16 27.31 -18.56
CA PHE A 28 6.22 26.61 -17.82
C PHE A 28 7.42 26.21 -18.70
N SER A 29 7.16 25.44 -19.77
CA SER A 29 8.18 24.94 -20.71
C SER A 29 8.93 26.05 -21.39
N ARG A 30 8.25 27.13 -21.76
CA ARG A 30 8.86 28.31 -22.39
C ARG A 30 9.79 28.97 -21.38
N TYR A 31 9.35 29.10 -20.12
CA TYR A 31 10.18 29.71 -19.08
C TYR A 31 11.41 28.87 -18.72
N ILE A 32 11.29 27.55 -18.75
CA ILE A 32 12.43 26.64 -18.52
C ILE A 32 13.45 26.86 -19.66
N ALA A 33 12.95 27.04 -20.91
CA ALA A 33 13.80 27.31 -22.08
C ALA A 33 14.44 28.70 -22.00
N TYR A 34 13.74 29.70 -21.43
CA TYR A 34 14.29 31.04 -21.24
C TYR A 34 15.43 31.02 -20.22
N ILE A 35 15.25 30.33 -19.07
CA ILE A 35 16.28 30.34 -18.03
C ILE A 35 17.53 29.61 -18.55
N GLU A 36 17.33 28.66 -19.50
CA GLU A 36 18.45 27.95 -20.11
C GLU A 36 19.22 28.84 -21.08
N SER A 37 18.52 29.73 -21.84
CA SER A 37 19.15 30.70 -22.75
C SER A 37 20.07 31.63 -21.93
N GLN A 38 19.73 31.86 -20.66
CA GLN A 38 20.45 32.66 -19.66
C GLN A 38 21.59 31.87 -19.00
N GLY A 39 21.68 30.58 -19.30
CA GLY A 39 22.69 29.66 -18.77
C GLY A 39 22.47 29.13 -17.37
N ALA A 40 21.23 29.17 -16.85
CA ALA A 40 20.89 28.70 -15.50
C ALA A 40 21.25 27.25 -15.26
N HIS A 41 21.08 26.42 -16.33
CA HIS A 41 21.33 24.97 -16.35
C HIS A 41 22.77 24.59 -15.99
N ARG A 42 23.72 25.50 -16.24
CA ARG A 42 25.13 25.31 -15.95
C ARG A 42 25.44 25.07 -14.48
N ALA A 43 24.65 25.67 -13.56
CA ALA A 43 24.80 25.50 -12.12
C ALA A 43 24.27 24.13 -11.68
N GLY A 44 23.27 23.65 -12.44
CA GLY A 44 22.57 22.40 -12.22
C GLY A 44 21.35 22.58 -11.35
N LEU A 45 21.18 23.80 -10.84
CA LEU A 45 20.13 24.23 -9.95
C LEU A 45 19.83 25.69 -10.19
N ALA A 46 18.54 26.04 -10.18
CA ALA A 46 18.04 27.41 -10.34
C ALA A 46 16.85 27.65 -9.41
N LYS A 47 16.68 28.90 -8.97
CA LYS A 47 15.53 29.30 -8.14
C LYS A 47 14.62 30.18 -8.98
N VAL A 48 13.32 30.00 -8.80
CA VAL A 48 12.30 30.76 -9.50
C VAL A 48 11.33 31.24 -8.44
N VAL A 49 11.25 32.57 -8.28
CA VAL A 49 10.36 33.20 -7.33
C VAL A 49 9.11 33.58 -8.13
N PRO A 50 7.96 32.90 -7.90
CA PRO A 50 6.77 33.20 -8.71
C PRO A 50 6.18 34.58 -8.43
N PRO A 51 5.34 35.14 -9.34
CA PRO A 51 4.73 36.46 -9.06
C PRO A 51 3.94 36.46 -7.75
N LYS A 52 4.08 37.53 -6.94
CA LYS A 52 3.47 37.73 -5.62
C LYS A 52 1.99 37.31 -5.52
N GLU A 53 1.22 37.63 -6.58
CA GLU A 53 -0.22 37.34 -6.71
C GLU A 53 -0.54 35.84 -6.80
N TRP A 54 0.42 35.03 -7.34
CA TRP A 54 0.25 33.59 -7.54
C TRP A 54 0.39 32.77 -6.26
N LYS A 55 -0.61 31.89 -6.04
CA LYS A 55 -0.74 30.95 -4.94
C LYS A 55 -1.32 29.63 -5.47
N PRO A 56 -0.71 28.45 -5.20
CA PRO A 56 -1.28 27.20 -5.72
C PRO A 56 -2.47 26.65 -4.92
N ARG A 57 -2.66 27.15 -3.70
CA ARG A 57 -3.69 26.73 -2.75
C ARG A 57 -4.00 27.92 -1.87
N ALA A 58 -5.27 28.06 -1.48
CA ALA A 58 -5.73 29.18 -0.67
C ALA A 58 -5.22 29.13 0.77
N SER A 59 -5.15 27.93 1.32
CA SER A 59 -4.76 27.66 2.69
C SER A 59 -4.36 26.20 2.86
N TYR A 60 -3.46 25.91 3.80
CA TYR A 60 -3.02 24.55 4.11
C TYR A 60 -3.55 24.16 5.48
N ASP A 61 -4.77 24.64 5.84
CA ASP A 61 -5.37 24.36 7.16
C ASP A 61 -6.18 23.08 7.22
N ASP A 62 -6.31 22.37 6.09
CA ASP A 62 -7.16 21.18 6.01
C ASP A 62 -6.39 19.90 5.77
N ILE A 63 -5.11 19.88 6.14
CA ILE A 63 -4.28 18.72 5.86
C ILE A 63 -3.78 17.97 7.12
N ASP A 64 -4.36 18.21 8.31
CA ASP A 64 -3.97 17.51 9.53
C ASP A 64 -4.13 15.98 9.48
N ASP A 65 -5.21 15.50 8.81
CA ASP A 65 -5.51 14.09 8.65
C ASP A 65 -4.94 13.50 7.38
N LEU A 66 -4.09 14.27 6.66
CA LEU A 66 -3.39 13.74 5.47
C LEU A 66 -2.36 12.71 6.01
N VAL A 67 -2.41 11.50 5.46
CA VAL A 67 -1.55 10.39 5.86
C VAL A 67 -0.21 10.38 5.09
N ILE A 68 0.90 10.22 5.85
CA ILE A 68 2.27 10.02 5.40
C ILE A 68 2.44 8.49 5.56
N PRO A 69 2.32 7.69 4.49
CA PRO A 69 2.30 6.23 4.64
C PRO A 69 3.57 5.58 5.12
N ALA A 70 4.72 6.18 4.78
CA ALA A 70 6.01 5.60 5.11
C ALA A 70 7.01 6.66 5.62
N PRO A 71 6.78 7.26 6.81
CA PRO A 71 7.80 8.21 7.33
C PRO A 71 9.11 7.45 7.59
N ILE A 72 10.23 8.09 7.35
CA ILE A 72 11.51 7.40 7.54
C ILE A 72 12.35 8.07 8.61
N GLN A 73 12.86 7.28 9.56
CA GLN A 73 13.81 7.79 10.52
C GLN A 73 15.18 7.73 9.84
N GLN A 74 15.84 8.89 9.76
CA GLN A 74 17.13 8.97 9.04
C GLN A 74 18.29 8.76 10.01
N LEU A 75 18.96 7.62 9.89
CA LEU A 75 20.12 7.29 10.74
C LEU A 75 21.36 7.65 9.93
N VAL A 76 22.18 8.55 10.45
CA VAL A 76 23.41 8.98 9.71
C VAL A 76 24.64 8.53 10.49
N THR A 77 25.52 7.85 9.78
CA THR A 77 26.78 7.35 10.28
C THR A 77 27.91 8.02 9.53
N GLY A 78 28.97 8.36 10.23
CA GLY A 78 30.13 8.97 9.58
C GLY A 78 30.88 9.97 10.42
N GLN A 79 31.93 10.53 9.81
CA GLN A 79 32.84 11.49 10.41
C GLN A 79 33.60 12.23 9.30
N SER A 80 34.30 13.31 9.70
CA SER A 80 35.13 14.14 8.82
C SER A 80 34.47 14.46 7.47
N GLY A 81 33.20 14.87 7.54
CA GLY A 81 32.43 15.28 6.39
C GLY A 81 31.93 14.22 5.44
N LEU A 82 32.12 12.92 5.77
CA LEU A 82 31.66 11.78 4.95
C LEU A 82 30.68 10.94 5.72
N PHE A 83 29.47 10.82 5.20
CA PHE A 83 28.40 10.10 5.88
C PHE A 83 27.56 9.20 4.99
N THR A 84 27.00 8.17 5.63
CA THR A 84 26.03 7.25 5.05
C THR A 84 24.70 7.39 5.85
N GLN A 85 23.63 7.63 5.12
CA GLN A 85 22.29 7.76 5.69
C GLN A 85 21.53 6.44 5.46
N TYR A 86 21.00 5.90 6.54
CA TYR A 86 20.21 4.68 6.57
C TYR A 86 18.79 5.05 6.91
N ASN A 87 17.84 4.52 6.16
CA ASN A 87 16.44 4.81 6.39
C ASN A 87 15.78 3.70 7.18
N ILE A 88 15.01 4.09 8.17
CA ILE A 88 14.23 3.16 8.99
C ILE A 88 12.76 3.53 8.71
N GLN A 89 12.02 2.68 8.01
CA GLN A 89 10.61 2.96 7.74
C GLN A 89 9.81 2.79 9.02
N LYS A 90 9.09 3.84 9.40
CA LYS A 90 8.24 3.88 10.60
C LYS A 90 6.80 3.70 10.13
N LYS A 91 5.87 3.39 11.04
CA LYS A 91 4.49 3.21 10.59
C LYS A 91 3.84 4.57 10.21
N ALA A 92 2.73 4.48 9.47
CA ALA A 92 2.04 5.66 8.91
C ALA A 92 1.64 6.64 10.02
N MET A 93 1.86 7.92 9.78
CA MET A 93 1.45 8.98 10.73
C MET A 93 0.82 10.14 9.96
N THR A 94 -0.04 10.91 10.61
CA THR A 94 -0.74 12.05 9.98
C THR A 94 0.15 13.29 10.01
N VAL A 95 -0.19 14.32 9.24
CA VAL A 95 0.59 15.55 9.25
C VAL A 95 0.53 16.15 10.67
N ARG A 96 -0.64 16.07 11.32
CA ARG A 96 -0.83 16.57 12.67
C ARG A 96 0.18 15.97 13.62
N GLU A 97 0.36 14.63 13.57
CA GLU A 97 1.29 13.86 14.42
C GLU A 97 2.73 14.21 14.09
N PHE A 98 3.03 14.30 12.83
CA PHE A 98 4.34 14.66 12.30
C PHE A 98 4.78 16.09 12.76
N ARG A 99 3.89 17.12 12.60
CA ARG A 99 4.08 18.52 12.98
C ARG A 99 4.34 18.65 14.47
N LYS A 100 3.61 17.82 15.31
CA LYS A 100 3.76 17.79 16.77
C LYS A 100 5.17 17.35 17.14
N ILE A 101 5.67 16.29 16.50
CA ILE A 101 7.03 15.75 16.69
C ILE A 101 8.07 16.77 16.16
N ALA A 102 7.85 17.31 14.95
CA ALA A 102 8.73 18.29 14.30
C ALA A 102 8.97 19.52 15.18
N ASN A 103 7.92 20.02 15.83
CA ASN A 103 7.99 21.23 16.63
C ASN A 103 8.28 21.02 18.09
N SER A 104 8.43 19.75 18.51
CA SER A 104 8.68 19.38 19.91
C SER A 104 10.10 19.76 20.29
N ASP A 105 10.38 19.90 21.60
CA ASP A 105 11.70 20.25 22.11
C ASP A 105 12.77 19.33 21.61
N LYS A 106 12.47 18.02 21.53
CA LYS A 106 13.42 16.99 21.06
C LYS A 106 13.91 17.25 19.63
N TYR A 107 12.98 17.59 18.71
CA TYR A 107 13.28 17.72 17.29
C TYR A 107 13.25 19.10 16.67
N CYS A 108 12.80 20.14 17.37
CA CYS A 108 12.73 21.48 16.75
C CYS A 108 14.11 22.07 16.36
N THR A 109 14.07 23.08 15.49
CA THR A 109 15.21 23.83 14.99
C THR A 109 15.96 24.49 16.17
N PRO A 110 17.31 24.45 16.19
CA PRO A 110 18.02 25.18 17.25
C PRO A 110 17.98 26.69 17.00
N ARG A 111 18.38 27.46 18.01
CA ARG A 111 18.45 28.91 17.92
C ARG A 111 19.68 29.28 17.09
N TYR A 112 19.53 30.31 16.22
CA TYR A 112 20.61 30.76 15.34
C TYR A 112 20.40 32.20 14.87
N SER A 113 21.51 32.89 14.57
CA SER A 113 21.49 34.25 14.03
C SER A 113 21.49 34.16 12.49
N GLU A 114 22.65 33.81 11.89
CA GLU A 114 22.84 33.67 10.45
C GLU A 114 22.66 32.21 10.00
N PHE A 115 22.41 31.98 8.70
CA PHE A 115 22.28 30.62 8.13
C PHE A 115 23.56 29.80 8.33
N GLU A 116 24.73 30.46 8.21
CA GLU A 116 26.06 29.86 8.39
C GLU A 116 26.17 29.11 9.71
N GLU A 117 25.51 29.66 10.76
CA GLU A 117 25.43 29.11 12.12
C GLU A 117 24.60 27.80 12.10
N LEU A 118 23.42 27.82 11.45
CA LEU A 118 22.55 26.66 11.31
C LEU A 118 23.19 25.56 10.47
N GLU A 119 23.93 25.95 9.40
CA GLU A 119 24.67 25.05 8.53
C GLU A 119 25.76 24.33 9.35
N ARG A 120 26.51 25.06 10.20
CA ARG A 120 27.51 24.46 11.08
C ARG A 120 26.87 23.47 12.04
N LYS A 121 25.69 23.81 12.62
CA LYS A 121 24.92 22.98 13.54
C LYS A 121 24.43 21.72 12.85
N TYR A 122 24.04 21.82 11.58
CA TYR A 122 23.59 20.67 10.80
C TYR A 122 24.74 19.68 10.58
N TRP A 123 25.92 20.17 10.12
CA TRP A 123 27.06 19.32 9.86
C TRP A 123 27.70 18.76 11.16
N LYS A 124 27.52 19.46 12.29
CA LYS A 124 28.02 19.02 13.58
C LYS A 124 27.09 17.98 14.21
N ASN A 125 25.78 18.06 13.94
CA ASN A 125 24.80 17.20 14.63
C ASN A 125 24.02 16.23 13.80
N LEU A 126 24.32 16.08 12.47
CA LEU A 126 23.51 15.19 11.62
C LEU A 126 23.52 13.73 12.05
N THR A 127 24.52 13.29 12.82
CA THR A 127 24.57 11.89 13.26
C THR A 127 23.85 11.67 14.59
N PHE A 128 23.40 12.75 15.24
CA PHE A 128 22.74 12.64 16.54
C PHE A 128 21.24 12.82 16.41
N ASN A 129 20.49 12.32 17.41
CA ASN A 129 19.04 12.44 17.51
C ASN A 129 18.35 12.29 16.11
N PRO A 130 18.39 11.06 15.48
CA PRO A 130 17.83 10.90 14.13
C PRO A 130 16.42 11.45 13.93
N PRO A 131 16.25 12.38 12.95
CA PRO A 131 14.91 12.93 12.68
C PRO A 131 14.06 11.98 11.85
N ILE A 132 12.80 12.34 11.65
CA ILE A 132 11.83 11.60 10.84
C ILE A 132 11.51 12.48 9.66
N TYR A 133 11.62 11.91 8.46
CA TYR A 133 11.31 12.61 7.22
C TYR A 133 10.06 11.97 6.68
N GLY A 134 9.01 12.78 6.49
CA GLY A 134 7.76 12.34 5.90
C GLY A 134 7.88 12.47 4.41
N ALA A 135 8.75 11.69 3.82
CA ALA A 135 9.12 11.73 2.40
C ALA A 135 8.32 10.82 1.51
N ASP A 136 8.37 11.11 0.18
CA ASP A 136 7.78 10.33 -0.91
C ASP A 136 6.29 10.02 -0.73
N VAL A 137 5.53 11.02 -0.29
CA VAL A 137 4.08 10.87 -0.13
C VAL A 137 3.46 11.14 -1.50
N ASN A 138 2.76 10.15 -2.07
CA ASN A 138 2.08 10.33 -3.36
C ASN A 138 0.96 11.35 -3.18
N GLY A 139 1.08 12.48 -3.84
CA GLY A 139 0.06 13.50 -3.72
C GLY A 139 0.47 14.89 -4.13
N THR A 140 -0.49 15.80 -4.05
CA THR A 140 -0.35 17.19 -4.43
C THR A 140 -1.11 18.11 -3.47
N LEU A 141 -0.61 19.35 -3.31
CA LEU A 141 -1.31 20.36 -2.53
C LEU A 141 -1.87 21.46 -3.45
N TYR A 142 -1.74 21.23 -4.76
CA TYR A 142 -2.27 22.11 -5.79
C TYR A 142 -3.77 21.96 -5.94
N GLU A 143 -4.48 23.11 -6.01
CA GLU A 143 -5.93 23.12 -6.25
C GLU A 143 -6.14 22.82 -7.75
N LYS A 144 -7.23 22.13 -8.08
CA LYS A 144 -7.58 21.67 -9.45
C LYS A 144 -7.47 22.74 -10.55
N HIS A 145 -8.00 23.95 -10.30
CA HIS A 145 -8.07 25.10 -11.22
C HIS A 145 -6.74 25.81 -11.53
N VAL A 146 -5.68 25.48 -10.77
CA VAL A 146 -4.37 26.11 -10.92
C VAL A 146 -3.67 25.58 -12.16
N ASP A 147 -3.56 26.43 -13.18
CA ASP A 147 -2.97 26.12 -14.48
C ASP A 147 -1.50 26.45 -14.62
N GLU A 148 -0.98 27.37 -13.79
CA GLU A 148 0.42 27.80 -13.83
C GLU A 148 1.31 26.93 -12.94
N TRP A 149 2.36 26.31 -13.55
CA TRP A 149 3.37 25.51 -12.87
C TRP A 149 2.80 24.43 -11.96
N ASN A 150 1.75 23.75 -12.42
CA ASN A 150 1.11 22.69 -11.66
C ASN A 150 1.97 21.44 -11.75
N ILE A 151 2.65 21.09 -10.66
CA ILE A 151 3.57 19.95 -10.58
C ILE A 151 2.85 18.61 -10.95
N GLY A 152 1.56 18.50 -10.63
CA GLY A 152 0.76 17.33 -10.97
C GLY A 152 0.47 17.17 -12.46
N ARG A 153 0.57 18.28 -13.24
CA ARG A 153 0.30 18.33 -14.67
C ARG A 153 1.13 19.40 -15.43
N LEU A 154 2.47 19.21 -15.51
CA LEU A 154 3.37 20.14 -16.21
C LEU A 154 3.29 20.07 -17.75
N ARG A 155 2.87 18.92 -18.28
CA ARG A 155 2.66 18.60 -19.69
C ARG A 155 3.91 18.81 -20.59
N THR A 156 5.07 18.33 -20.12
CA THR A 156 6.35 18.33 -20.84
C THR A 156 6.42 17.08 -21.73
N ILE A 157 7.52 16.91 -22.52
CA ILE A 157 7.69 15.72 -23.40
C ILE A 157 7.81 14.40 -22.58
N LEU A 158 7.99 14.50 -21.24
CA LEU A 158 8.06 13.35 -20.34
C LEU A 158 6.75 12.57 -20.30
N ASP A 159 5.62 13.24 -20.55
CA ASP A 159 4.28 12.63 -20.60
C ASP A 159 4.18 11.50 -21.62
N LEU A 160 5.09 11.45 -22.63
CA LEU A 160 5.17 10.43 -23.68
C LEU A 160 5.39 9.00 -23.12
N VAL A 161 6.02 8.89 -21.92
CA VAL A 161 6.27 7.62 -21.21
C VAL A 161 4.91 6.93 -20.88
N GLU A 162 3.99 7.72 -20.25
CA GLU A 162 2.66 7.30 -19.85
C GLU A 162 1.74 7.13 -21.06
N GLY A 171 5.58 5.62 -13.25
CA GLY A 171 5.14 6.40 -12.11
C GLY A 171 6.13 7.40 -11.53
N VAL A 172 6.76 8.23 -12.42
CA VAL A 172 7.73 9.31 -12.08
C VAL A 172 7.31 10.66 -12.75
N ASN A 173 6.09 10.64 -13.30
CA ASN A 173 5.36 11.74 -13.93
C ASN A 173 4.43 12.34 -12.87
N THR A 174 4.26 11.61 -11.73
CA THR A 174 3.38 11.92 -10.62
C THR A 174 4.03 12.78 -9.53
N PRO A 175 3.23 13.63 -8.83
CA PRO A 175 3.80 14.47 -7.77
C PRO A 175 4.01 13.72 -6.44
N TYR A 176 5.06 14.13 -5.69
CA TYR A 176 5.36 13.60 -4.37
C TYR A 176 5.50 14.74 -3.39
N LEU A 177 5.01 14.52 -2.18
CA LEU A 177 5.07 15.48 -1.06
C LEU A 177 6.14 15.04 -0.08
N TYR A 178 6.80 16.02 0.54
CA TYR A 178 7.89 15.85 1.51
C TYR A 178 7.62 16.73 2.72
N PHE A 179 7.32 16.11 3.85
CA PHE A 179 7.09 16.80 5.11
C PHE A 179 8.39 16.69 5.88
N GLY A 180 9.10 17.82 5.97
CA GLY A 180 10.38 17.87 6.65
C GLY A 180 10.32 18.36 8.10
N MET A 181 11.39 18.09 8.82
CA MET A 181 11.62 18.61 10.16
C MET A 181 13.09 18.97 10.20
N TRP A 182 13.53 19.69 11.22
CA TRP A 182 14.91 20.08 11.33
C TRP A 182 15.87 18.90 11.12
N LYS A 183 16.93 19.11 10.30
CA LYS A 183 18.01 18.13 10.11
C LYS A 183 17.65 16.97 9.21
N THR A 184 16.45 16.95 8.59
CA THR A 184 16.12 15.90 7.61
C THR A 184 16.92 16.22 6.39
N SER A 185 17.46 15.21 5.71
CA SER A 185 18.37 15.50 4.58
C SER A 185 18.04 14.67 3.34
N PHE A 186 18.48 15.18 2.19
CA PHE A 186 18.43 14.46 0.90
C PHE A 186 19.90 14.34 0.49
N ALA A 187 20.36 13.11 0.28
CA ALA A 187 21.78 12.84 -0.05
C ALA A 187 22.11 13.19 -1.50
N TRP A 188 23.41 13.29 -1.79
CA TRP A 188 23.92 13.59 -3.14
C TRP A 188 23.36 12.65 -4.18
N HIS A 189 22.73 13.22 -5.23
CA HIS A 189 22.11 12.45 -6.30
C HIS A 189 21.74 13.37 -7.45
N THR A 190 21.54 12.78 -8.63
CA THR A 190 20.96 13.39 -9.80
C THR A 190 19.58 12.71 -9.87
N GLU A 191 18.69 13.22 -10.70
CA GLU A 191 17.36 12.62 -10.83
C GLU A 191 17.39 11.27 -11.50
N ASP A 192 16.32 10.49 -11.35
CA ASP A 192 16.23 9.20 -12.04
C ASP A 192 16.27 9.47 -13.53
N MET A 193 17.08 8.69 -14.28
CA MET A 193 17.26 8.82 -15.72
C MET A 193 17.90 10.16 -16.11
N ASP A 194 18.53 10.82 -15.12
CA ASP A 194 19.17 12.13 -15.23
C ASP A 194 18.18 13.18 -15.76
N LEU A 195 16.93 13.12 -15.27
CA LEU A 195 15.85 14.03 -15.62
C LEU A 195 15.99 15.37 -14.92
N TYR A 196 15.09 16.29 -15.23
CA TYR A 196 14.98 17.56 -14.54
C TYR A 196 14.03 17.28 -13.37
N SER A 197 13.99 18.17 -12.39
CA SER A 197 12.99 18.14 -11.33
C SER A 197 12.58 19.56 -10.99
N ILE A 198 11.37 19.65 -10.42
CA ILE A 198 10.75 20.88 -9.94
C ILE A 198 10.41 20.64 -8.48
N ASN A 199 10.73 21.58 -7.62
CA ASN A 199 10.46 21.49 -6.18
C ASN A 199 9.84 22.80 -5.74
N TYR A 200 8.64 22.73 -5.19
CA TYR A 200 7.96 23.89 -4.66
C TYR A 200 7.82 23.75 -3.15
N LEU A 201 8.31 24.74 -2.39
CA LEU A 201 8.18 24.73 -0.93
C LEU A 201 6.83 25.40 -0.59
N HIS A 202 5.80 24.57 -0.32
CA HIS A 202 4.44 25.03 -0.02
C HIS A 202 4.37 25.93 1.18
N PHE A 203 4.97 25.45 2.28
CA PHE A 203 4.97 26.20 3.52
C PHE A 203 6.11 25.78 4.42
N GLY A 204 6.27 26.54 5.50
CA GLY A 204 7.17 26.26 6.59
C GLY A 204 8.55 26.84 6.52
N GLU A 205 9.45 26.19 7.26
CA GLU A 205 10.83 26.57 7.41
C GLU A 205 11.61 26.29 6.14
N PRO A 206 12.71 27.04 5.89
CA PRO A 206 13.46 26.84 4.64
C PRO A 206 14.06 25.45 4.41
N LYS A 207 14.50 25.26 3.17
CA LYS A 207 15.18 24.07 2.69
C LYS A 207 16.48 24.56 2.04
N SER A 208 17.64 24.11 2.56
CA SER A 208 18.93 24.50 2.01
C SER A 208 19.47 23.45 1.04
N TRP A 209 20.07 23.91 -0.05
CA TRP A 209 20.56 23.07 -1.14
C TRP A 209 21.99 23.33 -1.44
N TYR A 210 22.65 22.27 -1.93
CA TYR A 210 24.01 22.28 -2.45
C TYR A 210 23.87 21.71 -3.83
N SER A 211 24.64 22.24 -4.77
CA SER A 211 24.65 21.74 -6.16
C SER A 211 26.04 21.68 -6.72
N VAL A 212 26.30 20.70 -7.59
CA VAL A 212 27.57 20.56 -8.30
C VAL A 212 27.19 20.75 -9.78
N PRO A 213 27.83 21.68 -10.51
CA PRO A 213 27.49 21.86 -11.93
C PRO A 213 27.54 20.56 -12.73
N PRO A 214 26.57 20.28 -13.64
CA PRO A 214 26.66 19.08 -14.48
C PRO A 214 28.02 18.83 -15.14
N GLU A 215 28.74 19.90 -15.55
CA GLU A 215 30.06 19.77 -16.18
C GLU A 215 31.14 19.25 -15.21
N HIS A 216 30.86 19.25 -13.88
CA HIS A 216 31.77 18.76 -12.85
C HIS A 216 31.26 17.50 -12.12
N GLY A 217 30.12 16.98 -12.55
CA GLY A 217 29.48 15.80 -11.98
C GLY A 217 30.33 14.55 -11.91
N LYS A 218 31.18 14.32 -12.93
CA LYS A 218 32.09 13.16 -13.00
C LYS A 218 33.18 13.23 -11.92
N ARG A 219 33.55 14.45 -11.52
CA ARG A 219 34.54 14.73 -10.49
C ARG A 219 33.95 14.39 -9.15
N LEU A 220 32.65 14.69 -8.93
CA LEU A 220 31.99 14.31 -7.69
C LEU A 220 31.91 12.79 -7.58
N GLU A 221 31.48 12.11 -8.67
CA GLU A 221 31.40 10.64 -8.75
C GLU A 221 32.76 9.97 -8.44
N ARG A 222 33.86 10.53 -8.96
CA ARG A 222 35.23 10.02 -8.77
C ARG A 222 35.62 10.11 -7.31
N LEU A 223 35.31 11.26 -6.68
CA LEU A 223 35.57 11.49 -5.27
C LEU A 223 34.77 10.46 -4.41
N ALA A 224 33.45 10.35 -4.66
CA ALA A 224 32.57 9.41 -3.99
C ALA A 224 33.04 7.95 -4.12
N LYS A 225 33.46 7.52 -5.34
CA LYS A 225 33.99 6.17 -5.61
C LYS A 225 35.26 5.91 -4.77
N GLY A 226 36.13 6.92 -4.67
CA GLY A 226 37.33 6.86 -3.86
C GLY A 226 37.06 6.68 -2.39
N PHE A 227 36.00 7.34 -1.86
CA PHE A 227 35.62 7.25 -0.44
C PHE A 227 34.79 6.04 -0.08
N PHE A 228 33.90 5.60 -0.96
CA PHE A 228 33.06 4.43 -0.72
C PHE A 228 33.38 3.38 -1.83
N PRO A 229 34.58 2.75 -1.80
CA PRO A 229 34.94 1.80 -2.88
C PRO A 229 34.16 0.49 -2.85
N GLY A 230 33.68 0.11 -1.66
CA GLY A 230 32.89 -1.09 -1.47
C GLY A 230 31.56 -0.95 -2.18
N SER A 231 30.92 0.22 -2.02
CA SER A 231 29.65 0.60 -2.65
C SER A 231 29.81 0.71 -4.18
N ALA A 232 30.95 1.26 -4.64
CA ALA A 232 31.29 1.45 -6.05
C ALA A 232 31.47 0.11 -6.78
N GLN A 233 32.00 -0.92 -6.08
CA GLN A 233 32.20 -2.27 -6.63
C GLN A 233 30.85 -2.98 -6.79
N SER A 234 29.96 -2.85 -5.78
CA SER A 234 28.62 -3.47 -5.75
C SER A 234 27.63 -2.87 -6.75
N CYS A 235 27.74 -1.55 -6.99
CA CYS A 235 26.88 -0.80 -7.92
C CYS A 235 27.68 0.35 -8.52
N GLU A 236 27.66 0.49 -9.86
CA GLU A 236 28.37 1.58 -10.54
C GLU A 236 27.75 2.91 -10.13
N ALA A 237 26.39 2.98 -10.17
CA ALA A 237 25.62 4.15 -9.83
C ALA A 237 25.12 4.12 -8.37
N PHE A 238 26.05 3.88 -7.42
CA PHE A 238 25.71 3.79 -5.99
C PHE A 238 25.11 5.12 -5.38
N LEU A 239 25.39 6.30 -5.95
CA LEU A 239 24.83 7.58 -5.48
C LEU A 239 23.30 7.67 -5.66
N ARG A 240 22.74 6.88 -6.60
CA ARG A 240 21.31 6.77 -6.91
C ARG A 240 20.52 6.15 -5.71
N HIS A 241 21.23 5.45 -4.77
CA HIS A 241 20.68 4.87 -3.54
C HIS A 241 20.27 5.97 -2.58
N LYS A 242 20.77 7.20 -2.79
CA LYS A 242 20.52 8.43 -2.03
C LYS A 242 20.85 8.25 -0.55
N MET A 243 22.05 7.70 -0.30
CA MET A 243 22.55 7.44 1.06
C MET A 243 23.83 8.20 1.39
N THR A 244 24.45 8.85 0.39
CA THR A 244 25.77 9.49 0.55
C THR A 244 25.67 10.97 0.82
N LEU A 245 26.16 11.38 2.00
CA LEU A 245 26.22 12.77 2.45
C LEU A 245 27.68 13.18 2.47
N ILE A 246 27.99 14.29 1.80
CA ILE A 246 29.35 14.83 1.71
C ILE A 246 29.24 16.30 2.03
N SER A 247 29.91 16.74 3.10
CA SER A 247 29.89 18.14 3.53
C SER A 247 30.51 19.13 2.53
N PRO A 248 30.05 20.40 2.49
CA PRO A 248 30.72 21.39 1.58
C PRO A 248 32.22 21.55 1.83
N LEU A 249 32.69 21.37 3.08
CA LEU A 249 34.10 21.42 3.44
C LEU A 249 34.91 20.32 2.75
N MET A 250 34.34 19.11 2.62
CA MET A 250 34.95 17.98 1.91
C MET A 250 35.05 18.30 0.43
N LEU A 251 33.98 18.86 -0.16
CA LEU A 251 33.97 19.25 -1.56
C LEU A 251 35.03 20.31 -1.84
N LYS A 252 35.19 21.28 -0.93
CA LYS A 252 36.16 22.38 -1.02
C LYS A 252 37.58 21.79 -0.93
N LYS A 253 37.80 20.84 -0.02
CA LYS A 253 39.09 20.18 0.20
C LYS A 253 39.57 19.44 -1.06
N TYR A 254 38.66 18.78 -1.77
CA TYR A 254 39.02 18.01 -2.95
C TYR A 254 38.74 18.71 -4.26
N GLY A 255 38.58 20.02 -4.21
CA GLY A 255 38.39 20.88 -5.39
C GLY A 255 37.16 20.63 -6.23
N ILE A 256 36.09 20.13 -5.61
CA ILE A 256 34.83 19.93 -6.33
C ILE A 256 34.10 21.28 -6.34
N PRO A 257 33.85 21.88 -7.52
CA PRO A 257 33.11 23.16 -7.51
C PRO A 257 31.66 22.91 -7.17
N PHE A 258 31.08 23.80 -6.36
CA PHE A 258 29.70 23.69 -5.92
C PHE A 258 29.18 25.07 -5.56
N ASP A 259 27.89 25.16 -5.38
CA ASP A 259 27.24 26.37 -4.92
C ASP A 259 26.16 25.97 -3.96
N LYS A 260 25.71 26.92 -3.16
CA LYS A 260 24.64 26.71 -2.20
C LYS A 260 23.58 27.80 -2.32
N VAL A 261 22.35 27.44 -1.98
CA VAL A 261 21.17 28.31 -1.98
C VAL A 261 20.15 27.81 -0.95
N THR A 262 19.42 28.75 -0.32
CA THR A 262 18.34 28.48 0.62
C THR A 262 17.02 28.79 -0.09
N GLN A 263 16.13 27.80 -0.11
CA GLN A 263 14.80 27.91 -0.68
C GLN A 263 13.84 28.26 0.46
N GLU A 264 13.03 29.31 0.25
CA GLU A 264 12.04 29.74 1.22
C GLU A 264 10.66 29.40 0.76
N ALA A 265 9.68 29.43 1.68
CA ALA A 265 8.31 29.07 1.38
C ALA A 265 7.78 29.95 0.26
N GLY A 266 7.18 29.29 -0.73
CA GLY A 266 6.62 29.95 -1.89
C GLY A 266 7.58 30.06 -3.06
N GLU A 267 8.75 29.40 -2.97
CA GLU A 267 9.73 29.44 -4.06
C GLU A 267 9.92 28.08 -4.70
N PHE A 268 10.26 28.08 -5.99
CA PHE A 268 10.54 26.89 -6.77
C PHE A 268 12.04 26.71 -6.97
N MET A 269 12.47 25.45 -6.90
CA MET A 269 13.82 25.07 -7.25
C MET A 269 13.69 24.19 -8.49
N ILE A 270 14.58 24.39 -9.46
CA ILE A 270 14.66 23.57 -10.66
C ILE A 270 16.04 22.91 -10.65
N THR A 271 16.08 21.57 -10.80
CA THR A 271 17.30 20.79 -10.94
C THR A 271 17.32 20.37 -12.43
N PHE A 272 18.49 20.45 -13.05
CA PHE A 272 18.70 20.20 -14.48
C PHE A 272 19.31 18.82 -14.71
N PRO A 273 19.24 18.24 -15.93
CA PRO A 273 19.87 16.94 -16.17
C PRO A 273 21.32 16.84 -15.74
N TYR A 274 21.61 15.81 -14.91
CA TYR A 274 22.94 15.46 -14.42
C TYR A 274 23.47 16.49 -13.41
N GLY A 275 22.54 17.20 -12.78
CA GLY A 275 22.88 18.18 -11.76
C GLY A 275 22.82 17.53 -10.40
N TYR A 276 24.00 17.28 -9.79
CA TYR A 276 24.04 16.65 -8.47
C TYR A 276 23.59 17.63 -7.41
N HIS A 277 22.68 17.20 -6.52
CA HIS A 277 22.23 18.07 -5.43
C HIS A 277 22.05 17.28 -4.15
N ALA A 278 22.13 17.98 -3.02
CA ALA A 278 21.98 17.49 -1.64
C ALA A 278 21.46 18.67 -0.82
N GLY A 279 21.05 18.42 0.39
CA GLY A 279 20.64 19.49 1.27
C GLY A 279 19.90 19.00 2.47
N PHE A 280 19.29 19.95 3.20
CA PHE A 280 18.57 19.68 4.42
C PHE A 280 17.46 20.71 4.66
N ASN A 281 16.52 20.34 5.53
CA ASN A 281 15.40 21.14 6.01
C ASN A 281 15.72 21.84 7.31
N HIS A 282 15.34 23.11 7.40
CA HIS A 282 15.57 23.93 8.60
C HIS A 282 14.59 23.58 9.69
N GLY A 283 13.42 23.09 9.30
CA GLY A 283 12.42 22.77 10.28
C GLY A 283 11.19 22.24 9.60
N PHE A 284 10.05 22.31 10.31
CA PHE A 284 8.77 21.83 9.80
C PHE A 284 8.39 22.55 8.53
N ASN A 285 8.22 21.77 7.47
CA ASN A 285 7.86 22.32 6.17
C ASN A 285 7.23 21.26 5.29
N CYS A 286 6.72 21.68 4.12
CA CYS A 286 6.16 20.81 3.11
C CYS A 286 6.58 21.26 1.72
N ALA A 287 7.20 20.34 0.94
CA ALA A 287 7.60 20.57 -0.44
C ALA A 287 6.92 19.57 -1.39
N GLU A 288 6.63 20.01 -2.61
CA GLU A 288 6.07 19.14 -3.65
C GLU A 288 7.08 19.03 -4.80
N SER A 289 7.28 17.80 -5.33
CA SER A 289 8.18 17.61 -6.46
C SER A 289 7.71 16.58 -7.47
N THR A 290 8.22 16.68 -8.72
CA THR A 290 8.00 15.76 -9.84
C THR A 290 9.21 15.86 -10.71
N ASN A 291 9.27 15.03 -11.76
CA ASN A 291 10.33 15.11 -12.74
C ASN A 291 9.71 15.62 -14.03
N PHE A 292 10.52 16.18 -14.89
CA PHE A 292 10.05 16.65 -16.18
C PHE A 292 11.17 16.58 -17.16
N ALA A 293 10.87 16.77 -18.45
CA ALA A 293 11.87 16.69 -19.48
C ALA A 293 11.75 17.81 -20.52
N THR A 294 12.82 18.03 -21.28
CA THR A 294 12.90 18.94 -22.41
C THR A 294 13.54 18.09 -23.52
N ARG A 295 13.64 18.61 -24.75
CA ARG A 295 14.28 17.91 -25.86
C ARG A 295 15.76 17.62 -25.56
N ARG A 296 16.42 18.52 -24.78
CA ARG A 296 17.81 18.43 -24.34
C ARG A 296 18.08 17.17 -23.48
N TRP A 297 17.12 16.81 -22.61
CA TRP A 297 17.20 15.65 -21.72
C TRP A 297 17.37 14.32 -22.46
N ILE A 298 16.65 14.12 -23.58
CA ILE A 298 16.67 12.89 -24.37
C ILE A 298 18.09 12.27 -24.41
N GLU A 299 19.11 13.05 -24.82
CA GLU A 299 20.49 12.59 -24.91
C GLU A 299 21.04 12.10 -23.57
N TYR A 300 20.72 12.81 -22.47
CA TYR A 300 21.06 12.47 -21.08
C TYR A 300 20.39 11.15 -20.68
N GLY A 301 19.17 10.93 -21.17
CA GLY A 301 18.37 9.73 -20.93
C GLY A 301 19.01 8.47 -21.49
N LYS A 302 19.46 8.52 -22.76
CA LYS A 302 20.16 7.43 -23.46
C LYS A 302 21.53 7.12 -22.82
N GLN A 303 22.21 8.15 -22.30
CA GLN A 303 23.54 8.01 -21.71
C GLN A 303 23.59 7.83 -20.18
N ALA A 304 22.43 7.84 -19.50
CA ALA A 304 22.34 7.71 -18.04
C ALA A 304 22.87 6.39 -17.50
N VAL A 305 23.78 6.45 -16.49
CA VAL A 305 24.33 5.28 -15.83
C VAL A 305 23.37 4.95 -14.68
N LEU A 306 22.73 3.78 -14.78
CA LEU A 306 21.68 3.34 -13.86
C LEU A 306 22.15 2.38 -12.77
N CYS A 307 21.37 2.32 -11.68
CA CYS A 307 21.60 1.41 -10.56
C CYS A 307 21.35 -0.02 -11.04
N SER A 308 22.37 -0.87 -10.90
CA SER A 308 22.35 -2.27 -11.30
C SER A 308 21.85 -3.23 -10.19
N CYS A 309 22.30 -3.01 -8.93
CA CYS A 309 22.04 -3.85 -7.76
C CYS A 309 20.57 -3.88 -7.25
N ARG A 310 19.71 -2.93 -7.67
CA ARG A 310 18.31 -2.87 -7.21
C ARG A 310 17.31 -3.09 -8.33
N LYS A 311 16.29 -3.93 -8.06
CA LYS A 311 15.25 -4.32 -9.01
C LYS A 311 14.00 -3.42 -8.94
N MET A 313 14.66 -0.19 -9.23
CA MET A 313 15.14 1.11 -9.70
C MET A 313 14.32 1.62 -10.91
N VAL A 314 14.15 2.96 -11.03
CA VAL A 314 13.38 3.62 -12.11
C VAL A 314 14.12 3.57 -13.45
N LYS A 315 13.54 2.88 -14.44
CA LYS A 315 14.10 2.79 -15.80
C LYS A 315 13.05 3.15 -16.86
N ILE A 316 13.39 4.14 -17.70
CA ILE A 316 12.52 4.59 -18.79
C ILE A 316 13.13 4.06 -20.10
N SER A 317 12.31 3.47 -21.00
CA SER A 317 12.84 3.01 -22.28
C SER A 317 13.00 4.25 -23.18
N MET A 318 14.22 4.47 -23.68
CA MET A 318 14.50 5.67 -24.48
C MET A 318 14.07 5.56 -25.95
N ASP A 319 13.66 4.35 -26.38
CA ASP A 319 13.21 4.07 -27.75
C ASP A 319 12.19 5.12 -28.26
N VAL A 320 11.04 5.29 -27.56
CA VAL A 320 9.98 6.27 -27.87
C VAL A 320 10.54 7.68 -28.18
N PHE A 321 11.44 8.19 -27.32
CA PHE A 321 12.05 9.52 -27.45
C PHE A 321 13.03 9.64 -28.60
N VAL A 322 13.73 8.55 -28.96
CA VAL A 322 14.69 8.55 -30.07
C VAL A 322 13.94 8.48 -31.41
N ARG A 323 12.88 7.66 -31.48
CA ARG A 323 12.11 7.51 -32.72
C ARG A 323 11.26 8.77 -33.04
N LYS A 324 10.95 9.63 -32.03
CA LYS A 324 10.18 10.87 -32.25
C LYS A 324 11.07 12.11 -32.49
N PHE A 325 12.07 12.36 -31.63
CA PHE A 325 12.91 13.55 -31.70
C PHE A 325 14.29 13.35 -32.34
N GLN A 326 14.77 12.09 -32.45
CA GLN A 326 16.06 11.75 -33.09
C GLN A 326 15.91 10.67 -34.21
N PRO A 327 14.81 10.60 -35.04
CA PRO A 327 14.69 9.50 -36.03
C PRO A 327 15.88 9.24 -36.94
N GLU A 328 16.74 10.26 -37.16
CA GLU A 328 17.95 10.14 -38.00
C GLU A 328 19.03 9.27 -37.34
N ARG A 329 19.13 9.34 -35.99
CA ARG A 329 20.10 8.59 -35.18
C ARG A 329 19.52 7.27 -34.59
N TYR A 330 18.19 7.04 -34.74
CA TYR A 330 17.48 5.85 -34.25
C TYR A 330 18.17 4.52 -34.57
N LYS A 331 18.45 4.25 -35.88
CA LYS A 331 19.12 3.05 -36.38
C LYS A 331 20.56 2.93 -35.87
N LEU A 332 21.34 4.03 -35.92
CA LEU A 332 22.73 4.06 -35.45
C LEU A 332 22.84 3.78 -33.93
N TRP A 333 21.90 4.35 -33.11
CA TRP A 333 21.82 4.18 -31.65
C TRP A 333 21.45 2.74 -31.24
N LYS A 334 20.44 2.13 -31.91
CA LYS A 334 20.01 0.75 -31.67
C LYS A 334 21.15 -0.22 -32.02
N ALA A 335 22.00 0.14 -33.02
CA ALA A 335 23.17 -0.62 -33.46
C ALA A 335 24.36 -0.43 -32.49
N GLY A 336 24.28 0.60 -31.64
CA GLY A 336 25.32 0.92 -30.66
C GLY A 336 26.43 1.79 -31.21
N LYS A 337 26.24 2.30 -32.44
CA LYS A 337 27.19 3.17 -33.16
C LYS A 337 27.08 4.66 -32.78
N ASP A 338 26.10 5.02 -31.93
CA ASP A 338 25.90 6.40 -31.49
C ASP A 338 26.97 6.81 -30.47
N ASN A 339 27.93 7.62 -30.92
CA ASN A 339 29.07 8.09 -30.12
C ASN A 339 28.95 9.58 -29.74
N THR A 340 27.70 10.07 -29.52
CA THR A 340 27.42 11.46 -29.16
C THR A 340 27.97 11.82 -27.79
N VAL A 341 28.76 12.91 -27.72
CA VAL A 341 29.31 13.40 -26.47
C VAL A 341 28.49 14.61 -26.06
N ILE A 342 27.90 14.56 -24.85
CA ILE A 342 27.07 15.63 -24.29
C ILE A 342 27.91 16.84 -23.90
N ASP A 343 27.50 18.02 -24.39
CA ASP A 343 28.07 19.31 -23.96
C ASP A 343 27.05 19.89 -22.96
N HIS A 344 27.43 19.92 -21.68
CA HIS A 344 26.57 20.38 -20.58
C HIS A 344 26.29 21.89 -20.59
N THR A 345 27.11 22.67 -21.31
CA THR A 345 26.98 24.13 -21.40
C THR A 345 25.88 24.55 -22.37
N LEU A 346 25.57 23.71 -23.36
CA LEU A 346 24.56 24.00 -24.38
C LEU A 346 23.12 24.06 -23.87
N PRO A 347 22.37 25.16 -24.19
CA PRO A 347 20.96 25.22 -23.78
C PRO A 347 20.06 24.33 -24.63
N THR A 348 18.83 24.08 -24.15
CA THR A 348 17.82 23.24 -24.82
C THR A 348 17.46 23.85 -26.19
N PRO A 349 17.24 23.06 -27.27
CA PRO A 349 16.88 23.67 -28.57
C PRO A 349 15.68 24.63 -28.55
N GLU A 350 14.73 24.42 -27.60
CA GLU A 350 13.52 25.21 -27.35
C GLU A 350 13.81 26.68 -26.93
N ALA A 351 15.08 26.97 -26.57
CA ALA A 351 15.58 28.27 -26.16
C ALA A 351 15.98 29.16 -27.37
N ALA A 352 15.86 28.61 -28.61
CA ALA A 352 16.18 29.26 -29.89
C ALA A 352 15.49 30.62 -30.09
N GLU A 353 14.23 30.74 -29.62
CA GLU A 353 13.42 31.97 -29.71
C GLU A 353 14.00 33.14 -28.86
N PHE A 354 14.86 32.82 -27.88
CA PHE A 354 15.52 33.79 -27.00
C PHE A 354 16.95 34.08 -27.46
N GLU B 7 -20.69 -13.14 -7.31
CA GLU B 7 -22.15 -13.28 -7.45
C GLU B 7 -22.57 -14.57 -8.21
N THR B 8 -21.75 -15.01 -9.18
CA THR B 8 -21.95 -16.22 -9.99
C THR B 8 -21.31 -17.45 -9.31
N LEU B 9 -20.18 -17.25 -8.58
CA LEU B 9 -19.48 -18.32 -7.83
C LEU B 9 -20.22 -18.59 -6.52
N ASN B 10 -20.61 -19.88 -6.31
CA ASN B 10 -21.41 -20.39 -5.18
C ASN B 10 -22.71 -19.57 -5.03
N PRO B 11 -23.59 -19.52 -6.05
CA PRO B 11 -24.82 -18.71 -5.93
C PRO B 11 -25.79 -19.19 -4.84
N SER B 12 -25.69 -20.46 -4.47
CA SER B 12 -26.52 -21.11 -3.44
C SER B 12 -26.05 -20.76 -2.01
N ALA B 13 -24.81 -20.24 -1.86
CA ALA B 13 -24.19 -19.89 -0.56
C ALA B 13 -24.12 -21.13 0.33
N ARG B 14 -23.72 -22.28 -0.26
CA ARG B 14 -23.65 -23.53 0.51
C ARG B 14 -22.25 -23.80 1.04
N ILE B 15 -22.17 -24.51 2.14
CA ILE B 15 -20.87 -24.86 2.72
C ILE B 15 -20.04 -25.74 1.73
N MET B 16 -18.90 -25.16 1.30
CA MET B 16 -17.97 -25.81 0.38
C MET B 16 -16.84 -26.46 1.18
N THR B 17 -16.38 -27.66 0.75
CA THR B 17 -15.30 -28.42 1.36
C THR B 17 -14.15 -28.43 0.35
N PHE B 18 -12.93 -28.20 0.85
CA PHE B 18 -11.72 -28.12 0.04
C PHE B 18 -10.71 -29.16 0.45
N TYR B 19 -10.06 -29.77 -0.55
CA TYR B 19 -9.05 -30.79 -0.37
C TYR B 19 -7.74 -30.31 -1.01
N PRO B 20 -7.02 -29.34 -0.36
CA PRO B 20 -5.75 -28.86 -0.93
C PRO B 20 -4.66 -29.93 -0.95
N THR B 21 -3.75 -29.83 -1.93
CA THR B 21 -2.57 -30.68 -2.05
C THR B 21 -1.54 -30.04 -1.08
N MET B 22 -0.42 -30.75 -0.77
CA MET B 22 0.61 -30.20 0.12
C MET B 22 1.15 -28.86 -0.38
N GLU B 23 1.34 -28.69 -1.71
CA GLU B 23 1.81 -27.43 -2.31
C GLU B 23 0.81 -26.30 -2.11
N GLU B 24 -0.49 -26.56 -2.39
CA GLU B 24 -1.58 -25.58 -2.22
C GLU B 24 -1.75 -25.14 -0.74
N PHE B 25 -1.69 -26.14 0.17
CA PHE B 25 -1.83 -26.02 1.63
C PHE B 25 -0.73 -25.22 2.30
N ARG B 26 0.51 -25.25 1.77
CA ARG B 26 1.67 -24.56 2.38
C ARG B 26 1.49 -23.05 2.63
N ASN B 27 0.78 -22.32 1.72
CA ASN B 27 0.54 -20.88 1.87
C ASN B 27 -0.90 -20.66 2.31
N PHE B 28 -1.09 -20.37 3.62
CA PHE B 28 -2.39 -20.17 4.28
C PHE B 28 -3.21 -19.04 3.66
N SER B 29 -2.65 -17.81 3.64
CA SER B 29 -3.29 -16.61 3.12
C SER B 29 -3.69 -16.74 1.65
N ARG B 30 -2.81 -17.35 0.83
CA ARG B 30 -3.06 -17.59 -0.59
C ARG B 30 -4.23 -18.57 -0.72
N TYR B 31 -4.27 -19.62 0.12
CA TYR B 31 -5.37 -20.61 0.06
C TYR B 31 -6.70 -20.04 0.53
N ILE B 32 -6.68 -19.11 1.51
CA ILE B 32 -7.88 -18.39 1.94
C ILE B 32 -8.41 -17.56 0.76
N ALA B 33 -7.50 -16.93 0.00
CA ALA B 33 -7.85 -16.13 -1.16
C ALA B 33 -8.38 -17.03 -2.31
N TYR B 34 -7.84 -18.25 -2.47
CA TYR B 34 -8.29 -19.20 -3.49
C TYR B 34 -9.70 -19.68 -3.18
N ILE B 35 -9.97 -20.09 -1.94
CA ILE B 35 -11.31 -20.55 -1.58
C ILE B 35 -12.36 -19.43 -1.71
N GLU B 36 -11.97 -18.15 -1.51
CA GLU B 36 -12.84 -16.99 -1.71
C GLU B 36 -13.10 -16.76 -3.20
N SER B 37 -12.13 -17.08 -4.08
CA SER B 37 -12.29 -16.96 -5.54
C SER B 37 -13.30 -17.98 -6.07
N GLN B 38 -13.52 -19.05 -5.31
CA GLN B 38 -14.45 -20.18 -5.54
C GLN B 38 -15.84 -19.89 -4.92
N GLY B 39 -15.97 -18.74 -4.25
CA GLY B 39 -17.21 -18.29 -3.60
C GLY B 39 -17.60 -18.95 -2.28
N ALA B 40 -16.63 -19.53 -1.59
CA ALA B 40 -16.83 -20.23 -0.33
C ALA B 40 -17.28 -19.30 0.79
N HIS B 41 -16.86 -18.03 0.74
CA HIS B 41 -17.12 -17.02 1.76
C HIS B 41 -18.60 -16.70 1.88
N ARG B 42 -19.31 -16.89 0.77
CA ARG B 42 -20.76 -16.69 0.67
C ARG B 42 -21.59 -17.50 1.67
N ALA B 43 -21.10 -18.69 2.08
CA ALA B 43 -21.83 -19.53 3.03
C ALA B 43 -21.58 -19.06 4.47
N GLY B 44 -20.45 -18.38 4.71
CA GLY B 44 -20.00 -17.86 5.99
C GLY B 44 -19.12 -18.85 6.71
N LEU B 45 -19.05 -20.06 6.15
CA LEU B 45 -18.34 -21.20 6.72
C LEU B 45 -17.84 -22.10 5.59
N ALA B 46 -16.61 -22.61 5.73
CA ALA B 46 -15.97 -23.52 4.77
C ALA B 46 -15.18 -24.57 5.54
N LYS B 47 -15.06 -25.78 4.94
CA LYS B 47 -14.27 -26.86 5.51
C LYS B 47 -13.04 -27.06 4.63
N VAL B 48 -11.91 -27.33 5.26
CA VAL B 48 -10.67 -27.57 4.58
C VAL B 48 -10.08 -28.83 5.19
N VAL B 49 -9.95 -29.88 4.34
CA VAL B 49 -9.41 -31.16 4.74
C VAL B 49 -7.96 -31.11 4.33
N PRO B 50 -7.01 -31.05 5.32
CA PRO B 50 -5.58 -30.95 4.96
C PRO B 50 -5.04 -32.20 4.30
N PRO B 51 -3.88 -32.13 3.59
CA PRO B 51 -3.29 -33.36 3.01
C PRO B 51 -3.00 -34.43 4.08
N LYS B 52 -3.35 -35.70 3.77
CA LYS B 52 -3.22 -36.88 4.65
C LYS B 52 -1.88 -36.97 5.40
N GLU B 53 -0.78 -36.62 4.72
CA GLU B 53 0.58 -36.62 5.25
C GLU B 53 0.82 -35.57 6.36
N TRP B 54 0.05 -34.45 6.34
CA TRP B 54 0.17 -33.36 7.31
C TRP B 54 -0.47 -33.68 8.66
N LYS B 55 0.30 -33.41 9.73
CA LYS B 55 -0.06 -33.58 11.13
C LYS B 55 0.52 -32.40 11.94
N PRO B 56 -0.28 -31.64 12.72
CA PRO B 56 0.30 -30.52 13.49
C PRO B 56 1.02 -30.94 14.77
N ARG B 57 0.86 -32.23 15.17
CA ARG B 57 1.43 -32.86 16.37
C ARG B 57 1.51 -34.36 16.15
N ALA B 58 2.62 -35.00 16.56
CA ALA B 58 2.82 -36.45 16.37
C ALA B 58 1.89 -37.33 17.21
N SER B 59 1.61 -36.94 18.46
CA SER B 59 0.73 -37.70 19.35
C SER B 59 0.04 -36.78 20.33
N TYR B 60 -1.14 -37.20 20.81
CA TYR B 60 -1.90 -36.46 21.84
C TYR B 60 -1.86 -37.19 23.21
N ASP B 61 -0.93 -38.15 23.38
CA ASP B 61 -0.73 -38.95 24.60
C ASP B 61 -0.01 -38.19 25.74
N ASP B 62 0.40 -36.94 25.50
CA ASP B 62 1.18 -36.16 26.46
C ASP B 62 0.49 -34.88 26.96
N ILE B 63 -0.85 -34.74 26.81
CA ILE B 63 -1.50 -33.48 27.23
C ILE B 63 -2.37 -33.59 28.48
N ASP B 64 -2.41 -34.74 29.17
CA ASP B 64 -3.26 -34.99 30.35
C ASP B 64 -3.08 -34.04 31.55
N ASP B 65 -1.88 -33.47 31.70
CA ASP B 65 -1.54 -32.56 32.79
C ASP B 65 -1.79 -31.11 32.45
N LEU B 66 -2.30 -30.84 31.21
CA LEU B 66 -2.63 -29.50 30.76
C LEU B 66 -3.86 -29.03 31.58
N VAL B 67 -3.73 -27.82 32.13
CA VAL B 67 -4.75 -27.20 32.98
C VAL B 67 -5.74 -26.37 32.17
N ILE B 68 -7.05 -26.58 32.46
CA ILE B 68 -8.21 -25.85 31.96
C ILE B 68 -8.52 -24.92 33.15
N PRO B 69 -8.09 -23.63 33.12
CA PRO B 69 -8.24 -22.76 34.30
C PRO B 69 -9.65 -22.39 34.70
N ALA B 70 -10.53 -22.27 33.70
CA ALA B 70 -11.91 -21.84 33.93
C ALA B 70 -12.93 -22.70 33.17
N PRO B 71 -13.12 -23.99 33.52
CA PRO B 71 -14.16 -24.78 32.83
C PRO B 71 -15.53 -24.16 33.13
N ILE B 72 -16.44 -24.18 32.16
CA ILE B 72 -17.74 -23.59 32.40
C ILE B 72 -18.85 -24.62 32.33
N GLN B 73 -19.76 -24.60 33.31
CA GLN B 73 -20.95 -25.43 33.26
C GLN B 73 -21.97 -24.62 32.45
N GLN B 74 -22.48 -25.23 31.37
CA GLN B 74 -23.39 -24.53 30.49
C GLN B 74 -24.83 -24.84 30.84
N LEU B 75 -25.46 -23.87 31.50
CA LEU B 75 -26.88 -24.01 31.88
C LEU B 75 -27.73 -23.36 30.79
N VAL B 76 -28.66 -24.12 30.26
CA VAL B 76 -29.53 -23.67 29.18
C VAL B 76 -30.96 -23.63 29.65
N THR B 77 -31.64 -22.53 29.31
CA THR B 77 -33.03 -22.26 29.62
C THR B 77 -33.78 -21.95 28.33
N GLY B 78 -34.98 -22.48 28.19
CA GLY B 78 -35.78 -22.24 27.01
C GLY B 78 -36.67 -23.39 26.59
N GLN B 79 -37.37 -23.16 25.49
CA GLN B 79 -38.31 -24.11 24.90
C GLN B 79 -38.58 -23.71 23.45
N SER B 80 -39.27 -24.61 22.69
CA SER B 80 -39.70 -24.40 21.30
C SER B 80 -38.56 -23.87 20.40
N GLY B 81 -37.36 -24.42 20.57
CA GLY B 81 -36.20 -24.05 19.79
C GLY B 81 -35.53 -22.73 20.09
N LEU B 82 -35.93 -22.03 21.17
CA LEU B 82 -35.35 -20.75 21.61
C LEU B 82 -34.77 -20.87 22.98
N PHE B 83 -33.46 -20.63 23.11
CA PHE B 83 -32.76 -20.81 24.38
C PHE B 83 -31.76 -19.75 24.70
N THR B 84 -31.53 -19.58 26.01
CA THR B 84 -30.49 -18.73 26.59
C THR B 84 -29.53 -19.64 27.37
N GLN B 85 -28.25 -19.52 27.06
CA GLN B 85 -27.19 -20.27 27.73
C GLN B 85 -26.50 -19.38 28.76
N TYR B 86 -26.41 -19.86 29.97
CA TYR B 86 -25.77 -19.22 31.13
C TYR B 86 -24.54 -19.99 31.49
N ASN B 87 -23.45 -19.30 31.71
CA ASN B 87 -22.18 -19.93 32.07
C ASN B 87 -21.92 -19.88 33.56
N ILE B 88 -21.54 -21.01 34.12
CA ILE B 88 -21.17 -21.11 35.53
C ILE B 88 -19.70 -21.48 35.54
N GLN B 89 -18.81 -20.57 35.98
CA GLN B 89 -17.39 -20.90 36.05
C GLN B 89 -17.14 -21.88 37.20
N LYS B 90 -16.51 -23.01 36.88
CA LYS B 90 -16.17 -24.06 37.83
C LYS B 90 -14.68 -23.97 38.14
N LYS B 91 -14.20 -24.68 39.17
CA LYS B 91 -12.78 -24.69 39.54
C LYS B 91 -11.91 -25.36 38.46
N ALA B 92 -10.64 -24.91 38.34
CA ALA B 92 -9.65 -25.44 37.41
C ALA B 92 -9.57 -26.97 37.46
N MET B 93 -9.37 -27.58 36.30
CA MET B 93 -9.20 -29.02 36.20
C MET B 93 -8.18 -29.37 35.10
N THR B 94 -7.60 -30.55 35.15
CA THR B 94 -6.62 -30.97 34.13
C THR B 94 -7.41 -31.67 33.02
N VAL B 95 -6.81 -31.79 31.84
CA VAL B 95 -7.40 -32.49 30.70
C VAL B 95 -7.78 -33.94 31.10
N ARG B 96 -6.96 -34.62 31.93
CA ARG B 96 -7.17 -35.97 32.45
C ARG B 96 -8.48 -36.07 33.26
N GLU B 97 -8.72 -35.10 34.17
CA GLU B 97 -9.92 -35.01 35.01
C GLU B 97 -11.15 -34.70 34.15
N PHE B 98 -11.00 -33.78 33.17
CA PHE B 98 -12.03 -33.41 32.23
C PHE B 98 -12.46 -34.60 31.36
N ARG B 99 -11.50 -35.35 30.79
CA ARG B 99 -11.75 -36.54 29.97
C ARG B 99 -12.50 -37.63 30.77
N LYS B 100 -12.19 -37.78 32.06
CA LYS B 100 -12.84 -38.76 32.93
C LYS B 100 -14.32 -38.41 33.09
N ILE B 101 -14.62 -37.12 33.31
CA ILE B 101 -15.98 -36.57 33.44
C ILE B 101 -16.70 -36.68 32.08
N ALA B 102 -16.04 -36.26 30.99
CA ALA B 102 -16.59 -36.33 29.62
C ALA B 102 -17.05 -37.75 29.23
N ASN B 103 -16.26 -38.76 29.59
CA ASN B 103 -16.51 -40.15 29.22
C ASN B 103 -17.32 -40.93 30.24
N SER B 104 -17.61 -40.34 31.42
CA SER B 104 -18.44 -40.94 32.49
C SER B 104 -19.87 -41.20 31.99
N ASP B 105 -20.62 -42.06 32.68
CA ASP B 105 -22.02 -42.38 32.38
C ASP B 105 -22.90 -41.15 32.39
N LYS B 106 -22.68 -40.28 33.40
CA LYS B 106 -23.40 -39.02 33.56
C LYS B 106 -23.30 -38.12 32.28
N TYR B 107 -22.10 -37.95 31.71
CA TYR B 107 -21.92 -37.01 30.61
C TYR B 107 -21.65 -37.58 29.22
N CYS B 108 -21.33 -38.89 29.06
CA CYS B 108 -21.00 -39.43 27.74
C CYS B 108 -22.12 -39.26 26.67
N THR B 109 -21.70 -39.38 25.40
CA THR B 109 -22.54 -39.31 24.21
C THR B 109 -23.61 -40.41 24.26
N PRO B 110 -24.88 -40.13 23.90
CA PRO B 110 -25.85 -41.22 23.81
C PRO B 110 -25.59 -42.08 22.56
N ARG B 111 -26.22 -43.25 22.52
CA ARG B 111 -26.17 -44.22 21.43
C ARG B 111 -26.95 -43.64 20.24
N TYR B 112 -26.41 -43.80 19.02
CA TYR B 112 -27.05 -43.30 17.81
C TYR B 112 -26.55 -43.96 16.54
N SER B 113 -27.42 -44.03 15.52
CA SER B 113 -27.08 -44.58 14.20
C SER B 113 -26.59 -43.43 13.31
N GLU B 114 -27.52 -42.56 12.86
CA GLU B 114 -27.28 -41.41 12.00
C GLU B 114 -27.09 -40.13 12.80
N PHE B 115 -26.44 -39.11 12.20
CA PHE B 115 -26.21 -37.81 12.84
C PHE B 115 -27.53 -37.14 13.20
N GLU B 116 -28.54 -37.27 12.33
CA GLU B 116 -29.88 -36.71 12.48
C GLU B 116 -30.51 -37.08 13.81
N GLU B 117 -30.27 -38.33 14.27
CA GLU B 117 -30.75 -38.86 15.55
C GLU B 117 -30.03 -38.16 16.72
N LEU B 118 -28.71 -37.91 16.58
CA LEU B 118 -27.92 -37.25 17.62
C LEU B 118 -28.31 -35.78 17.71
N GLU B 119 -28.55 -35.15 16.54
CA GLU B 119 -28.99 -33.77 16.42
C GLU B 119 -30.35 -33.61 17.14
N ARG B 120 -31.30 -34.52 16.90
CA ARG B 120 -32.59 -34.54 17.61
C ARG B 120 -32.41 -34.68 19.12
N LYS B 121 -31.49 -35.58 19.54
CA LYS B 121 -31.11 -35.86 20.94
C LYS B 121 -30.52 -34.64 21.64
N TYR B 122 -29.76 -33.81 20.88
CA TYR B 122 -29.13 -32.56 21.35
C TYR B 122 -30.19 -31.48 21.59
N TRP B 123 -31.08 -31.26 20.59
CA TRP B 123 -32.12 -30.23 20.69
C TRP B 123 -33.20 -30.61 21.72
N LYS B 124 -33.37 -31.92 21.99
CA LYS B 124 -34.36 -32.37 22.96
C LYS B 124 -33.81 -32.27 24.38
N ASN B 125 -32.48 -32.41 24.56
CA ASN B 125 -31.90 -32.51 25.88
C ASN B 125 -30.94 -31.43 26.31
N LEU B 126 -30.75 -30.35 25.50
CA LEU B 126 -29.75 -29.32 25.84
C LEU B 126 -30.02 -28.59 27.16
N THR B 127 -31.26 -28.60 27.65
CA THR B 127 -31.58 -27.93 28.93
C THR B 127 -31.38 -28.85 30.12
N PHE B 128 -31.11 -30.15 29.89
CA PHE B 128 -30.96 -31.11 30.97
C PHE B 128 -29.52 -31.46 31.22
N ASN B 129 -29.20 -31.95 32.43
CA ASN B 129 -27.87 -32.39 32.84
C ASN B 129 -26.76 -31.47 32.27
N PRO B 130 -26.67 -30.18 32.72
CA PRO B 130 -25.70 -29.23 32.13
C PRO B 130 -24.26 -29.76 32.01
N PRO B 131 -23.69 -29.77 30.79
CA PRO B 131 -22.31 -30.27 30.62
C PRO B 131 -21.29 -29.20 31.02
N ILE B 132 -20.01 -29.58 31.04
CA ILE B 132 -18.88 -28.71 31.34
C ILE B 132 -18.09 -28.54 30.04
N TYR B 133 -17.83 -27.30 29.67
CA TYR B 133 -17.08 -26.96 28.48
C TYR B 133 -15.75 -26.41 28.96
N GLY B 134 -14.66 -27.07 28.56
CA GLY B 134 -13.31 -26.62 28.85
C GLY B 134 -12.87 -25.61 27.80
N ALA B 135 -13.60 -24.49 27.71
CA ALA B 135 -13.44 -23.45 26.71
C ALA B 135 -12.46 -22.34 27.05
N ASP B 136 -12.02 -21.64 26.01
CA ASP B 136 -11.13 -20.47 26.05
C ASP B 136 -9.84 -20.70 26.82
N VAL B 137 -9.20 -21.87 26.63
CA VAL B 137 -7.93 -22.17 27.27
C VAL B 137 -6.85 -21.54 26.38
N ASN B 138 -6.07 -20.59 26.93
CA ASN B 138 -4.96 -19.97 26.19
C ASN B 138 -3.91 -21.04 25.94
N GLY B 139 -3.71 -21.37 24.67
CA GLY B 139 -2.73 -22.37 24.33
C GLY B 139 -2.84 -22.94 22.93
N THR B 140 -1.90 -23.81 22.60
CA THR B 140 -1.79 -24.48 21.29
C THR B 140 -1.35 -25.94 21.46
N LEU B 141 -1.75 -26.79 20.53
CA LEU B 141 -1.31 -28.19 20.49
C LEU B 141 -0.37 -28.43 19.30
N TYR B 142 -0.06 -27.38 18.55
CA TYR B 142 0.87 -27.42 17.43
C TYR B 142 2.27 -27.52 18.00
N GLU B 143 3.12 -28.37 17.36
CA GLU B 143 4.54 -28.49 17.71
C GLU B 143 5.25 -27.25 17.07
N LYS B 144 6.34 -26.74 17.70
CA LYS B 144 7.08 -25.54 17.26
C LYS B 144 7.41 -25.45 15.75
N HIS B 145 7.88 -26.56 15.17
CA HIS B 145 8.35 -26.68 13.78
C HIS B 145 7.24 -26.70 12.69
N VAL B 146 5.96 -26.75 13.09
CA VAL B 146 4.83 -26.80 12.16
C VAL B 146 4.61 -25.43 11.54
N ASP B 147 4.99 -25.29 10.26
CA ASP B 147 4.88 -24.03 9.52
C ASP B 147 3.60 -23.85 8.73
N GLU B 148 2.90 -24.95 8.42
CA GLU B 148 1.65 -24.93 7.65
C GLU B 148 0.45 -24.80 8.57
N TRP B 149 -0.37 -23.76 8.33
CA TRP B 149 -1.64 -23.46 9.02
C TRP B 149 -1.49 -23.46 10.53
N ASN B 150 -0.38 -22.87 11.01
CA ASN B 150 -0.10 -22.81 12.44
C ASN B 150 -0.90 -21.69 13.01
N ILE B 151 -2.01 -22.06 13.66
CA ILE B 151 -3.00 -21.20 14.31
C ILE B 151 -2.40 -20.21 15.34
N GLY B 152 -1.29 -20.57 16.01
CA GLY B 152 -0.56 -19.71 16.94
C GLY B 152 0.23 -18.57 16.29
N ARG B 153 0.49 -18.69 14.99
CA ARG B 153 1.28 -17.74 14.18
C ARG B 153 0.86 -17.75 12.69
N LEU B 154 -0.37 -17.30 12.37
CA LEU B 154 -0.83 -17.30 10.96
C LEU B 154 -0.22 -16.17 10.11
N ARG B 155 0.22 -15.07 10.78
CA ARG B 155 0.89 -13.89 10.21
C ARG B 155 0.08 -13.19 9.11
N THR B 156 -1.23 -12.96 9.40
CA THR B 156 -2.14 -12.22 8.50
C THR B 156 -2.01 -10.70 8.89
N ILE B 157 -2.77 -9.80 8.21
CA ILE B 157 -2.71 -8.34 8.55
C ILE B 157 -3.26 -8.04 9.95
N LEU B 158 -3.94 -9.03 10.61
CA LEU B 158 -4.44 -8.87 11.97
C LEU B 158 -3.30 -8.56 12.93
N ASP B 159 -2.09 -9.00 12.58
CA ASP B 159 -0.89 -8.77 13.39
C ASP B 159 -0.58 -7.29 13.60
N LEU B 160 -1.16 -6.42 12.76
CA LEU B 160 -0.99 -4.96 12.85
C LEU B 160 -1.56 -4.36 14.11
N VAL B 161 -2.57 -5.03 14.74
CA VAL B 161 -3.24 -4.60 15.98
C VAL B 161 -2.26 -4.12 17.09
N GLU B 162 -2.38 -2.80 17.41
CA GLU B 162 -1.62 -2.05 18.40
C GLU B 162 -2.53 -1.54 19.51
N GLY B 171 -6.12 -11.57 23.95
CA GLY B 171 -5.61 -11.73 22.59
C GLY B 171 -6.64 -12.21 21.58
N VAL B 172 -6.70 -11.53 20.43
CA VAL B 172 -7.60 -11.84 19.30
C VAL B 172 -6.77 -12.58 18.26
N ASN B 173 -5.45 -12.49 18.45
CA ASN B 173 -4.35 -12.91 17.62
C ASN B 173 -3.74 -14.21 18.15
N THR B 174 -4.10 -14.56 19.41
CA THR B 174 -3.58 -15.71 20.15
C THR B 174 -4.45 -16.97 20.03
N PRO B 175 -3.86 -18.18 20.14
CA PRO B 175 -4.68 -19.39 20.00
C PRO B 175 -5.41 -19.77 21.27
N TYR B 176 -6.60 -20.39 21.12
CA TYR B 176 -7.41 -20.88 22.24
C TYR B 176 -7.79 -22.31 22.01
N LEU B 177 -7.78 -23.10 23.06
CA LEU B 177 -8.17 -24.51 23.05
C LEU B 177 -9.54 -24.66 23.68
N TYR B 178 -10.31 -25.63 23.16
CA TYR B 178 -11.67 -25.96 23.55
C TYR B 178 -11.78 -27.45 23.75
N PHE B 179 -11.92 -27.87 25.00
CA PHE B 179 -12.10 -29.27 25.37
C PHE B 179 -13.58 -29.46 25.54
N GLY B 180 -14.18 -30.18 24.58
CA GLY B 180 -15.61 -30.42 24.58
C GLY B 180 -16.01 -31.76 25.14
N MET B 181 -17.28 -31.87 25.47
CA MET B 181 -17.91 -33.09 25.88
C MET B 181 -19.26 -33.06 25.23
N TRP B 182 -19.97 -34.18 25.24
CA TRP B 182 -21.27 -34.26 24.61
C TRP B 182 -22.18 -33.08 25.05
N LYS B 183 -22.87 -32.45 24.07
CA LYS B 183 -23.90 -31.43 24.35
C LYS B 183 -23.35 -30.05 24.74
N THR B 184 -22.01 -29.85 24.68
CA THR B 184 -21.45 -28.53 24.92
C THR B 184 -21.76 -27.73 23.68
N SER B 185 -22.10 -26.45 23.83
CA SER B 185 -22.54 -25.62 22.68
C SER B 185 -21.78 -24.34 22.51
N PHE B 186 -21.89 -23.75 21.33
CA PHE B 186 -21.44 -22.38 21.00
C PHE B 186 -22.65 -21.76 20.37
N ALA B 187 -23.13 -20.71 21.00
CA ALA B 187 -24.35 -20.00 20.59
C ALA B 187 -24.16 -19.20 19.32
N TRP B 188 -25.25 -18.73 18.70
CA TRP B 188 -25.21 -17.90 17.48
C TRP B 188 -24.42 -16.61 17.68
N HIS B 189 -23.42 -16.41 16.81
CA HIS B 189 -22.56 -15.24 16.87
C HIS B 189 -21.74 -15.14 15.61
N THR B 190 -21.19 -13.96 15.35
CA THR B 190 -20.17 -13.68 14.34
C THR B 190 -18.90 -13.46 15.20
N GLU B 191 -17.72 -13.43 14.58
CA GLU B 191 -16.50 -13.21 15.35
C GLU B 191 -16.41 -11.81 15.92
N ASP B 192 -15.56 -11.61 16.93
CA ASP B 192 -15.35 -10.26 17.44
C ASP B 192 -14.82 -9.38 16.30
N MET B 193 -15.37 -8.19 16.16
CA MET B 193 -15.00 -7.21 15.11
C MET B 193 -15.34 -7.72 13.70
N ASP B 194 -16.21 -8.76 13.64
CA ASP B 194 -16.64 -9.44 12.42
C ASP B 194 -15.44 -10.00 11.65
N LEU B 195 -14.45 -10.53 12.39
CA LEU B 195 -13.23 -11.14 11.86
C LEU B 195 -13.49 -12.53 11.28
N TYR B 196 -12.45 -13.11 10.70
CA TYR B 196 -12.48 -14.50 10.24
C TYR B 196 -12.03 -15.32 11.45
N SER B 197 -12.28 -16.63 11.43
CA SER B 197 -11.76 -17.56 12.42
C SER B 197 -11.38 -18.84 11.72
N ILE B 198 -10.42 -19.54 12.30
CA ILE B 198 -9.94 -20.83 11.83
C ILE B 198 -10.09 -21.73 13.05
N ASN B 199 -10.62 -22.95 12.86
CA ASN B 199 -10.87 -23.92 13.92
C ASN B 199 -10.36 -25.26 13.42
N TYR B 200 -9.43 -25.86 14.16
CA TYR B 200 -8.91 -27.17 13.86
C TYR B 200 -9.33 -28.13 14.95
N LEU B 201 -9.97 -29.24 14.57
CA LEU B 201 -10.36 -30.28 15.52
C LEU B 201 -9.16 -31.26 15.62
N HIS B 202 -8.39 -31.12 16.71
CA HIS B 202 -7.19 -31.93 16.96
C HIS B 202 -7.48 -33.41 17.04
N PHE B 203 -8.45 -33.75 17.88
CA PHE B 203 -8.82 -35.14 18.07
C PHE B 203 -10.23 -35.21 18.65
N GLY B 204 -10.69 -36.44 18.78
CA GLY B 204 -11.92 -36.76 19.44
C GLY B 204 -13.15 -36.86 18.58
N GLU B 205 -14.29 -36.73 19.25
CA GLU B 205 -15.60 -36.82 18.65
C GLU B 205 -15.91 -35.58 17.83
N PRO B 206 -16.80 -35.69 16.81
CA PRO B 206 -17.06 -34.54 15.94
C PRO B 206 -17.64 -33.29 16.62
N LYS B 207 -17.65 -32.21 15.85
CA LYS B 207 -18.20 -30.92 16.21
C LYS B 207 -19.16 -30.55 15.06
N SER B 208 -20.46 -30.37 15.37
CA SER B 208 -21.46 -29.97 14.36
C SER B 208 -21.70 -28.47 14.37
N TRP B 209 -21.85 -27.89 13.16
CA TRP B 209 -21.97 -26.46 12.93
C TRP B 209 -23.18 -26.14 12.11
N TYR B 210 -23.72 -24.98 12.40
CA TYR B 210 -24.81 -24.35 11.66
C TYR B 210 -24.27 -23.01 11.25
N SER B 211 -24.62 -22.56 10.03
CA SER B 211 -24.15 -21.26 9.53
C SER B 211 -25.26 -20.56 8.79
N VAL B 212 -25.28 -19.23 8.85
CA VAL B 212 -26.20 -18.39 8.11
C VAL B 212 -25.32 -17.56 7.17
N PRO B 213 -25.56 -17.59 5.84
CA PRO B 213 -24.72 -16.76 4.94
C PRO B 213 -24.63 -15.30 5.35
N PRO B 214 -23.44 -14.64 5.27
CA PRO B 214 -23.34 -13.19 5.58
C PRO B 214 -24.40 -12.30 4.93
N GLU B 215 -24.82 -12.61 3.68
CA GLU B 215 -25.86 -11.86 2.98
C GLU B 215 -27.25 -11.96 3.69
N HIS B 216 -27.45 -12.97 4.55
CA HIS B 216 -28.70 -13.18 5.28
C HIS B 216 -28.58 -12.91 6.79
N GLY B 217 -27.43 -12.40 7.21
CA GLY B 217 -27.10 -12.14 8.61
C GLY B 217 -28.09 -11.24 9.33
N LYS B 218 -28.55 -10.19 8.63
CA LYS B 218 -29.50 -9.18 9.13
C LYS B 218 -30.87 -9.77 9.42
N ARG B 219 -31.25 -10.79 8.67
CA ARG B 219 -32.50 -11.54 8.82
C ARG B 219 -32.43 -12.38 10.09
N LEU B 220 -31.28 -12.99 10.38
CA LEU B 220 -31.11 -13.72 11.64
C LEU B 220 -31.21 -12.77 12.85
N GLU B 221 -30.48 -11.63 12.78
CA GLU B 221 -30.52 -10.56 13.80
C GLU B 221 -31.96 -10.07 14.08
N ARG B 222 -32.78 -9.88 13.02
CA ARG B 222 -34.15 -9.39 13.10
C ARG B 222 -35.01 -10.41 13.81
N LEU B 223 -34.85 -11.69 13.47
CA LEU B 223 -35.56 -12.79 14.13
C LEU B 223 -35.18 -12.84 15.65
N ALA B 224 -33.88 -12.79 15.97
CA ALA B 224 -33.37 -12.80 17.34
C ALA B 224 -33.89 -11.59 18.15
N LYS B 225 -33.89 -10.38 17.57
CA LYS B 225 -34.42 -9.16 18.20
C LYS B 225 -35.92 -9.31 18.51
N GLY B 226 -36.67 -9.94 17.59
CA GLY B 226 -38.09 -10.22 17.76
C GLY B 226 -38.36 -11.17 18.92
N PHE B 227 -37.49 -12.18 19.12
CA PHE B 227 -37.61 -13.19 20.19
C PHE B 227 -37.09 -12.74 21.54
N PHE B 228 -36.00 -11.98 21.56
CA PHE B 228 -35.40 -11.46 22.79
C PHE B 228 -35.40 -9.91 22.73
N PRO B 229 -36.60 -9.27 22.82
CA PRO B 229 -36.64 -7.80 22.72
C PRO B 229 -36.06 -7.08 23.93
N GLY B 230 -36.06 -7.76 25.09
CA GLY B 230 -35.50 -7.26 26.35
C GLY B 230 -34.01 -7.08 26.21
N SER B 231 -33.33 -8.11 25.65
CA SER B 231 -31.89 -8.15 25.36
C SER B 231 -31.51 -7.12 24.28
N ALA B 232 -32.37 -6.96 23.26
CA ALA B 232 -32.18 -6.03 22.15
C ALA B 232 -32.23 -4.57 22.62
N GLN B 233 -33.08 -4.26 23.64
CA GLN B 233 -33.20 -2.92 24.20
C GLN B 233 -31.97 -2.55 25.04
N SER B 234 -31.46 -3.52 25.83
CA SER B 234 -30.30 -3.36 26.72
C SER B 234 -28.97 -3.25 25.95
N CYS B 235 -28.84 -3.96 24.81
CA CYS B 235 -27.64 -4.03 23.98
C CYS B 235 -28.06 -4.21 22.52
N GLU B 236 -27.53 -3.39 21.63
CA GLU B 236 -27.83 -3.51 20.19
C GLU B 236 -27.33 -4.85 19.66
N ALA B 237 -26.05 -5.15 19.95
CA ALA B 237 -25.35 -6.36 19.57
C ALA B 237 -25.39 -7.46 20.68
N PHE B 238 -26.59 -7.84 21.18
CA PHE B 238 -26.70 -8.83 22.26
C PHE B 238 -26.23 -10.24 21.86
N LEU B 239 -26.23 -10.58 20.54
CA LEU B 239 -25.75 -11.89 20.06
C LEU B 239 -24.27 -12.10 20.34
N ARG B 240 -23.50 -10.99 20.50
CA ARG B 240 -22.07 -10.99 20.82
C ARG B 240 -21.79 -11.55 22.24
N HIS B 241 -22.84 -11.60 23.12
CA HIS B 241 -22.77 -12.18 24.47
C HIS B 241 -22.63 -13.69 24.37
N LYS B 242 -22.94 -14.29 23.18
CA LYS B 242 -22.84 -15.72 22.86
C LYS B 242 -23.66 -16.58 23.83
N MET B 243 -24.91 -16.15 24.06
CA MET B 243 -25.85 -16.81 24.94
C MET B 243 -27.09 -17.31 24.22
N THR B 244 -27.30 -16.93 22.96
CA THR B 244 -28.52 -17.22 22.22
C THR B 244 -28.41 -18.46 21.34
N LEU B 245 -29.25 -19.45 21.66
CA LEU B 245 -29.33 -20.72 20.92
C LEU B 245 -30.66 -20.75 20.21
N ILE B 246 -30.64 -20.98 18.91
CA ILE B 246 -31.83 -21.03 18.04
C ILE B 246 -31.69 -22.29 17.21
N SER B 247 -32.63 -23.21 17.39
CA SER B 247 -32.62 -24.48 16.67
C SER B 247 -32.77 -24.35 15.13
N PRO B 248 -32.20 -25.27 14.33
CA PRO B 248 -32.42 -25.21 12.85
C PRO B 248 -33.89 -25.23 12.45
N LEU B 249 -34.75 -25.90 13.25
CA LEU B 249 -36.21 -25.97 13.04
C LEU B 249 -36.85 -24.60 13.14
N MET B 250 -36.40 -23.75 14.07
CA MET B 250 -36.83 -22.36 14.24
C MET B 250 -36.43 -21.54 13.04
N LEU B 251 -35.17 -21.69 12.59
CA LEU B 251 -34.67 -20.98 11.40
C LEU B 251 -35.49 -21.35 10.15
N LYS B 252 -35.83 -22.66 10.01
CA LYS B 252 -36.59 -23.20 8.89
C LYS B 252 -38.02 -22.65 8.95
N LYS B 253 -38.61 -22.60 10.16
CA LYS B 253 -39.95 -22.07 10.38
C LYS B 253 -40.09 -20.60 9.92
N TYR B 254 -39.06 -19.76 10.17
CA TYR B 254 -39.07 -18.34 9.82
C TYR B 254 -38.36 -18.04 8.53
N GLY B 255 -38.01 -19.08 7.80
CA GLY B 255 -37.40 -18.92 6.48
C GLY B 255 -36.01 -18.35 6.42
N ILE B 256 -35.24 -18.42 7.52
CA ILE B 256 -33.87 -17.98 7.57
C ILE B 256 -33.03 -19.03 6.81
N PRO B 257 -32.32 -18.66 5.70
CA PRO B 257 -31.46 -19.66 5.04
C PRO B 257 -30.25 -20.00 5.92
N PHE B 258 -29.91 -21.28 5.96
CA PHE B 258 -28.80 -21.80 6.73
C PHE B 258 -28.32 -23.09 6.14
N ASP B 259 -27.16 -23.52 6.58
CA ASP B 259 -26.59 -24.79 6.17
C ASP B 259 -25.97 -25.40 7.41
N LYS B 260 -25.74 -26.70 7.34
CA LYS B 260 -25.11 -27.42 8.43
C LYS B 260 -23.99 -28.29 7.87
N VAL B 261 -23.00 -28.56 8.73
CA VAL B 261 -21.83 -29.38 8.45
C VAL B 261 -21.27 -29.95 9.75
N THR B 262 -20.75 -31.17 9.69
CA THR B 262 -20.09 -31.84 10.79
C THR B 262 -18.59 -31.85 10.53
N GLN B 263 -17.82 -31.33 11.48
CA GLN B 263 -16.37 -31.28 11.43
C GLN B 263 -15.85 -32.52 12.16
N GLU B 264 -14.96 -33.24 11.50
CA GLU B 264 -14.35 -34.43 12.11
C GLU B 264 -12.90 -34.15 12.46
N ALA B 265 -12.33 -35.01 13.30
CA ALA B 265 -10.95 -34.86 13.77
C ALA B 265 -10.00 -34.80 12.58
N GLY B 266 -9.14 -33.79 12.60
CA GLY B 266 -8.17 -33.57 11.56
C GLY B 266 -8.63 -32.63 10.49
N GLU B 267 -9.81 -31.96 10.68
CA GLU B 267 -10.33 -31.02 9.68
C GLU B 267 -10.37 -29.62 10.22
N PHE B 268 -10.22 -28.64 9.31
CA PHE B 268 -10.31 -27.22 9.61
C PHE B 268 -11.67 -26.67 9.18
N MET B 269 -12.21 -25.78 9.99
CA MET B 269 -13.37 -24.98 9.63
C MET B 269 -12.88 -23.53 9.55
N ILE B 270 -13.34 -22.80 8.54
CA ILE B 270 -13.06 -21.38 8.37
C ILE B 270 -14.40 -20.65 8.44
N THR B 271 -14.51 -19.60 9.32
CA THR B 271 -15.67 -18.71 9.42
C THR B 271 -15.18 -17.40 8.78
N PHE B 272 -16.03 -16.79 7.96
CA PHE B 272 -15.72 -15.58 7.22
C PHE B 272 -16.35 -14.36 7.88
N PRO B 273 -15.91 -13.14 7.57
CA PRO B 273 -16.53 -11.95 8.17
C PRO B 273 -18.06 -11.91 8.05
N TYR B 274 -18.72 -11.66 9.20
CA TYR B 274 -20.16 -11.51 9.36
C TYR B 274 -20.94 -12.83 9.10
N GLY B 275 -20.24 -13.96 9.24
CA GLY B 275 -20.82 -15.28 9.11
C GLY B 275 -21.33 -15.75 10.44
N TYR B 276 -22.66 -15.75 10.64
CA TYR B 276 -23.22 -16.27 11.90
C TYR B 276 -23.06 -17.77 11.99
N HIS B 277 -22.57 -18.27 13.15
CA HIS B 277 -22.46 -19.72 13.34
C HIS B 277 -22.80 -20.09 14.77
N ALA B 278 -23.21 -21.35 14.95
CA ALA B 278 -23.57 -22.00 16.21
C ALA B 278 -23.27 -23.49 16.04
N GLY B 279 -23.34 -24.23 17.12
CA GLY B 279 -23.17 -25.68 17.02
C GLY B 279 -22.93 -26.36 18.33
N PHE B 280 -22.50 -27.60 18.29
CA PHE B 280 -22.29 -28.43 19.48
C PHE B 280 -21.28 -29.53 19.21
N ASN B 281 -20.72 -30.06 20.31
CA ASN B 281 -19.79 -31.18 20.34
C ASN B 281 -20.49 -32.50 20.57
N HIS B 282 -20.09 -33.52 19.83
CA HIS B 282 -20.64 -34.89 19.91
C HIS B 282 -20.13 -35.61 21.13
N GLY B 283 -18.96 -35.24 21.59
CA GLY B 283 -18.38 -35.90 22.74
C GLY B 283 -17.04 -35.30 23.05
N PHE B 284 -16.22 -36.07 23.79
CA PHE B 284 -14.88 -35.65 24.17
C PHE B 284 -14.02 -35.33 22.96
N ASN B 285 -13.54 -34.10 22.92
CA ASN B 285 -12.72 -33.64 21.82
C ASN B 285 -11.92 -32.43 22.21
N CYS B 286 -11.08 -31.97 21.31
CA CYS B 286 -10.32 -30.76 21.49
C CYS B 286 -10.10 -30.06 20.15
N ALA B 287 -10.44 -28.78 20.14
CA ALA B 287 -10.32 -27.88 19.00
C ALA B 287 -9.43 -26.70 19.33
N GLU B 288 -8.69 -26.20 18.35
CA GLU B 288 -7.87 -25.01 18.49
C GLU B 288 -8.40 -23.91 17.57
N SER B 289 -8.50 -22.70 18.09
CA SER B 289 -9.03 -21.55 17.35
C SER B 289 -8.24 -20.29 17.53
N THR B 290 -8.40 -19.39 16.56
CA THR B 290 -7.91 -18.00 16.54
C THR B 290 -8.70 -17.19 15.53
N ASN B 291 -8.48 -15.88 15.56
CA ASN B 291 -9.07 -14.95 14.59
C ASN B 291 -7.98 -14.58 13.64
N PHE B 292 -8.35 -14.17 12.44
CA PHE B 292 -7.40 -13.69 11.42
C PHE B 292 -8.10 -12.73 10.53
N ALA B 293 -7.34 -11.97 9.74
CA ALA B 293 -7.87 -10.97 8.82
C ALA B 293 -7.36 -11.17 7.38
N THR B 294 -8.06 -10.57 6.41
CA THR B 294 -7.60 -10.41 5.03
C THR B 294 -7.86 -8.92 4.80
N ARG B 295 -7.41 -8.37 3.66
N ARG B 295 -7.41 -8.37 3.66
CA ARG B 295 -7.68 -6.97 3.31
CA ARG B 295 -7.67 -6.97 3.32
C ARG B 295 -9.20 -6.69 3.25
C ARG B 295 -9.19 -6.67 3.17
N ARG B 296 -10.01 -7.70 2.82
CA ARG B 296 -11.49 -7.64 2.72
C ARG B 296 -12.16 -7.35 4.08
N TRP B 297 -11.61 -7.89 5.16
CA TRP B 297 -12.12 -7.68 6.53
C TRP B 297 -12.14 -6.21 7.00
N ILE B 298 -11.14 -5.41 6.62
CA ILE B 298 -11.05 -4.01 7.09
C ILE B 298 -12.38 -3.26 7.03
N GLU B 299 -13.13 -3.36 5.91
CA GLU B 299 -14.43 -2.70 5.82
C GLU B 299 -15.48 -3.25 6.83
N TYR B 300 -15.48 -4.59 7.10
CA TYR B 300 -16.30 -5.27 8.11
C TYR B 300 -15.93 -4.78 9.49
N GLY B 301 -14.63 -4.67 9.80
CA GLY B 301 -14.18 -4.18 11.10
C GLY B 301 -14.63 -2.76 11.34
N LYS B 302 -14.61 -1.93 10.25
CA LYS B 302 -15.03 -0.53 10.28
C LYS B 302 -16.50 -0.40 10.56
N GLN B 303 -17.30 -1.32 10.01
CA GLN B 303 -18.75 -1.30 10.11
C GLN B 303 -19.37 -2.23 11.16
N ALA B 304 -18.55 -3.06 11.87
CA ALA B 304 -19.04 -4.00 12.92
C ALA B 304 -19.83 -3.27 14.01
N VAL B 305 -21.04 -3.77 14.32
CA VAL B 305 -21.90 -3.25 15.39
C VAL B 305 -21.45 -3.98 16.65
N LEU B 306 -20.93 -3.24 17.61
CA LEU B 306 -20.34 -3.76 18.85
C LEU B 306 -21.25 -3.75 20.07
N CYS B 307 -20.90 -4.60 21.06
CA CYS B 307 -21.61 -4.71 22.32
C CYS B 307 -21.40 -3.42 23.15
N SER B 308 -22.52 -2.83 23.60
CA SER B 308 -22.62 -1.57 24.33
C SER B 308 -22.59 -1.70 25.86
N CYS B 309 -23.33 -2.68 26.36
CA CYS B 309 -23.56 -2.95 27.77
C CYS B 309 -22.35 -3.51 28.56
N ARG B 310 -21.30 -4.04 27.89
CA ARG B 310 -20.17 -4.64 28.60
C ARG B 310 -18.84 -3.90 28.36
N LYS B 311 -18.07 -3.77 29.45
CA LYS B 311 -16.75 -3.13 29.52
C LYS B 311 -15.60 -4.10 29.19
N ASP B 312 -15.63 -5.32 29.78
CA ASP B 312 -14.62 -6.37 29.61
N MET B 313 -15.91 -6.09 26.58
CA MET B 313 -16.07 -6.53 25.19
C MET B 313 -14.81 -6.26 24.36
N VAL B 314 -14.50 -7.14 23.35
CA VAL B 314 -13.32 -7.01 22.47
C VAL B 314 -13.52 -5.90 21.42
N LYS B 315 -12.70 -4.82 21.52
CA LYS B 315 -12.72 -3.71 20.59
C LYS B 315 -11.31 -3.45 20.01
N ILE B 316 -11.21 -3.46 18.67
CA ILE B 316 -9.97 -3.19 17.95
C ILE B 316 -10.14 -1.80 17.32
N SER B 317 -9.12 -0.93 17.46
CA SER B 317 -9.15 0.36 16.80
C SER B 317 -8.79 0.10 15.35
N MET B 318 -9.71 0.50 14.46
CA MET B 318 -9.54 0.34 13.02
C MET B 318 -8.57 1.36 12.46
N ASP B 319 -8.20 2.34 13.25
CA ASP B 319 -7.37 3.46 12.82
C ASP B 319 -6.10 3.01 12.05
N VAL B 320 -5.33 2.09 12.62
CA VAL B 320 -4.09 1.54 12.07
C VAL B 320 -4.32 0.91 10.68
N PHE B 321 -5.46 0.26 10.46
CA PHE B 321 -5.78 -0.38 9.17
C PHE B 321 -6.19 0.60 8.12
N VAL B 322 -6.89 1.67 8.51
CA VAL B 322 -7.40 2.71 7.62
C VAL B 322 -6.23 3.54 7.07
N ARG B 323 -5.28 3.86 7.92
CA ARG B 323 -4.09 4.60 7.57
C ARG B 323 -3.20 3.80 6.58
N LYS B 324 -2.99 2.50 6.86
CA LYS B 324 -2.15 1.64 6.03
C LYS B 324 -2.81 1.24 4.69
N PHE B 325 -4.05 0.74 4.71
CA PHE B 325 -4.71 0.21 3.50
C PHE B 325 -5.68 1.17 2.78
N GLN B 326 -6.19 2.20 3.45
CA GLN B 326 -7.13 3.17 2.84
C GLN B 326 -6.64 4.58 3.18
N PRO B 327 -5.37 5.01 2.93
CA PRO B 327 -4.97 6.36 3.36
C PRO B 327 -5.79 7.50 2.72
N GLU B 328 -6.35 7.25 1.52
CA GLU B 328 -7.19 8.19 0.76
C GLU B 328 -8.55 8.47 1.48
N ARG B 329 -9.06 7.47 2.24
N ARG B 329 -9.05 7.49 2.25
CA ARG B 329 -10.33 7.52 2.96
CA ARG B 329 -10.32 7.56 2.96
C ARG B 329 -10.18 7.93 4.44
C ARG B 329 -10.18 7.91 4.44
N TYR B 330 -8.94 8.06 4.94
CA TYR B 330 -8.68 8.35 6.36
C TYR B 330 -9.43 9.58 6.92
N LYS B 331 -9.31 10.76 6.25
CA LYS B 331 -9.97 12.01 6.65
C LYS B 331 -11.49 11.83 6.66
N LEU B 332 -12.01 11.20 5.60
CA LEU B 332 -13.43 10.94 5.45
C LEU B 332 -13.98 10.03 6.55
N TRP B 333 -13.23 8.98 6.90
CA TRP B 333 -13.64 7.99 7.89
C TRP B 333 -13.64 8.56 9.30
N LYS B 334 -12.62 9.34 9.64
CA LYS B 334 -12.51 10.05 10.93
C LYS B 334 -13.66 11.09 11.08
N ALA B 335 -14.11 11.70 9.94
CA ALA B 335 -15.23 12.65 9.88
C ALA B 335 -16.60 11.93 9.97
N GLY B 336 -16.60 10.62 9.72
CA GLY B 336 -17.79 9.78 9.76
C GLY B 336 -18.56 9.76 8.45
N LYS B 337 -18.00 10.41 7.41
CA LYS B 337 -18.54 10.53 6.06
C LYS B 337 -18.22 9.33 5.15
N ASP B 338 -17.60 8.25 5.69
CA ASP B 338 -17.36 7.03 4.91
C ASP B 338 -18.66 6.22 4.81
N ASN B 339 -19.27 6.26 3.61
CA ASN B 339 -20.55 5.62 3.31
C ASN B 339 -20.40 4.35 2.43
N THR B 340 -19.29 3.62 2.58
CA THR B 340 -19.00 2.39 1.85
C THR B 340 -20.03 1.28 2.19
N VAL B 341 -20.61 0.68 1.17
CA VAL B 341 -21.57 -0.40 1.35
C VAL B 341 -20.83 -1.70 1.07
N ILE B 342 -20.87 -2.63 2.04
CA ILE B 342 -20.24 -3.93 1.92
C ILE B 342 -21.09 -4.84 1.02
N ASP B 343 -20.44 -5.44 0.00
CA ASP B 343 -21.04 -6.47 -0.83
C ASP B 343 -20.40 -7.78 -0.33
N HIS B 344 -21.22 -8.63 0.32
CA HIS B 344 -20.80 -9.89 0.92
C HIS B 344 -20.39 -10.96 -0.08
N THR B 345 -20.82 -10.82 -1.35
CA THR B 345 -20.52 -11.78 -2.41
C THR B 345 -19.11 -11.60 -2.97
N LEU B 346 -18.55 -10.39 -2.89
CA LEU B 346 -17.23 -10.05 -3.42
C LEU B 346 -16.09 -10.76 -2.71
N PRO B 347 -15.16 -11.39 -3.49
CA PRO B 347 -14.00 -12.04 -2.86
C PRO B 347 -12.94 -11.01 -2.43
N THR B 348 -11.99 -11.45 -1.57
CA THR B 348 -10.90 -10.60 -1.07
C THR B 348 -10.02 -10.12 -2.25
N PRO B 349 -9.49 -8.87 -2.26
CA PRO B 349 -8.65 -8.45 -3.41
C PRO B 349 -7.47 -9.37 -3.75
N GLU B 350 -6.94 -10.10 -2.73
CA GLU B 350 -5.82 -11.06 -2.80
C GLU B 350 -6.13 -12.28 -3.70
N ALA B 351 -7.43 -12.48 -4.04
CA ALA B 351 -7.97 -13.56 -4.89
C ALA B 351 -7.89 -13.25 -6.38
N ALA B 352 -7.39 -12.03 -6.72
CA ALA B 352 -7.21 -11.51 -8.09
C ALA B 352 -6.43 -12.44 -9.00
N GLU B 353 -5.38 -13.12 -8.46
CA GLU B 353 -4.51 -14.07 -9.18
C GLU B 353 -5.26 -15.32 -9.66
N PHE B 354 -6.43 -15.61 -9.07
CA PHE B 354 -7.27 -16.76 -9.42
C PHE B 354 -8.41 -16.33 -10.35
N LEU B 355 -8.43 -16.90 -11.58
CA LEU B 355 -9.40 -16.65 -12.66
C LEU B 355 -9.55 -15.18 -13.05
N PRO C 11 34.82 -7.01 45.01
CA PRO C 11 35.13 -7.98 46.06
C PRO C 11 34.63 -9.40 45.75
N SER C 12 33.39 -9.72 46.17
CA SER C 12 32.74 -11.01 45.93
C SER C 12 31.74 -10.87 44.78
N ALA C 13 31.69 -9.67 44.15
CA ALA C 13 30.84 -9.40 43.00
C ALA C 13 31.69 -9.35 41.70
N ARG C 14 32.84 -10.11 41.73
CA ARG C 14 33.80 -10.29 40.64
C ARG C 14 33.47 -11.59 39.89
N ILE C 15 33.55 -11.54 38.56
CA ILE C 15 33.20 -12.71 37.69
C ILE C 15 34.14 -13.87 38.01
N MET C 16 33.57 -15.06 38.16
CA MET C 16 34.34 -16.28 38.51
C MET C 16 34.30 -17.28 37.34
N THR C 17 35.37 -18.04 37.16
CA THR C 17 35.51 -19.06 36.11
C THR C 17 35.56 -20.43 36.77
N PHE C 18 34.79 -21.38 36.23
CA PHE C 18 34.69 -22.75 36.75
C PHE C 18 35.18 -23.75 35.75
N TYR C 19 35.90 -24.75 36.26
CA TYR C 19 36.48 -25.83 35.45
C TYR C 19 35.95 -27.19 35.94
N PRO C 20 34.66 -27.53 35.63
CA PRO C 20 34.11 -28.81 36.09
C PRO C 20 34.77 -30.02 35.43
N THR C 21 34.78 -31.13 36.16
CA THR C 21 35.28 -32.42 35.66
C THR C 21 34.11 -33.01 34.88
N MET C 22 34.33 -34.08 34.08
CA MET C 22 33.25 -34.70 33.32
C MET C 22 32.08 -35.17 34.23
N GLU C 23 32.38 -35.71 35.43
CA GLU C 23 31.36 -36.15 36.40
C GLU C 23 30.53 -34.95 36.92
N GLU C 24 31.20 -33.84 37.31
CA GLU C 24 30.57 -32.62 37.81
C GLU C 24 29.68 -31.96 36.74
N PHE C 25 30.21 -31.90 35.49
CA PHE C 25 29.60 -31.33 34.30
C PHE C 25 28.34 -32.04 33.81
N ARG C 26 28.23 -33.36 34.01
CA ARG C 26 27.07 -34.17 33.57
C ARG C 26 25.68 -33.70 34.07
N ASN C 27 25.59 -33.17 35.31
CA ASN C 27 24.34 -32.64 35.89
C ASN C 27 24.38 -31.11 35.88
N PHE C 28 23.66 -30.51 34.93
CA PHE C 28 23.61 -29.06 34.70
C PHE C 28 23.08 -28.28 35.90
N SER C 29 21.85 -28.59 36.35
CA SER C 29 21.17 -27.93 37.47
C SER C 29 21.95 -28.02 38.77
N ARG C 30 22.57 -29.19 39.04
CA ARG C 30 23.38 -29.41 40.23
C ARG C 30 24.60 -28.49 40.15
N TYR C 31 25.23 -28.40 38.97
CA TYR C 31 26.40 -27.55 38.78
C TYR C 31 26.08 -26.05 38.90
N ILE C 32 24.87 -25.62 38.45
CA ILE C 32 24.42 -24.24 38.61
C ILE C 32 24.27 -23.95 40.12
N ALA C 33 23.75 -24.93 40.89
CA ALA C 33 23.58 -24.82 42.34
C ALA C 33 24.93 -24.79 43.04
N TYR C 34 25.93 -25.55 42.53
CA TYR C 34 27.28 -25.55 43.09
C TYR C 34 27.97 -24.19 42.90
N ILE C 35 27.89 -23.60 41.68
CA ILE C 35 28.55 -22.31 41.42
C ILE C 35 27.90 -21.19 42.25
N GLU C 36 26.58 -21.28 42.53
CA GLU C 36 25.88 -20.32 43.40
C GLU C 36 26.37 -20.46 44.86
N SER C 37 26.59 -21.71 45.32
CA SER C 37 27.12 -22.02 46.65
C SER C 37 28.53 -21.41 46.85
N GLN C 38 29.26 -21.13 45.74
CA GLN C 38 30.59 -20.52 45.63
C GLN C 38 30.50 -18.99 45.46
N GLY C 39 29.28 -18.49 45.31
CA GLY C 39 28.97 -17.06 45.17
C GLY C 39 29.07 -16.47 43.77
N ALA C 40 28.93 -17.32 42.72
CA ALA C 40 29.05 -16.93 41.32
C ALA C 40 27.99 -15.93 40.89
N HIS C 41 26.81 -16.05 41.50
CA HIS C 41 25.66 -15.21 41.18
C HIS C 41 25.83 -13.77 41.59
N ARG C 42 26.69 -13.48 42.57
CA ARG C 42 26.91 -12.10 43.06
C ARG C 42 27.47 -11.16 41.99
N ALA C 43 28.23 -11.69 41.03
CA ALA C 43 28.78 -10.92 39.94
C ALA C 43 27.74 -10.71 38.84
N GLY C 44 26.76 -11.63 38.73
CA GLY C 44 25.67 -11.60 37.75
C GLY C 44 26.01 -12.30 36.46
N LEU C 45 27.27 -12.74 36.35
CA LEU C 45 27.86 -13.42 35.22
C LEU C 45 28.96 -14.36 35.72
N ALA C 46 29.03 -15.56 35.12
CA ALA C 46 30.04 -16.58 35.43
C ALA C 46 30.45 -17.28 34.17
N LYS C 47 31.71 -17.75 34.11
CA LYS C 47 32.23 -18.51 32.98
C LYS C 47 32.40 -19.97 33.43
N VAL C 48 32.10 -20.90 32.53
CA VAL C 48 32.23 -22.32 32.79
C VAL C 48 32.97 -22.88 31.60
N VAL C 49 34.16 -23.41 31.87
CA VAL C 49 35.02 -24.01 30.86
C VAL C 49 34.74 -25.52 30.94
N PRO C 50 34.07 -26.10 29.92
CA PRO C 50 33.73 -27.53 29.99
C PRO C 50 34.94 -28.45 29.91
N PRO C 51 34.83 -29.75 30.32
CA PRO C 51 35.99 -30.65 30.21
C PRO C 51 36.49 -30.75 28.76
N LYS C 52 37.83 -30.72 28.57
CA LYS C 52 38.55 -30.76 27.28
C LYS C 52 37.99 -31.78 26.27
N GLU C 53 37.61 -32.98 26.76
CA GLU C 53 37.06 -34.08 25.97
C GLU C 53 35.68 -33.78 25.35
N TRP C 54 34.92 -32.88 25.98
CA TRP C 54 33.56 -32.56 25.56
C TRP C 54 33.52 -31.61 24.35
N LYS C 55 32.67 -31.98 23.37
CA LYS C 55 32.37 -31.29 22.11
C LYS C 55 30.87 -31.47 21.79
N PRO C 56 30.10 -30.37 21.58
CA PRO C 56 28.67 -30.52 21.23
C PRO C 56 28.40 -30.90 19.76
N ARG C 57 29.43 -30.79 18.92
CA ARG C 57 29.35 -31.05 17.48
C ARG C 57 30.74 -31.39 16.98
N ALA C 58 30.85 -32.38 16.06
CA ALA C 58 32.13 -32.83 15.53
C ALA C 58 32.83 -31.79 14.63
N SER C 59 32.06 -31.16 13.72
CA SER C 59 32.59 -30.15 12.81
C SER C 59 31.55 -29.07 12.54
N TYR C 60 32.02 -27.84 12.20
CA TYR C 60 31.17 -26.71 11.85
C TYR C 60 31.27 -26.39 10.33
N ASP C 61 31.85 -27.31 9.55
CA ASP C 61 32.04 -27.15 8.10
C ASP C 61 30.82 -27.47 7.24
N ASP C 62 29.70 -27.81 7.88
CA ASP C 62 28.46 -28.22 7.19
C ASP C 62 27.28 -27.25 7.37
N ILE C 63 27.52 -26.02 7.84
CA ILE C 63 26.46 -25.05 8.11
C ILE C 63 26.54 -23.81 7.20
N ASP C 64 27.31 -23.88 6.09
CA ASP C 64 27.52 -22.74 5.18
C ASP C 64 26.25 -22.23 4.51
N ASP C 65 25.28 -23.15 4.28
CA ASP C 65 23.99 -22.86 3.64
C ASP C 65 22.91 -22.57 4.66
N LEU C 66 23.23 -22.60 5.99
CA LEU C 66 22.29 -22.30 7.08
C LEU C 66 21.84 -20.84 6.90
N VAL C 67 20.51 -20.66 6.87
CA VAL C 67 19.88 -19.38 6.63
C VAL C 67 19.68 -18.59 7.93
N ILE C 68 20.12 -17.31 7.87
CA ILE C 68 19.95 -16.28 8.89
C ILE C 68 18.75 -15.50 8.28
N PRO C 69 17.50 -15.73 8.79
CA PRO C 69 16.33 -15.10 8.14
C PRO C 69 16.23 -13.59 8.28
N ALA C 70 16.74 -13.05 9.39
CA ALA C 70 16.65 -11.62 9.67
C ALA C 70 17.95 -11.02 10.16
N PRO C 71 19.02 -10.93 9.33
CA PRO C 71 20.25 -10.28 9.83
C PRO C 71 19.95 -8.80 10.10
N ILE C 72 20.57 -8.24 11.13
CA ILE C 72 20.28 -6.84 11.44
C ILE C 72 21.52 -5.98 11.31
N GLN C 73 21.38 -4.84 10.64
CA GLN C 73 22.47 -3.87 10.58
C GLN C 73 22.32 -3.01 11.84
N GLN C 74 23.38 -2.95 12.63
CA GLN C 74 23.29 -2.20 13.91
C GLN C 74 23.80 -0.78 13.71
N LEU C 75 22.89 0.18 13.72
CA LEU C 75 23.26 1.61 13.56
C LEU C 75 23.36 2.17 14.97
N VAL C 76 24.49 2.77 15.31
CA VAL C 76 24.67 3.32 16.68
C VAL C 76 24.81 4.83 16.57
N THR C 77 24.05 5.53 17.40
CA THR C 77 24.05 6.98 17.47
C THR C 77 24.39 7.40 18.90
N GLY C 78 25.21 8.43 19.04
CA GLY C 78 25.60 8.90 20.35
C GLY C 78 26.98 9.48 20.43
N GLN C 79 27.36 9.88 21.64
CA GLN C 79 28.65 10.49 21.98
C GLN C 79 28.88 10.43 23.47
N SER C 80 30.11 10.75 23.91
CA SER C 80 30.54 10.78 25.32
C SER C 80 30.14 9.53 26.10
N GLY C 81 30.32 8.35 25.47
CA GLY C 81 30.06 7.06 26.10
C GLY C 81 28.61 6.65 26.26
N LEU C 82 27.67 7.43 25.67
CA LEU C 82 26.23 7.18 25.71
C LEU C 82 25.67 7.01 24.33
N PHE C 83 25.11 5.83 24.06
CA PHE C 83 24.63 5.49 22.71
C PHE C 83 23.32 4.77 22.67
N THR C 84 22.63 4.92 21.51
CA THR C 84 21.40 4.23 21.15
C THR C 84 21.68 3.41 19.91
N GLN C 85 21.37 2.13 19.98
CA GLN C 85 21.52 1.19 18.88
C GLN C 85 20.16 0.97 18.20
N TYR C 86 20.12 1.14 16.90
CA TYR C 86 18.95 0.98 16.05
C TYR C 86 19.22 -0.23 15.17
N ASN C 87 18.26 -1.10 15.07
CA ASN C 87 18.36 -2.28 14.23
C ASN C 87 17.66 -2.08 12.90
N ILE C 88 18.36 -2.42 11.83
CA ILE C 88 17.83 -2.33 10.46
C ILE C 88 17.78 -3.77 9.97
N GLN C 89 16.59 -4.34 9.79
CA GLN C 89 16.47 -5.71 9.28
C GLN C 89 16.85 -5.74 7.83
N LYS C 90 17.82 -6.58 7.49
CA LYS C 90 18.31 -6.78 6.13
C LYS C 90 17.71 -8.09 5.59
N LYS C 91 17.82 -8.33 4.26
CA LYS C 91 17.29 -9.56 3.66
C LYS C 91 18.06 -10.81 4.13
N ALA C 92 17.40 -11.96 4.06
CA ALA C 92 17.98 -13.23 4.54
C ALA C 92 19.28 -13.53 3.78
N MET C 93 20.27 -14.04 4.51
CA MET C 93 21.58 -14.42 3.93
C MET C 93 22.05 -15.73 4.57
N THR C 94 22.92 -16.45 3.88
CA THR C 94 23.45 -17.75 4.40
C THR C 94 24.67 -17.48 5.29
N VAL C 95 25.05 -18.47 6.09
CA VAL C 95 26.23 -18.36 6.93
C VAL C 95 27.47 -17.98 6.08
N ARG C 96 27.56 -18.53 4.84
CA ARG C 96 28.63 -18.30 3.86
C ARG C 96 28.73 -16.82 3.43
N GLU C 97 27.58 -16.20 3.12
CA GLU C 97 27.48 -14.80 2.69
C GLU C 97 27.82 -13.88 3.85
N PHE C 98 27.34 -14.24 5.07
CA PHE C 98 27.61 -13.52 6.30
C PHE C 98 29.11 -13.50 6.63
N ARG C 99 29.76 -14.67 6.58
CA ARG C 99 31.19 -14.83 6.84
C ARG C 99 32.05 -14.02 5.83
N LYS C 100 31.63 -13.94 4.55
CA LYS C 100 32.32 -13.19 3.52
C LYS C 100 32.31 -11.69 3.89
N ILE C 101 31.15 -11.17 4.32
CA ILE C 101 31.00 -9.80 4.75
C ILE C 101 31.82 -9.55 6.02
N ALA C 102 31.76 -10.49 6.98
CA ALA C 102 32.45 -10.44 8.28
C ALA C 102 33.97 -10.33 8.15
N ASN C 103 34.57 -11.09 7.19
CA ASN C 103 36.01 -11.17 6.97
C ASN C 103 36.56 -10.18 5.91
N SER C 104 35.70 -9.43 5.23
CA SER C 104 36.12 -8.46 4.21
C SER C 104 36.83 -7.28 4.86
N ASP C 105 37.69 -6.60 4.07
CA ASP C 105 38.47 -5.42 4.44
C ASP C 105 37.62 -4.41 5.17
N LYS C 106 36.42 -4.09 4.62
CA LYS C 106 35.48 -3.15 5.19
C LYS C 106 35.05 -3.52 6.61
N TYR C 107 34.76 -4.81 6.89
CA TYR C 107 34.22 -5.22 8.19
C TYR C 107 35.07 -6.10 9.12
N CYS C 108 36.29 -6.50 8.73
N CYS C 108 36.29 -6.49 8.75
CA CYS C 108 37.12 -7.39 9.57
CA CYS C 108 37.09 -7.39 9.59
C CYS C 108 37.66 -6.72 10.83
C CYS C 108 37.63 -6.71 10.85
N THR C 109 38.05 -7.54 11.83
CA THR C 109 38.62 -7.09 13.12
C THR C 109 39.88 -6.26 12.87
N PRO C 110 40.06 -5.11 13.56
CA PRO C 110 41.32 -4.38 13.38
C PRO C 110 42.48 -5.11 14.07
N ARG C 111 43.72 -4.70 13.74
CA ARG C 111 44.94 -5.23 14.33
C ARG C 111 45.03 -4.73 15.77
N TYR C 112 45.47 -5.60 16.69
CA TYR C 112 45.60 -5.26 18.11
C TYR C 112 46.53 -6.19 18.85
N SER C 113 47.17 -5.67 19.91
CA SER C 113 48.08 -6.43 20.76
C SER C 113 47.26 -7.00 21.93
N GLU C 114 46.86 -6.14 22.89
CA GLU C 114 46.09 -6.47 24.08
C GLU C 114 44.59 -6.23 23.84
N PHE C 115 43.72 -6.88 24.65
CA PHE C 115 42.27 -6.70 24.57
C PHE C 115 41.89 -5.23 24.81
N GLU C 116 42.58 -4.56 25.75
CA GLU C 116 42.40 -3.15 26.12
C GLU C 116 42.42 -2.24 24.89
N GLU C 117 43.30 -2.58 23.90
CA GLU C 117 43.45 -1.89 22.62
C GLU C 117 42.18 -2.07 21.76
N LEU C 118 41.68 -3.32 21.64
CA LEU C 118 40.48 -3.64 20.88
C LEU C 118 39.24 -3.01 21.52
N GLU C 119 39.20 -2.99 22.86
CA GLU C 119 38.13 -2.38 23.64
C GLU C 119 38.08 -0.87 23.34
N ARG C 120 39.25 -0.18 23.35
CA ARG C 120 39.34 1.24 23.00
C ARG C 120 38.82 1.50 21.58
N LYS C 121 39.21 0.64 20.62
CA LYS C 121 38.81 0.69 19.20
C LYS C 121 37.32 0.52 19.07
N TYR C 122 36.73 -0.39 19.86
CA TYR C 122 35.28 -0.64 19.84
C TYR C 122 34.51 0.59 20.29
N TRP C 123 34.88 1.17 21.43
CA TRP C 123 34.22 2.37 21.98
C TRP C 123 34.48 3.63 21.14
N LYS C 124 35.60 3.69 20.41
CA LYS C 124 35.91 4.81 19.54
C LYS C 124 35.15 4.70 18.20
N ASN C 125 34.87 3.47 17.73
CA ASN C 125 34.31 3.27 16.40
C ASN C 125 32.94 2.66 16.30
N LEU C 126 32.22 2.42 17.41
CA LEU C 126 30.91 1.74 17.36
C LEU C 126 29.86 2.49 16.56
N THR C 127 30.03 3.81 16.36
CA THR C 127 29.05 4.58 15.57
C THR C 127 29.38 4.57 14.09
N PHE C 128 30.54 4.05 13.70
CA PHE C 128 30.97 4.06 12.30
C PHE C 128 30.83 2.72 11.67
N ASN C 129 30.74 2.71 10.33
CA ASN C 129 30.68 1.50 9.50
C ASN C 129 29.79 0.38 10.15
N PRO C 130 28.44 0.62 10.26
CA PRO C 130 27.57 -0.33 10.97
C PRO C 130 27.70 -1.79 10.53
N PRO C 131 28.00 -2.68 11.49
CA PRO C 131 28.11 -4.10 11.15
C PRO C 131 26.74 -4.77 11.03
N ILE C 132 26.73 -6.04 10.59
CA ILE C 132 25.55 -6.88 10.48
C ILE C 132 25.65 -7.96 11.53
N TYR C 133 24.60 -8.12 12.33
CA TYR C 133 24.55 -9.15 13.35
C TYR C 133 23.52 -10.17 12.90
N GLY C 134 23.92 -11.41 12.82
CA GLY C 134 23.05 -12.52 12.43
C GLY C 134 22.44 -13.11 13.66
N ALA C 135 21.68 -12.29 14.35
CA ALA C 135 21.11 -12.56 15.67
C ALA C 135 19.76 -13.21 15.63
N ASP C 136 19.39 -13.82 16.77
CA ASP C 136 18.11 -14.45 17.06
C ASP C 136 17.67 -15.47 16.02
N VAL C 137 18.62 -16.30 15.52
CA VAL C 137 18.32 -17.36 14.56
C VAL C 137 17.79 -18.55 15.37
N ASN C 138 16.56 -18.98 15.10
CA ASN C 138 15.97 -20.13 15.78
C ASN C 138 16.74 -21.37 15.37
N GLY C 139 17.40 -21.99 16.33
CA GLY C 139 18.15 -23.19 16.02
C GLY C 139 19.21 -23.57 17.02
N THR C 140 19.86 -24.70 16.73
CA THR C 140 20.89 -25.30 17.56
C THR C 140 22.01 -25.89 16.69
N LEU C 141 23.23 -25.91 17.23
CA LEU C 141 24.34 -26.53 16.55
C LEU C 141 24.78 -27.80 17.29
N TYR C 142 24.05 -28.15 18.36
CA TYR C 142 24.31 -29.37 19.10
C TYR C 142 23.85 -30.55 18.26
N GLU C 143 24.56 -31.66 18.34
CA GLU C 143 24.15 -32.91 17.68
C GLU C 143 23.09 -33.57 18.63
N LYS C 144 22.14 -34.33 18.08
CA LYS C 144 21.03 -34.95 18.84
C LYS C 144 21.41 -35.67 20.14
N HIS C 145 22.48 -36.50 20.07
CA HIS C 145 23.00 -37.37 21.14
C HIS C 145 23.72 -36.64 22.31
N VAL C 146 23.95 -35.32 22.21
CA VAL C 146 24.68 -34.60 23.25
C VAL C 146 23.77 -34.35 24.48
N ASP C 147 24.04 -35.07 25.57
CA ASP C 147 23.24 -35.01 26.79
C ASP C 147 23.68 -34.00 27.86
N GLU C 148 24.95 -33.59 27.81
CA GLU C 148 25.51 -32.65 28.77
C GLU C 148 25.36 -31.20 28.28
N TRP C 149 24.73 -30.35 29.13
CA TRP C 149 24.54 -28.90 28.89
C TRP C 149 23.97 -28.57 27.51
N ASN C 150 22.97 -29.31 27.10
CA ASN C 150 22.35 -29.13 25.81
C ASN C 150 21.39 -27.97 25.92
N ILE C 151 21.78 -26.81 25.35
CA ILE C 151 21.01 -25.56 25.38
C ILE C 151 19.54 -25.80 24.92
N GLY C 152 19.36 -26.64 23.92
CA GLY C 152 18.02 -26.99 23.43
C GLY C 152 17.14 -27.77 24.38
N ARG C 153 17.74 -28.46 25.38
CA ARG C 153 17.01 -29.30 26.36
C ARG C 153 17.69 -29.38 27.75
N LEU C 154 17.72 -28.24 28.48
CA LEU C 154 18.33 -28.16 29.83
C LEU C 154 17.48 -28.80 30.94
N ARG C 155 16.15 -28.88 30.74
CA ARG C 155 15.15 -29.50 31.63
C ARG C 155 15.14 -28.94 33.08
N THR C 156 15.17 -27.61 33.21
CA THR C 156 15.07 -26.88 34.49
C THR C 156 13.58 -26.67 34.83
N ILE C 157 13.27 -26.03 35.99
CA ILE C 157 11.87 -25.74 36.40
C ILE C 157 11.16 -24.78 35.42
N LEU C 158 11.91 -24.12 34.50
CA LEU C 158 11.34 -23.24 33.46
C LEU C 158 10.39 -23.99 32.50
N ASP C 159 10.68 -25.28 32.27
CA ASP C 159 9.86 -26.16 31.42
C ASP C 159 8.40 -26.24 31.85
N LEU C 160 8.08 -25.92 33.13
CA LEU C 160 6.73 -25.90 33.71
C LEU C 160 5.76 -24.97 33.00
N VAL C 161 6.27 -23.89 32.35
CA VAL C 161 5.46 -22.92 31.58
C VAL C 161 4.74 -23.66 30.42
N GLU C 162 5.47 -24.57 29.75
CA GLU C 162 4.98 -25.38 28.62
C GLU C 162 4.10 -26.59 29.06
N LYS C 163 4.27 -27.09 30.30
CA LYS C 163 3.52 -28.21 30.86
C LYS C 163 2.03 -27.88 31.12
N GLU C 164 1.73 -26.60 31.45
CA GLU C 164 0.38 -26.11 31.73
C GLU C 164 -0.29 -25.57 30.45
N SER C 165 0.48 -24.85 29.61
CA SER C 165 0.08 -24.21 28.35
C SER C 165 0.84 -24.81 27.17
N GLU C 170 5.22 -20.28 22.80
CA GLU C 170 6.55 -20.88 22.70
C GLU C 170 7.54 -20.14 23.60
N GLY C 171 7.66 -18.83 23.39
CA GLY C 171 8.55 -17.96 24.14
C GLY C 171 10.02 -18.23 23.93
N VAL C 172 10.77 -18.34 25.08
CA VAL C 172 12.22 -18.56 25.13
C VAL C 172 12.63 -19.76 26.01
N ASN C 173 12.05 -20.93 25.71
CA ASN C 173 12.49 -22.20 26.27
C ASN C 173 13.41 -22.81 25.17
N THR C 174 13.32 -22.24 23.93
CA THR C 174 13.99 -22.64 22.69
C THR C 174 15.39 -22.01 22.46
N PRO C 175 16.32 -22.73 21.75
CA PRO C 175 17.64 -22.15 21.50
C PRO C 175 17.71 -21.16 20.36
N TYR C 176 18.62 -20.17 20.48
CA TYR C 176 18.88 -19.16 19.45
C TYR C 176 20.33 -19.10 19.11
N LEU C 177 20.64 -18.91 17.84
CA LEU C 177 22.01 -18.78 17.32
C LEU C 177 22.28 -17.32 17.01
N TYR C 178 23.54 -16.91 17.21
CA TYR C 178 24.05 -15.55 17.00
C TYR C 178 25.32 -15.61 16.20
N PHE C 179 25.27 -15.16 14.95
CA PHE C 179 26.43 -15.10 14.07
C PHE C 179 26.94 -13.68 14.16
N GLY C 180 28.08 -13.52 14.79
CA GLY C 180 28.67 -12.21 15.00
C GLY C 180 29.77 -11.87 14.03
N MET C 181 30.09 -10.58 13.96
CA MET C 181 31.20 -10.04 13.22
C MET C 181 31.77 -8.95 14.09
N TRP C 182 32.94 -8.46 13.78
CA TRP C 182 33.57 -7.42 14.56
C TRP C 182 32.60 -6.25 14.86
N LYS C 183 32.56 -5.80 16.14
CA LYS C 183 31.81 -4.60 16.54
C LYS C 183 30.32 -4.81 16.67
N THR C 184 29.80 -6.04 16.49
CA THR C 184 28.39 -6.31 16.73
C THR C 184 28.22 -6.29 18.23
N SER C 185 27.11 -5.73 18.71
CA SER C 185 26.90 -5.51 20.14
C SER C 185 25.62 -6.08 20.69
N PHE C 186 25.60 -6.23 22.02
CA PHE C 186 24.42 -6.54 22.80
C PHE C 186 24.43 -5.47 23.86
N ALA C 187 23.39 -4.64 23.84
CA ALA C 187 23.21 -3.51 24.73
C ALA C 187 22.92 -3.96 26.16
N TRP C 188 23.01 -3.02 27.13
CA TRP C 188 22.72 -3.27 28.55
C TRP C 188 21.31 -3.79 28.77
N HIS C 189 21.19 -4.94 29.42
CA HIS C 189 19.91 -5.59 29.69
C HIS C 189 20.07 -6.73 30.68
N THR C 190 18.97 -7.14 31.31
CA THR C 190 18.85 -8.35 32.11
C THR C 190 18.00 -9.27 31.20
N GLU C 191 17.87 -10.53 31.55
CA GLU C 191 17.08 -11.45 30.74
C GLU C 191 15.59 -11.14 30.85
N ASP C 192 14.82 -11.63 29.87
CA ASP C 192 13.35 -11.46 29.92
C ASP C 192 12.90 -12.20 31.17
N MET C 193 12.06 -11.54 31.99
CA MET C 193 11.50 -12.04 33.29
C MET C 193 12.61 -12.19 34.34
N ASP C 194 13.73 -11.49 34.18
CA ASP C 194 14.89 -11.59 35.11
C ASP C 194 15.33 -13.04 35.23
N LEU C 195 15.26 -13.79 34.12
CA LEU C 195 15.67 -15.20 34.11
C LEU C 195 17.20 -15.33 34.07
N TYR C 196 17.66 -16.58 34.13
CA TYR C 196 19.06 -16.89 33.93
C TYR C 196 19.20 -17.09 32.43
N SER C 197 20.43 -17.06 31.93
CA SER C 197 20.71 -17.44 30.55
C SER C 197 22.02 -18.22 30.50
N ILE C 198 22.15 -19.04 29.45
CA ILE C 198 23.31 -19.86 29.12
C ILE C 198 23.74 -19.44 27.72
N ASN C 199 25.04 -19.24 27.49
CA ASN C 199 25.59 -18.82 26.19
C ASN C 199 26.82 -19.65 25.94
N TYR C 200 26.83 -20.40 24.85
CA TYR C 200 27.97 -21.21 24.45
C TYR C 200 28.54 -20.65 23.16
N LEU C 201 29.84 -20.31 23.16
CA LEU C 201 30.50 -19.82 21.95
C LEU C 201 30.99 -21.06 21.18
N HIS C 202 30.26 -21.48 20.14
CA HIS C 202 30.57 -22.66 19.32
C HIS C 202 31.92 -22.56 18.64
N PHE C 203 32.20 -21.40 18.01
CA PHE C 203 33.45 -21.21 17.29
C PHE C 203 33.71 -19.73 17.00
N GLY C 204 34.90 -19.47 16.47
CA GLY C 204 35.32 -18.16 16.01
C GLY C 204 36.00 -17.27 17.01
N GLU C 205 35.93 -15.98 16.73
CA GLU C 205 36.57 -14.95 17.50
C GLU C 205 35.85 -14.71 18.83
N PRO C 206 36.55 -14.17 19.85
CA PRO C 206 35.91 -14.00 21.16
C PRO C 206 34.71 -13.06 21.22
N LYS C 207 34.01 -13.14 22.35
CA LYS C 207 32.89 -12.31 22.72
C LYS C 207 33.21 -11.69 24.07
N SER C 208 33.27 -10.35 24.14
CA SER C 208 33.58 -9.64 25.39
C SER C 208 32.32 -9.19 26.08
N TRP C 209 32.30 -9.27 27.41
CA TRP C 209 31.14 -9.00 28.24
C TRP C 209 31.49 -8.04 29.35
N TYR C 210 30.49 -7.27 29.73
CA TYR C 210 30.50 -6.36 30.87
C TYR C 210 29.34 -6.80 31.71
N SER C 211 29.48 -6.74 33.04
CA SER C 211 28.41 -7.12 33.97
C SER C 211 28.34 -6.15 35.12
N VAL C 212 27.13 -5.88 35.62
CA VAL C 212 26.88 -5.06 36.79
C VAL C 212 26.26 -6.03 37.81
N PRO C 213 26.83 -6.15 39.05
CA PRO C 213 26.25 -7.09 40.01
C PRO C 213 24.75 -6.86 40.25
N PRO C 214 23.92 -7.94 40.36
CA PRO C 214 22.49 -7.73 40.68
C PRO C 214 22.21 -6.77 41.84
N GLU C 215 23.05 -6.76 42.91
CA GLU C 215 22.85 -5.85 44.05
C GLU C 215 23.07 -4.36 43.70
N HIS C 216 23.67 -4.07 42.53
CA HIS C 216 23.89 -2.70 42.05
C HIS C 216 23.08 -2.34 40.77
N GLY C 217 22.25 -3.28 40.32
CA GLY C 217 21.40 -3.12 39.13
C GLY C 217 20.50 -1.90 39.12
N LYS C 218 19.94 -1.51 40.30
CA LYS C 218 19.07 -0.35 40.46
C LYS C 218 19.81 0.97 40.22
N ARG C 219 21.12 0.98 40.54
CA ARG C 219 22.02 2.12 40.34
C ARG C 219 22.27 2.28 38.85
N LEU C 220 22.40 1.17 38.09
CA LEU C 220 22.57 1.26 36.63
C LEU C 220 21.29 1.82 36.01
N GLU C 221 20.11 1.29 36.40
CA GLU C 221 18.78 1.77 35.97
C GLU C 221 18.58 3.28 36.22
N ARG C 222 19.01 3.77 37.41
CA ARG C 222 18.90 5.18 37.81
C ARG C 222 19.77 6.05 36.94
N LEU C 223 21.00 5.61 36.66
CA LEU C 223 21.92 6.32 35.78
C LEU C 223 21.33 6.39 34.36
N ALA C 224 20.85 5.25 33.80
CA ALA C 224 20.23 5.17 32.48
C ALA C 224 19.00 6.07 32.37
N LYS C 225 18.14 6.09 33.41
CA LYS C 225 16.94 6.96 33.46
C LYS C 225 17.34 8.44 33.41
N GLY C 226 18.42 8.79 34.11
CA GLY C 226 18.98 10.14 34.14
C GLY C 226 19.48 10.59 32.78
N PHE C 227 20.10 9.67 32.01
CA PHE C 227 20.64 9.95 30.68
C PHE C 227 19.63 9.91 29.54
N PHE C 228 18.65 9.00 29.62
CA PHE C 228 17.61 8.88 28.61
C PHE C 228 16.25 9.09 29.29
N PRO C 229 15.94 10.36 29.74
CA PRO C 229 14.66 10.59 30.44
C PRO C 229 13.43 10.48 29.54
N GLY C 230 13.60 10.71 28.24
CA GLY C 230 12.55 10.58 27.24
C GLY C 230 12.09 9.14 27.15
N SER C 231 13.06 8.21 27.09
CA SER C 231 12.84 6.75 27.03
C SER C 231 12.22 6.24 28.32
N ALA C 232 12.66 6.80 29.48
CA ALA C 232 12.19 6.45 30.81
C ALA C 232 10.73 6.83 31.02
N GLN C 233 10.29 7.96 30.42
CA GLN C 233 8.90 8.44 30.51
C GLN C 233 7.97 7.55 29.67
N SER C 234 8.41 7.15 28.46
CA SER C 234 7.66 6.29 27.52
C SER C 234 7.52 4.83 27.99
N CYS C 235 8.57 4.30 28.67
CA CYS C 235 8.63 2.94 29.18
C CYS C 235 9.43 2.91 30.47
N GLU C 236 8.90 2.30 31.55
CA GLU C 236 9.63 2.19 32.81
C GLU C 236 10.88 1.32 32.60
N ALA C 237 10.68 0.14 31.96
CA ALA C 237 11.72 -0.83 31.65
C ALA C 237 12.31 -0.65 30.24
N PHE C 238 12.76 0.57 29.86
CA PHE C 238 13.28 0.84 28.50
C PHE C 238 14.57 0.06 28.18
N LEU C 239 15.35 -0.37 29.19
CA LEU C 239 16.57 -1.14 28.95
C LEU C 239 16.27 -2.50 28.32
N ARG C 240 15.04 -3.02 28.49
CA ARG C 240 14.55 -4.28 27.93
C ARG C 240 14.45 -4.22 26.39
N HIS C 241 14.45 -2.99 25.79
CA HIS C 241 14.44 -2.75 24.34
C HIS C 241 15.77 -3.17 23.73
N LYS C 242 16.83 -3.26 24.58
CA LYS C 242 18.21 -3.66 24.27
C LYS C 242 18.81 -2.74 23.19
N MET C 243 18.67 -1.43 23.42
CA MET C 243 19.15 -0.37 22.53
C MET C 243 20.16 0.54 23.20
N THR C 244 20.37 0.42 24.51
CA THR C 244 21.21 1.32 25.28
C THR C 244 22.60 0.79 25.50
N LEU C 245 23.58 1.55 24.99
CA LEU C 245 25.01 1.24 25.13
C LEU C 245 25.62 2.32 26.00
N ILE C 246 26.31 1.90 27.06
CA ILE C 246 26.96 2.76 28.06
C ILE C 246 28.35 2.25 28.23
N SER C 247 29.35 3.07 27.89
CA SER C 247 30.76 2.70 27.98
C SER C 247 31.26 2.43 29.42
N PRO C 248 32.25 1.52 29.64
CA PRO C 248 32.78 1.30 30.99
C PRO C 248 33.30 2.58 31.65
N LEU C 249 33.82 3.54 30.87
CA LEU C 249 34.31 4.84 31.36
C LEU C 249 33.20 5.64 32.03
N MET C 250 31.98 5.61 31.44
CA MET C 250 30.77 6.24 31.96
C MET C 250 30.37 5.59 33.26
N LEU C 251 30.37 4.24 33.31
CA LEU C 251 30.05 3.51 34.54
C LEU C 251 31.02 3.85 35.66
N LYS C 252 32.32 3.96 35.33
CA LYS C 252 33.40 4.28 36.30
C LYS C 252 33.20 5.71 36.82
N LYS C 253 32.87 6.65 35.91
CA LYS C 253 32.63 8.05 36.23
C LYS C 253 31.47 8.22 37.25
N TYR C 254 30.39 7.44 37.09
CA TYR C 254 29.21 7.56 37.93
C TYR C 254 29.15 6.54 39.06
N GLY C 255 30.26 5.90 39.35
CA GLY C 255 30.39 4.96 40.46
C GLY C 255 29.57 3.69 40.37
N ILE C 256 29.24 3.26 39.15
CA ILE C 256 28.53 2.00 38.95
C ILE C 256 29.56 0.88 39.00
N PRO C 257 29.49 -0.06 39.98
CA PRO C 257 30.47 -1.17 40.00
C PRO C 257 30.17 -2.12 38.85
N PHE C 258 31.23 -2.63 38.23
CA PHE C 258 31.11 -3.54 37.09
C PHE C 258 32.38 -4.36 36.96
N ASP C 259 32.29 -5.41 36.16
CA ASP C 259 33.43 -6.25 35.85
C ASP C 259 33.34 -6.61 34.38
N LYS C 260 34.46 -7.07 33.82
CA LYS C 260 34.52 -7.48 32.43
C LYS C 260 35.21 -8.83 32.28
N VAL C 261 34.83 -9.58 31.25
CA VAL C 261 35.35 -10.91 30.91
C VAL C 261 35.24 -11.15 29.39
N THR C 262 36.20 -11.87 28.82
CA THR C 262 36.24 -12.29 27.43
C THR C 262 35.95 -13.79 27.36
N GLN C 263 34.93 -14.15 26.59
CA GLN C 263 34.51 -15.52 26.36
C GLN C 263 35.19 -16.00 25.08
N GLU C 264 35.85 -17.15 25.15
CA GLU C 264 36.51 -17.72 23.98
C GLU C 264 35.75 -18.92 23.48
N ALA C 265 36.03 -19.33 22.23
CA ALA C 265 35.35 -20.45 21.60
C ALA C 265 35.49 -21.71 22.48
N GLY C 266 34.36 -22.35 22.72
CA GLY C 266 34.30 -23.56 23.53
C GLY C 266 33.99 -23.30 24.99
N GLU C 267 33.64 -22.04 25.35
CA GLU C 267 33.32 -21.71 26.74
C GLU C 267 31.87 -21.28 26.89
N PHE C 268 31.33 -21.51 28.08
CA PHE C 268 29.92 -21.20 28.44
C PHE C 268 29.90 -19.98 29.36
N MET C 269 28.97 -19.05 29.11
CA MET C 269 28.80 -17.87 29.98
C MET C 269 27.43 -18.00 30.63
N ILE C 270 27.34 -17.81 31.93
CA ILE C 270 26.01 -17.91 32.62
C ILE C 270 25.65 -16.53 33.16
N THR C 271 24.45 -16.06 32.83
CA THR C 271 23.94 -14.79 33.37
C THR C 271 22.91 -15.21 34.46
N PHE C 272 22.93 -14.52 35.60
CA PHE C 272 22.12 -14.76 36.77
C PHE C 272 20.95 -13.79 36.86
N PRO C 273 19.80 -14.16 37.53
CA PRO C 273 18.67 -13.24 37.63
C PRO C 273 19.03 -11.83 38.07
N TYR C 274 18.60 -10.84 37.25
CA TYR C 274 18.77 -9.41 37.45
C TYR C 274 20.24 -8.98 37.29
N GLY C 275 20.98 -9.75 36.52
CA GLY C 275 22.37 -9.44 36.20
C GLY C 275 22.43 -8.66 34.91
N TYR C 276 22.72 -7.35 34.99
CA TYR C 276 22.84 -6.53 33.78
C TYR C 276 24.10 -6.86 33.01
N HIS C 277 24.00 -7.09 31.70
CA HIS C 277 25.17 -7.37 30.90
C HIS C 277 25.08 -6.67 29.54
N ALA C 278 26.23 -6.44 28.91
CA ALA C 278 26.45 -5.80 27.60
C ALA C 278 27.74 -6.37 27.05
N GLY C 279 27.99 -6.14 25.78
CA GLY C 279 29.24 -6.61 25.21
C GLY C 279 29.25 -6.59 23.70
N PHE C 280 30.32 -7.10 23.14
CA PHE C 280 30.55 -7.09 21.71
C PHE C 280 31.36 -8.28 21.30
N ASN C 281 31.29 -8.59 20.00
CA ASN C 281 32.01 -9.62 19.29
C ASN C 281 33.28 -9.09 18.68
N HIS C 282 34.38 -9.87 18.81
CA HIS C 282 35.68 -9.50 18.29
C HIS C 282 35.75 -9.73 16.81
N GLY C 283 34.96 -10.66 16.32
CA GLY C 283 34.99 -10.96 14.90
C GLY C 283 33.99 -12.05 14.59
N PHE C 284 34.18 -12.70 13.44
CA PHE C 284 33.32 -13.79 12.97
C PHE C 284 33.25 -14.92 13.98
N ASN C 285 32.04 -15.19 14.46
CA ASN C 285 31.83 -16.22 15.45
C ASN C 285 30.39 -16.68 15.44
N CYS C 286 30.10 -17.71 16.23
CA CYS C 286 28.77 -18.23 16.39
C CYS C 286 28.54 -18.69 17.81
N ALA C 287 27.51 -18.14 18.50
CA ALA C 287 27.09 -18.47 19.88
C ALA C 287 25.68 -19.01 19.92
N GLU C 288 25.40 -19.93 20.84
CA GLU C 288 24.07 -20.50 21.06
C GLU C 288 23.60 -20.10 22.46
N SER C 289 22.33 -19.78 22.57
CA SER C 289 21.79 -19.29 23.83
C SER C 289 20.37 -19.73 24.09
N THR C 290 19.98 -19.62 25.39
CA THR C 290 18.63 -19.84 25.89
C THR C 290 18.54 -19.37 27.34
N ASN C 291 17.32 -19.40 27.90
CA ASN C 291 17.04 -19.02 29.27
C ASN C 291 16.74 -20.27 30.03
N PHE C 292 16.88 -20.17 31.36
CA PHE C 292 16.58 -21.28 32.28
C PHE C 292 16.26 -20.70 33.64
N ALA C 293 15.75 -21.54 34.54
CA ALA C 293 15.37 -21.11 35.88
C ALA C 293 15.81 -22.06 36.96
N THR C 294 15.83 -21.56 38.21
CA THR C 294 16.07 -22.32 39.44
C THR C 294 14.94 -21.89 40.36
N ARG C 295 14.82 -22.51 41.57
CA ARG C 295 13.80 -22.13 42.56
C ARG C 295 13.96 -20.66 42.99
N ARG C 296 15.22 -20.17 43.03
CA ARG C 296 15.59 -18.81 43.39
C ARG C 296 14.97 -17.74 42.44
N TRP C 297 14.91 -18.04 41.12
CA TRP C 297 14.36 -17.17 40.10
C TRP C 297 12.90 -16.77 40.34
N ILE C 298 12.11 -17.69 40.88
CA ILE C 298 10.68 -17.48 41.14
C ILE C 298 10.38 -16.07 41.70
N GLU C 299 11.10 -15.61 42.77
CA GLU C 299 10.83 -14.30 43.34
C GLU C 299 11.21 -13.14 42.44
N TYR C 300 12.25 -13.33 41.58
CA TYR C 300 12.71 -12.38 40.57
C TYR C 300 11.66 -12.24 39.46
N GLY C 301 10.98 -13.36 39.13
CA GLY C 301 9.95 -13.38 38.10
C GLY C 301 8.74 -12.57 38.51
N LYS C 302 8.30 -12.79 39.78
CA LYS C 302 7.17 -12.12 40.40
C LYS C 302 7.41 -10.61 40.49
N GLN C 303 8.64 -10.24 40.86
CA GLN C 303 9.00 -8.84 41.04
C GLN C 303 9.57 -8.13 39.81
N ALA C 304 9.75 -8.85 38.67
CA ALA C 304 10.31 -8.28 37.44
C ALA C 304 9.52 -7.08 36.93
N VAL C 305 10.22 -5.96 36.60
CA VAL C 305 9.62 -4.75 36.01
C VAL C 305 9.69 -4.94 34.49
N LEU C 306 8.53 -5.06 33.85
CA LEU C 306 8.41 -5.38 32.43
C LEU C 306 8.16 -4.19 31.52
N CYS C 307 8.49 -4.38 30.22
CA CYS C 307 8.31 -3.38 29.18
C CYS C 307 6.82 -3.21 28.92
N SER C 308 6.34 -1.97 29.09
CA SER C 308 4.96 -1.57 28.92
C SER C 308 4.59 -1.17 27.47
N CYS C 309 5.47 -0.38 26.81
CA CYS C 309 5.27 0.20 25.48
C CYS C 309 5.21 -0.81 24.30
N ARG C 310 5.69 -2.06 24.48
CA ARG C 310 5.68 -3.08 23.41
N MET C 313 6.49 -7.93 23.79
CA MET C 313 7.44 -8.24 24.87
C MET C 313 7.12 -9.60 25.53
N VAL C 314 8.19 -10.32 25.97
CA VAL C 314 8.10 -11.66 26.60
C VAL C 314 7.52 -11.60 28.01
N LYS C 315 6.34 -12.24 28.23
CA LYS C 315 5.69 -12.30 29.53
C LYS C 315 5.33 -13.73 29.93
N ILE C 316 5.81 -14.16 31.10
CA ILE C 316 5.52 -15.48 31.68
C ILE C 316 4.57 -15.27 32.87
N SER C 317 3.48 -16.07 32.93
CA SER C 317 2.54 -16.01 34.06
C SER C 317 3.21 -16.74 35.23
N MET C 318 3.31 -16.06 36.38
CA MET C 318 3.98 -16.63 37.56
C MET C 318 3.10 -17.57 38.40
N ASP C 319 1.76 -17.56 38.20
CA ASP C 319 0.78 -18.37 38.95
C ASP C 319 1.15 -19.87 39.11
N VAL C 320 1.78 -20.47 38.08
CA VAL C 320 2.18 -21.88 38.08
C VAL C 320 3.33 -22.12 39.09
N PHE C 321 4.35 -21.24 39.08
CA PHE C 321 5.54 -21.31 39.94
C PHE C 321 5.23 -21.03 41.39
N VAL C 322 4.30 -20.08 41.63
CA VAL C 322 3.88 -19.68 42.97
C VAL C 322 3.13 -20.82 43.61
N ARG C 323 2.14 -21.41 42.91
CA ARG C 323 1.34 -22.55 43.40
C ARG C 323 2.19 -23.77 43.78
N LYS C 324 3.19 -24.11 42.93
CA LYS C 324 4.04 -25.27 43.16
C LYS C 324 5.11 -25.07 44.24
N PHE C 325 5.87 -23.97 44.18
CA PHE C 325 7.00 -23.72 45.09
C PHE C 325 6.73 -22.78 46.28
N GLN C 326 5.69 -21.95 46.22
CA GLN C 326 5.33 -21.04 47.33
C GLN C 326 3.80 -21.15 47.59
N PRO C 327 3.21 -22.35 47.84
CA PRO C 327 1.74 -22.42 48.01
C PRO C 327 1.20 -21.59 49.19
N GLU C 328 2.05 -21.38 50.22
CA GLU C 328 1.75 -20.61 51.42
C GLU C 328 1.52 -19.10 51.12
N ARG C 329 2.25 -18.57 50.12
CA ARG C 329 2.20 -17.17 49.72
C ARG C 329 1.23 -16.88 48.54
N TYR C 330 0.63 -17.93 47.92
CA TYR C 330 -0.27 -17.79 46.78
C TYR C 330 -1.43 -16.80 46.98
N LYS C 331 -2.19 -16.92 48.09
CA LYS C 331 -3.31 -16.04 48.42
C LYS C 331 -2.84 -14.60 48.66
N LEU C 332 -1.77 -14.43 49.47
CA LEU C 332 -1.15 -13.14 49.79
C LEU C 332 -0.65 -12.40 48.53
N TRP C 333 -0.01 -13.14 47.59
CA TRP C 333 0.54 -12.61 46.33
C TRP C 333 -0.54 -12.21 45.32
N LYS C 334 -1.59 -13.04 45.15
CA LYS C 334 -2.72 -12.76 44.27
C LYS C 334 -3.49 -11.52 44.75
N ALA C 335 -3.49 -11.29 46.09
CA ALA C 335 -4.12 -10.12 46.72
C ALA C 335 -3.23 -8.86 46.60
N GLY C 336 -1.96 -9.07 46.28
CA GLY C 336 -0.98 -8.00 46.15
C GLY C 336 -0.30 -7.62 47.45
N LYS C 337 -0.55 -8.41 48.51
CA LYS C 337 -0.02 -8.22 49.86
C LYS C 337 1.37 -8.85 50.07
N ASP C 338 1.94 -9.48 49.01
CA ASP C 338 3.28 -10.08 49.07
C ASP C 338 4.35 -8.99 49.06
N ASN C 339 4.97 -8.75 50.23
CA ASN C 339 5.99 -7.74 50.47
C ASN C 339 7.41 -8.34 50.64
N THR C 340 7.70 -9.45 49.90
CA THR C 340 8.99 -10.14 49.94
C THR C 340 10.10 -9.27 49.33
N VAL C 341 11.20 -9.10 50.08
CA VAL C 341 12.35 -8.33 49.60
C VAL C 341 13.41 -9.33 49.19
N ILE C 342 13.88 -9.24 47.94
CA ILE C 342 14.91 -10.10 47.38
C ILE C 342 16.29 -9.72 47.93
N ASP C 343 17.02 -10.72 48.43
CA ASP C 343 18.42 -10.57 48.84
C ASP C 343 19.22 -11.24 47.73
N HIS C 344 19.93 -10.43 46.93
CA HIS C 344 20.70 -10.85 45.76
C HIS C 344 21.95 -11.70 46.09
N THR C 345 22.36 -11.71 47.37
CA THR C 345 23.55 -12.42 47.85
C THR C 345 23.28 -13.92 48.12
N LEU C 346 22.02 -14.25 48.51
CA LEU C 346 21.60 -15.61 48.84
C LEU C 346 21.64 -16.52 47.66
N PRO C 347 22.30 -17.69 47.81
CA PRO C 347 22.28 -18.67 46.71
C PRO C 347 20.92 -19.38 46.64
N THR C 348 20.72 -20.12 45.56
CA THR C 348 19.51 -20.88 45.30
C THR C 348 19.34 -21.96 46.38
N PRO C 349 18.09 -22.24 46.87
CA PRO C 349 17.93 -23.28 47.92
C PRO C 349 18.53 -24.64 47.58
N GLU C 350 18.65 -24.97 46.26
CA GLU C 350 19.24 -26.21 45.71
C GLU C 350 20.73 -26.40 46.08
N ALA C 351 21.40 -25.30 46.45
CA ALA C 351 22.81 -25.23 46.84
C ALA C 351 23.06 -25.65 48.31
N ALA C 352 21.96 -26.01 49.04
CA ALA C 352 21.93 -26.40 50.45
C ALA C 352 22.97 -27.43 50.82
N GLU C 353 23.24 -28.38 49.91
CA GLU C 353 24.22 -29.46 50.11
C GLU C 353 25.66 -28.95 50.22
N PHE C 354 26.07 -28.10 49.27
CA PHE C 354 27.41 -27.52 49.22
C PHE C 354 27.59 -26.36 50.23
N LEU C 355 26.47 -25.86 50.82
CA LEU C 355 26.42 -24.75 51.78
C LEU C 355 25.71 -25.14 53.07
N PRO D 11 -39.44 0.98 -34.32
CA PRO D 11 -39.19 0.77 -32.89
C PRO D 11 -39.01 2.09 -32.14
N SER D 12 -38.55 2.01 -30.89
CA SER D 12 -38.28 3.17 -30.03
C SER D 12 -36.96 3.88 -30.45
N ALA D 13 -36.36 3.45 -31.59
CA ALA D 13 -35.12 4.05 -32.06
C ALA D 13 -35.34 5.06 -33.23
N ARG D 14 -36.53 5.76 -33.20
CA ARG D 14 -36.96 6.85 -34.10
C ARG D 14 -36.45 8.19 -33.53
N ILE D 15 -36.05 9.09 -34.41
CA ILE D 15 -35.51 10.41 -33.98
C ILE D 15 -36.61 11.18 -33.27
N MET D 16 -36.28 11.80 -32.13
CA MET D 16 -37.25 12.56 -31.33
C MET D 16 -36.94 14.05 -31.40
N THR D 17 -37.98 14.88 -31.26
CA THR D 17 -37.84 16.36 -31.28
C THR D 17 -38.25 16.90 -29.90
N PHE D 18 -37.45 17.82 -29.37
CA PHE D 18 -37.69 18.41 -28.05
C PHE D 18 -37.88 19.89 -28.13
N TYR D 19 -38.84 20.40 -27.35
CA TYR D 19 -39.20 21.81 -27.28
C TYR D 19 -39.03 22.32 -25.84
N PRO D 20 -37.77 22.51 -25.37
CA PRO D 20 -37.58 22.99 -23.99
C PRO D 20 -38.07 24.42 -23.76
N THR D 21 -38.49 24.70 -22.53
CA THR D 21 -38.90 26.04 -22.08
C THR D 21 -37.59 26.77 -21.76
N MET D 22 -37.62 28.09 -21.57
CA MET D 22 -36.41 28.86 -21.23
C MET D 22 -35.71 28.32 -19.96
N GLU D 23 -36.49 27.92 -18.93
CA GLU D 23 -35.96 27.35 -17.68
C GLU D 23 -35.25 26.00 -17.92
N GLU D 24 -35.89 25.10 -18.71
CA GLU D 24 -35.34 23.78 -19.06
C GLU D 24 -34.06 23.90 -19.90
N PHE D 25 -34.09 24.82 -20.87
CA PHE D 25 -33.03 25.14 -21.83
C PHE D 25 -31.77 25.71 -21.21
N ARG D 26 -31.88 26.48 -20.11
CA ARG D 26 -30.74 27.14 -19.43
C ARG D 26 -29.59 26.19 -19.01
N ASN D 27 -29.90 24.96 -18.56
CA ASN D 27 -28.89 23.96 -18.16
C ASN D 27 -28.75 22.90 -19.27
N PHE D 28 -27.67 23.00 -20.07
CA PHE D 28 -27.38 22.14 -21.20
C PHE D 28 -27.23 20.66 -20.83
N SER D 29 -26.29 20.34 -19.92
CA SER D 29 -25.99 18.99 -19.47
C SER D 29 -27.18 18.30 -18.84
N ARG D 30 -27.98 19.05 -18.05
CA ARG D 30 -29.19 18.53 -17.42
C ARG D 30 -30.20 18.17 -18.50
N TYR D 31 -30.34 19.03 -19.54
CA TYR D 31 -31.27 18.78 -20.64
C TYR D 31 -30.84 17.60 -21.52
N ILE D 32 -29.52 17.38 -21.69
CA ILE D 32 -29.01 16.22 -22.44
C ILE D 32 -29.38 14.94 -21.63
N ALA D 33 -29.28 15.00 -20.30
CA ALA D 33 -29.63 13.90 -19.40
C ALA D 33 -31.16 13.63 -19.47
N TYR D 34 -31.97 14.71 -19.51
CA TYR D 34 -33.42 14.59 -19.62
C TYR D 34 -33.84 13.88 -20.91
N ILE D 35 -33.27 14.27 -22.06
CA ILE D 35 -33.67 13.66 -23.33
C ILE D 35 -33.26 12.16 -23.37
N GLU D 36 -32.11 11.78 -22.76
CA GLU D 36 -31.67 10.37 -22.68
C GLU D 36 -32.62 9.54 -21.80
N SER D 37 -33.17 10.15 -20.72
CA SER D 37 -34.17 9.50 -19.87
C SER D 37 -35.48 9.26 -20.71
N GLN D 38 -35.70 10.06 -21.77
CA GLN D 38 -36.83 9.96 -22.68
C GLN D 38 -36.52 8.98 -23.81
N GLY D 39 -35.28 8.50 -23.85
CA GLY D 39 -34.83 7.55 -24.85
C GLY D 39 -34.36 8.13 -26.16
N ALA D 40 -34.02 9.46 -26.21
CA ALA D 40 -33.50 10.14 -27.41
C ALA D 40 -32.26 9.49 -28.08
N HIS D 41 -31.30 9.03 -27.24
CA HIS D 41 -30.04 8.40 -27.60
C HIS D 41 -30.15 7.10 -28.42
N ARG D 42 -31.29 6.41 -28.36
CA ARG D 42 -31.49 5.14 -29.07
C ARG D 42 -31.49 5.27 -30.58
N ALA D 43 -31.96 6.39 -31.08
CA ALA D 43 -32.01 6.74 -32.48
C ALA D 43 -30.63 7.20 -32.96
N GLY D 44 -29.80 7.69 -32.02
CA GLY D 44 -28.44 8.16 -32.29
C GLY D 44 -28.38 9.62 -32.69
N LEU D 45 -29.57 10.23 -32.87
CA LEU D 45 -29.77 11.61 -33.29
C LEU D 45 -31.07 12.14 -32.67
N ALA D 46 -31.06 13.41 -32.21
CA ALA D 46 -32.21 14.12 -31.63
C ALA D 46 -32.20 15.56 -32.08
N LYS D 47 -33.42 16.14 -32.23
CA LYS D 47 -33.58 17.56 -32.57
C LYS D 47 -34.06 18.31 -31.32
N VAL D 48 -33.55 19.52 -31.12
CA VAL D 48 -33.92 20.36 -30.02
C VAL D 48 -34.23 21.72 -30.60
N VAL D 49 -35.48 22.14 -30.46
CA VAL D 49 -35.97 23.43 -30.94
C VAL D 49 -35.91 24.37 -29.74
N PRO D 50 -34.99 25.36 -29.74
CA PRO D 50 -34.85 26.25 -28.57
C PRO D 50 -36.04 27.19 -28.38
N PRO D 51 -36.25 27.77 -27.17
CA PRO D 51 -37.37 28.72 -26.98
C PRO D 51 -37.29 29.89 -27.96
N LYS D 52 -38.44 30.27 -28.57
CA LYS D 52 -38.59 31.33 -29.57
C LYS D 52 -37.85 32.63 -29.25
N GLU D 53 -37.84 33.03 -27.95
CA GLU D 53 -37.19 34.23 -27.43
C GLU D 53 -35.66 34.19 -27.51
N TRP D 54 -35.07 32.98 -27.49
CA TRP D 54 -33.62 32.76 -27.53
C TRP D 54 -33.01 32.94 -28.91
N LYS D 55 -31.90 33.70 -28.96
CA LYS D 55 -31.10 34.02 -30.15
C LYS D 55 -29.62 33.99 -29.77
N PRO D 56 -28.75 33.20 -30.47
CA PRO D 56 -27.32 33.22 -30.11
C PRO D 56 -26.53 34.45 -30.63
N ARG D 57 -27.14 35.28 -31.52
CA ARG D 57 -26.56 36.47 -32.18
C ARG D 57 -27.71 37.35 -32.69
N ALA D 58 -27.57 38.68 -32.57
CA ALA D 58 -28.60 39.64 -32.96
C ALA D 58 -28.84 39.72 -34.48
N SER D 59 -27.77 39.67 -35.29
CA SER D 59 -27.86 39.73 -36.76
C SER D 59 -26.69 38.98 -37.39
N TYR D 60 -26.89 38.47 -38.62
CA TYR D 60 -25.85 37.80 -39.40
C TYR D 60 -25.43 38.67 -40.61
N ASP D 61 -25.78 39.97 -40.59
CA ASP D 61 -25.46 40.96 -41.64
C ASP D 61 -23.99 41.45 -41.63
N ASP D 62 -23.19 40.98 -40.65
CA ASP D 62 -21.80 41.38 -40.46
C ASP D 62 -20.79 40.24 -40.71
N ILE D 63 -21.18 39.19 -41.44
CA ILE D 63 -20.27 38.05 -41.60
C ILE D 63 -19.80 37.79 -43.06
N ASP D 64 -20.09 38.70 -44.03
CA ASP D 64 -19.67 38.53 -45.44
C ASP D 64 -18.16 38.59 -45.65
N ASP D 65 -17.44 39.30 -44.76
CA ASP D 65 -15.99 39.44 -44.83
C ASP D 65 -15.23 38.33 -44.11
N LEU D 66 -15.98 37.41 -43.44
CA LEU D 66 -15.43 36.27 -42.73
C LEU D 66 -14.77 35.34 -43.76
N VAL D 67 -13.51 34.97 -43.47
CA VAL D 67 -12.69 34.09 -44.31
C VAL D 67 -12.90 32.60 -43.97
N ILE D 68 -13.11 31.80 -45.02
CA ILE D 68 -13.18 30.34 -45.04
C ILE D 68 -11.75 29.95 -45.55
N PRO D 69 -10.82 29.55 -44.65
CA PRO D 69 -9.44 29.31 -45.08
C PRO D 69 -9.20 28.12 -46.02
N ALA D 70 -10.01 27.07 -45.88
CA ALA D 70 -9.86 25.86 -46.68
C ALA D 70 -11.18 25.32 -47.24
N PRO D 71 -11.85 26.02 -48.17
CA PRO D 71 -13.08 25.45 -48.75
C PRO D 71 -12.73 24.16 -49.52
N ILE D 72 -13.61 23.18 -49.51
CA ILE D 72 -13.32 21.93 -50.19
C ILE D 72 -14.32 21.66 -51.30
N GLN D 73 -13.81 21.28 -52.48
CA GLN D 73 -14.66 20.85 -53.57
C GLN D 73 -14.91 19.35 -53.33
N GLN D 74 -16.18 18.98 -53.23
CA GLN D 74 -16.51 17.57 -52.93
C GLN D 74 -16.77 16.82 -54.23
N LEU D 75 -15.83 15.96 -54.61
CA LEU D 75 -15.99 15.17 -55.84
C LEU D 75 -16.47 13.79 -55.43
N VAL D 76 -17.59 13.37 -55.99
CA VAL D 76 -18.18 12.06 -55.60
C VAL D 76 -18.14 11.12 -56.80
N THR D 77 -17.70 9.90 -56.53
CA THR D 77 -17.57 8.83 -57.50
C THR D 77 -18.35 7.62 -57.00
N GLY D 78 -19.04 6.96 -57.90
CA GLY D 78 -19.81 5.79 -57.54
C GLY D 78 -21.07 5.59 -58.35
N GLN D 79 -21.78 4.53 -58.00
CA GLN D 79 -23.00 4.09 -58.65
C GLN D 79 -23.74 3.13 -57.72
N SER D 80 -24.99 2.82 -58.08
CA SER D 80 -25.88 1.90 -57.36
C SER D 80 -25.93 2.17 -55.85
N GLY D 81 -26.03 3.44 -55.48
CA GLY D 81 -26.15 3.87 -54.09
C GLY D 81 -24.92 3.79 -53.22
N LEU D 82 -23.74 3.48 -53.83
CA LEU D 82 -22.43 3.39 -53.15
C LEU D 82 -21.47 4.36 -53.72
N PHE D 83 -20.99 5.29 -52.87
CA PHE D 83 -20.11 6.35 -53.34
C PHE D 83 -18.94 6.64 -52.41
N THR D 84 -17.88 7.19 -53.03
CA THR D 84 -16.70 7.69 -52.38
C THR D 84 -16.59 9.19 -52.69
N GLN D 85 -16.47 9.99 -51.63
CA GLN D 85 -16.31 11.42 -51.71
C GLN D 85 -14.81 11.78 -51.52
N TYR D 86 -14.28 12.53 -52.45
CA TYR D 86 -12.90 13.02 -52.46
C TYR D 86 -12.95 14.49 -52.22
N ASN D 87 -12.13 14.98 -51.31
CA ASN D 87 -12.06 16.42 -51.04
C ASN D 87 -10.90 17.06 -51.78
N ILE D 88 -11.18 18.17 -52.44
CA ILE D 88 -10.17 18.96 -53.15
C ILE D 88 -10.10 20.30 -52.41
N GLN D 89 -9.01 20.57 -51.70
CA GLN D 89 -8.87 21.85 -51.00
C GLN D 89 -8.67 22.96 -52.02
N LYS D 90 -9.55 23.98 -51.96
CA LYS D 90 -9.50 25.14 -52.84
C LYS D 90 -8.90 26.31 -52.05
N LYS D 91 -8.53 27.40 -52.74
CA LYS D 91 -7.97 28.55 -52.05
C LYS D 91 -9.02 29.28 -51.18
N ALA D 92 -8.53 29.99 -50.17
CA ALA D 92 -9.40 30.68 -49.19
C ALA D 92 -10.29 31.69 -49.91
N MET D 93 -11.54 31.81 -49.43
CA MET D 93 -12.51 32.78 -49.99
C MET D 93 -13.36 33.35 -48.86
N THR D 94 -13.99 34.49 -49.09
CA THR D 94 -14.87 35.13 -48.09
C THR D 94 -16.26 34.49 -48.14
N VAL D 95 -17.05 34.68 -47.08
CA VAL D 95 -18.43 34.20 -47.04
C VAL D 95 -19.24 34.86 -48.20
N ARG D 96 -18.85 36.09 -48.57
CA ARG D 96 -19.44 36.81 -49.67
C ARG D 96 -19.20 36.11 -51.01
N GLU D 97 -17.95 35.69 -51.29
CA GLU D 97 -17.57 34.99 -52.52
C GLU D 97 -18.23 33.60 -52.54
N PHE D 98 -18.24 32.93 -51.37
CA PHE D 98 -18.88 31.64 -51.18
C PHE D 98 -20.40 31.71 -51.50
N ARG D 99 -21.13 32.67 -50.90
CA ARG D 99 -22.56 32.89 -51.09
C ARG D 99 -22.91 33.19 -52.56
N LYS D 100 -22.04 33.92 -53.28
CA LYS D 100 -22.21 34.24 -54.69
C LYS D 100 -22.20 32.96 -55.52
N ILE D 101 -21.23 32.07 -55.25
CA ILE D 101 -21.09 30.78 -55.93
C ILE D 101 -22.30 29.87 -55.55
N ALA D 102 -22.63 29.78 -54.24
CA ALA D 102 -23.73 28.99 -53.70
C ALA D 102 -25.06 29.33 -54.36
N ASN D 103 -25.32 30.64 -54.61
CA ASN D 103 -26.59 31.09 -55.17
C ASN D 103 -26.60 31.24 -56.68
N SER D 104 -25.47 30.92 -57.34
CA SER D 104 -25.31 31.05 -58.80
C SER D 104 -26.08 29.96 -59.51
N ASP D 105 -26.39 30.17 -60.79
CA ASP D 105 -27.13 29.21 -61.62
C ASP D 105 -26.53 27.82 -61.58
N LYS D 106 -25.20 27.74 -61.67
CA LYS D 106 -24.49 26.47 -61.67
C LYS D 106 -24.70 25.65 -60.39
N TYR D 107 -24.67 26.30 -59.20
CA TYR D 107 -24.71 25.62 -57.92
C TYR D 107 -25.97 25.78 -57.07
N CYS D 108 -26.91 26.67 -57.41
CA CYS D 108 -28.10 26.86 -56.58
C CYS D 108 -29.01 25.60 -56.45
N THR D 109 -29.86 25.59 -55.41
CA THR D 109 -30.82 24.53 -55.11
C THR D 109 -31.79 24.39 -56.28
N PRO D 110 -32.14 23.14 -56.70
CA PRO D 110 -33.16 23.01 -57.76
C PRO D 110 -34.55 23.32 -57.20
N ARG D 111 -35.52 23.50 -58.10
CA ARG D 111 -36.92 23.74 -57.72
C ARG D 111 -37.53 22.40 -57.26
N TYR D 112 -38.35 22.44 -56.21
CA TYR D 112 -38.95 21.23 -55.63
C TYR D 112 -40.19 21.56 -54.82
N SER D 113 -41.12 20.59 -54.73
CA SER D 113 -42.36 20.71 -53.95
C SER D 113 -42.08 20.17 -52.53
N GLU D 114 -41.96 18.83 -52.39
CA GLU D 114 -41.71 18.13 -51.12
C GLU D 114 -40.24 17.81 -50.94
N PHE D 115 -39.82 17.52 -49.69
N PHE D 115 -39.80 17.54 -49.68
CA PHE D 115 -38.44 17.14 -49.36
CA PHE D 115 -38.41 17.20 -49.38
C PHE D 115 -38.05 15.91 -50.21
C PHE D 115 -37.99 15.87 -50.05
N GLU D 116 -38.95 14.92 -50.27
CA GLU D 116 -38.76 13.63 -50.95
C GLU D 116 -38.22 13.82 -52.37
N GLU D 117 -38.68 14.91 -53.04
CA GLU D 117 -38.27 15.33 -54.38
C GLU D 117 -36.80 15.79 -54.37
N LEU D 118 -36.45 16.67 -53.42
CA LEU D 118 -35.08 17.16 -53.25
C LEU D 118 -34.10 16.02 -52.87
N GLU D 119 -34.55 15.08 -52.02
CA GLU D 119 -33.79 13.90 -51.61
C GLU D 119 -33.49 13.03 -52.86
N ARG D 120 -34.50 12.80 -53.73
CA ARG D 120 -34.30 12.05 -54.97
C ARG D 120 -33.27 12.74 -55.86
N LYS D 121 -33.36 14.08 -56.00
CA LYS D 121 -32.47 14.93 -56.78
C LYS D 121 -31.05 14.85 -56.25
N TYR D 122 -30.89 14.81 -54.91
CA TYR D 122 -29.58 14.71 -54.29
C TYR D 122 -28.90 13.38 -54.63
N TRP D 123 -29.60 12.25 -54.44
CA TRP D 123 -29.07 10.92 -54.70
C TRP D 123 -28.87 10.66 -56.21
N LYS D 124 -29.62 11.36 -57.08
CA LYS D 124 -29.49 11.20 -58.52
C LYS D 124 -28.34 12.05 -59.03
N ASN D 125 -28.03 13.19 -58.38
CA ASN D 125 -27.04 14.13 -58.89
C ASN D 125 -25.79 14.36 -58.05
N LEU D 126 -25.57 13.60 -56.97
CA LEU D 126 -24.41 13.87 -56.10
C LEU D 126 -23.06 13.69 -56.79
N THR D 127 -22.99 12.96 -57.91
CA THR D 127 -21.73 12.79 -58.62
C THR D 127 -21.51 13.88 -59.66
N PHE D 128 -22.51 14.73 -59.91
CA PHE D 128 -22.40 15.80 -60.92
C PHE D 128 -22.15 17.17 -60.29
N ASN D 129 -21.56 18.13 -61.05
CA ASN D 129 -21.27 19.51 -60.64
C ASN D 129 -20.76 19.61 -59.18
N PRO D 130 -19.59 19.00 -58.88
CA PRO D 130 -19.11 19.00 -57.49
C PRO D 130 -19.20 20.36 -56.78
N PRO D 131 -19.94 20.41 -55.64
CA PRO D 131 -20.09 21.67 -54.92
C PRO D 131 -18.87 22.00 -54.08
N ILE D 132 -18.86 23.21 -53.50
CA ILE D 132 -17.81 23.67 -52.59
C ILE D 132 -18.42 23.74 -51.19
N TYR D 133 -17.77 23.09 -50.22
CA TYR D 133 -18.20 23.09 -48.81
C TYR D 133 -17.20 23.93 -48.06
N GLY D 134 -17.65 24.98 -47.40
CA GLY D 134 -16.79 25.85 -46.60
C GLY D 134 -16.76 25.32 -45.19
N ALA D 135 -16.26 24.09 -45.05
CA ALA D 135 -16.25 23.30 -43.83
C ALA D 135 -15.05 23.54 -42.92
N ASP D 136 -15.20 23.14 -41.66
CA ASP D 136 -14.19 23.14 -40.60
C ASP D 136 -13.53 24.50 -40.39
N VAL D 137 -14.34 25.58 -40.40
CA VAL D 137 -13.81 26.93 -40.16
C VAL D 137 -13.76 27.10 -38.64
N ASN D 138 -12.58 27.34 -38.08
CA ASN D 138 -12.41 27.55 -36.64
C ASN D 138 -13.11 28.85 -36.28
N GLY D 139 -14.15 28.74 -35.47
CA GLY D 139 -14.87 29.92 -35.08
C GLY D 139 -16.24 29.69 -34.50
N THR D 140 -16.84 30.80 -34.08
CA THR D 140 -18.16 30.84 -33.49
C THR D 140 -18.95 32.06 -33.98
N LEU D 141 -20.28 31.94 -34.03
CA LEU D 141 -21.14 33.05 -34.39
C LEU D 141 -21.95 33.48 -33.17
N TYR D 142 -21.71 32.82 -32.03
CA TYR D 142 -22.32 33.14 -30.74
C TYR D 142 -21.72 34.41 -30.19
N GLU D 143 -22.57 35.24 -29.57
CA GLU D 143 -22.13 36.45 -28.90
C GLU D 143 -21.47 35.94 -27.62
N LYS D 144 -20.46 36.67 -27.12
CA LYS D 144 -19.69 36.23 -25.95
C LYS D 144 -20.55 36.11 -24.69
N HIS D 145 -21.57 36.99 -24.52
CA HIS D 145 -22.47 37.01 -23.36
C HIS D 145 -23.54 35.87 -23.35
N VAL D 146 -23.81 35.25 -24.51
CA VAL D 146 -24.80 34.15 -24.63
C VAL D 146 -24.36 32.93 -23.77
N ASP D 147 -25.10 32.68 -22.66
CA ASP D 147 -24.82 31.61 -21.69
C ASP D 147 -25.52 30.29 -21.96
N GLU D 148 -26.62 30.32 -22.71
CA GLU D 148 -27.41 29.11 -23.00
C GLU D 148 -26.93 28.42 -24.27
N TRP D 149 -26.56 27.11 -24.15
CA TRP D 149 -26.13 26.23 -25.23
C TRP D 149 -25.04 26.84 -26.11
N ASN D 150 -24.09 27.54 -25.48
CA ASN D 150 -22.98 28.16 -26.20
C ASN D 150 -21.97 27.06 -26.56
N ILE D 151 -21.91 26.75 -27.86
CA ILE D 151 -21.05 25.71 -28.47
C ILE D 151 -19.55 25.95 -28.13
N GLY D 152 -19.14 27.21 -28.11
CA GLY D 152 -17.77 27.57 -27.79
C GLY D 152 -17.37 27.27 -26.35
N ARG D 153 -18.38 27.12 -25.45
CA ARG D 153 -18.17 26.83 -24.03
C ARG D 153 -19.33 26.04 -23.39
N LEU D 154 -19.48 24.75 -23.76
CA LEU D 154 -20.57 23.92 -23.20
C LEU D 154 -20.33 23.45 -21.74
N ARG D 155 -19.05 23.40 -21.35
CA ARG D 155 -18.53 23.06 -20.01
C ARG D 155 -18.97 21.66 -19.51
N THR D 156 -18.88 20.65 -20.39
CA THR D 156 -19.14 19.24 -20.10
C THR D 156 -17.85 18.62 -19.53
N ILE D 157 -17.90 17.33 -19.16
CA ILE D 157 -16.76 16.58 -18.61
C ILE D 157 -15.61 16.44 -19.64
N LEU D 158 -15.88 16.78 -20.94
CA LEU D 158 -14.91 16.75 -22.05
C LEU D 158 -13.82 17.80 -21.86
N ASP D 159 -14.13 18.92 -21.15
CA ASP D 159 -13.18 19.99 -20.83
C ASP D 159 -11.93 19.51 -20.10
N LEU D 160 -11.98 18.33 -19.46
CA LEU D 160 -10.85 17.71 -18.75
C LEU D 160 -9.64 17.40 -19.66
N VAL D 161 -9.89 17.24 -20.97
CA VAL D 161 -8.88 17.00 -22.00
C VAL D 161 -7.89 18.16 -22.10
N GLU D 162 -8.37 19.42 -22.10
CA GLU D 162 -7.52 20.61 -22.20
C GLU D 162 -6.90 21.01 -20.84
N LYS D 163 -7.55 20.60 -19.72
CA LYS D 163 -7.06 20.86 -18.34
C LYS D 163 -5.85 20.01 -18.01
N GLU D 164 -5.80 18.77 -18.55
CA GLU D 164 -4.69 17.86 -18.29
C GLU D 164 -3.57 17.92 -19.36
N SER D 165 -3.91 18.22 -20.64
CA SER D 165 -2.96 18.36 -21.76
C SER D 165 -3.06 19.75 -22.41
CA GLY D 171 -8.38 20.27 -30.30
C GLY D 171 -9.73 20.04 -30.97
N VAL D 172 -10.67 19.34 -30.25
CA VAL D 172 -12.04 19.00 -30.65
C VAL D 172 -13.08 19.39 -29.54
N ASN D 173 -12.68 20.36 -28.71
CA ASN D 173 -13.43 21.00 -27.63
C ASN D 173 -13.89 22.37 -28.18
N THR D 174 -13.28 22.78 -29.32
CA THR D 174 -13.45 24.06 -30.00
C THR D 174 -14.58 24.07 -31.05
N PRO D 175 -15.24 25.24 -31.27
CA PRO D 175 -16.31 25.28 -32.27
C PRO D 175 -15.82 25.40 -33.72
N TYR D 176 -16.58 24.81 -34.65
CA TYR D 176 -16.32 24.87 -36.07
C TYR D 176 -17.55 25.31 -36.80
N LEU D 177 -17.35 26.14 -37.82
CA LEU D 177 -18.40 26.66 -38.70
C LEU D 177 -18.36 25.91 -40.01
N TYR D 178 -19.53 25.73 -40.60
CA TYR D 178 -19.77 25.01 -41.87
C TYR D 178 -20.67 25.86 -42.75
N PHE D 179 -20.10 26.40 -43.82
CA PHE D 179 -20.86 27.16 -44.80
C PHE D 179 -21.20 26.19 -45.91
N GLY D 180 -22.49 25.85 -46.02
CA GLY D 180 -22.96 24.90 -47.01
C GLY D 180 -23.58 25.52 -48.24
N MET D 181 -23.69 24.72 -49.29
CA MET D 181 -24.39 25.06 -50.52
C MET D 181 -25.12 23.82 -50.92
N TRP D 182 -26.02 23.92 -51.85
CA TRP D 182 -26.78 22.77 -52.30
C TRP D 182 -25.88 21.55 -52.60
N LYS D 183 -26.28 20.34 -52.10
CA LYS D 183 -25.61 19.09 -52.44
C LYS D 183 -24.28 18.86 -51.72
N THR D 184 -23.88 19.75 -50.79
CA THR D 184 -22.69 19.52 -49.97
C THR D 184 -23.07 18.42 -49.00
N SER D 185 -22.20 17.47 -48.77
CA SER D 185 -22.49 16.29 -47.93
C SER D 185 -21.58 16.09 -46.78
N PHE D 186 -22.04 15.27 -45.83
CA PHE D 186 -21.25 14.72 -44.74
C PHE D 186 -21.50 13.24 -44.82
N ALA D 187 -20.45 12.48 -45.08
CA ALA D 187 -20.49 11.03 -45.28
C ALA D 187 -20.79 10.30 -43.98
N TRP D 188 -21.10 9.01 -44.07
CA TRP D 188 -21.37 8.14 -42.90
C TRP D 188 -20.21 8.11 -41.93
N HIS D 189 -20.47 8.46 -40.67
CA HIS D 189 -19.44 8.48 -39.63
C HIS D 189 -20.09 8.63 -38.26
N THR D 190 -19.33 8.28 -37.22
CA THR D 190 -19.64 8.54 -35.82
C THR D 190 -18.63 9.66 -35.46
N GLU D 191 -18.79 10.31 -34.32
CA GLU D 191 -17.86 11.37 -33.94
C GLU D 191 -16.49 10.82 -33.60
N ASP D 192 -15.47 11.69 -33.56
CA ASP D 192 -14.14 11.28 -33.16
C ASP D 192 -14.24 10.80 -31.72
N MET D 193 -13.61 9.65 -31.42
CA MET D 193 -13.61 9.01 -30.10
C MET D 193 -14.99 8.56 -29.67
N ASP D 194 -15.93 8.48 -30.65
CA ASP D 194 -17.34 8.11 -30.48
C ASP D 194 -18.03 9.05 -29.49
N LEU D 195 -17.68 10.35 -29.57
CA LEU D 195 -18.22 11.40 -28.73
C LEU D 195 -19.64 11.80 -29.17
N TYR D 196 -20.25 12.72 -28.42
CA TYR D 196 -21.53 13.32 -28.78
C TYR D 196 -21.14 14.52 -29.62
N SER D 197 -22.11 15.06 -30.37
CA SER D 197 -21.93 16.34 -31.06
C SER D 197 -23.20 17.16 -30.96
N ILE D 198 -23.03 18.47 -31.12
CA ILE D 198 -24.04 19.51 -31.12
C ILE D 198 -23.88 20.28 -32.43
N ASN D 199 -24.98 20.48 -33.12
CA ASN D 199 -24.96 21.21 -34.37
C ASN D 199 -26.08 22.20 -34.32
N TYR D 200 -25.76 23.48 -34.48
CA TYR D 200 -26.77 24.53 -34.55
C TYR D 200 -26.76 25.14 -35.96
N LEU D 201 -27.92 25.16 -36.62
CA LEU D 201 -28.03 25.79 -37.92
C LEU D 201 -28.35 27.30 -37.69
N HIS D 202 -27.34 28.18 -37.79
CA HIS D 202 -27.44 29.61 -37.58
C HIS D 202 -28.43 30.28 -38.51
N PHE D 203 -28.34 29.97 -39.82
CA PHE D 203 -29.18 30.56 -40.84
C PHE D 203 -29.12 29.79 -42.13
N GLY D 204 -30.05 30.13 -43.03
CA GLY D 204 -30.13 29.63 -44.39
C GLY D 204 -31.03 28.46 -44.62
N GLU D 205 -30.73 27.74 -45.70
CA GLU D 205 -31.49 26.59 -46.17
C GLU D 205 -31.29 25.39 -45.27
N PRO D 206 -32.24 24.45 -45.22
CA PRO D 206 -32.11 23.30 -44.32
C PRO D 206 -30.90 22.38 -44.53
N LYS D 207 -30.70 21.50 -43.55
CA LYS D 207 -29.68 20.46 -43.54
C LYS D 207 -30.44 19.15 -43.25
N SER D 208 -30.37 18.17 -44.16
CA SER D 208 -31.02 16.87 -43.98
C SER D 208 -30.04 15.83 -43.45
N TRP D 209 -30.52 14.97 -42.54
CA TRP D 209 -29.73 13.97 -41.84
C TRP D 209 -30.32 12.61 -41.94
N TYR D 210 -29.45 11.60 -41.88
CA TYR D 210 -29.78 10.19 -41.81
C TYR D 210 -29.04 9.69 -40.60
N SER D 211 -29.66 8.77 -39.87
CA SER D 211 -29.04 8.18 -38.68
C SER D 211 -29.29 6.70 -38.63
N VAL D 212 -28.32 5.92 -38.12
CA VAL D 212 -28.44 4.49 -37.88
C VAL D 212 -28.33 4.37 -36.35
N PRO D 213 -29.31 3.72 -35.66
CA PRO D 213 -29.23 3.60 -34.20
C PRO D 213 -27.90 3.00 -33.72
N PRO D 214 -27.28 3.52 -32.63
CA PRO D 214 -26.05 2.89 -32.11
C PRO D 214 -26.10 1.36 -31.97
N GLU D 215 -27.28 0.78 -31.66
CA GLU D 215 -27.42 -0.68 -31.48
C GLU D 215 -27.42 -1.43 -32.84
N HIS D 216 -27.33 -0.70 -33.95
CA HIS D 216 -27.23 -1.29 -35.29
C HIS D 216 -25.98 -0.82 -36.08
N GLY D 217 -25.13 0.00 -35.47
CA GLY D 217 -23.90 0.51 -36.08
C GLY D 217 -22.91 -0.53 -36.57
N LYS D 218 -22.81 -1.69 -35.86
CA LYS D 218 -21.92 -2.79 -36.26
C LYS D 218 -22.37 -3.42 -37.58
N ARG D 219 -23.69 -3.41 -37.83
CA ARG D 219 -24.31 -3.92 -39.06
C ARG D 219 -23.98 -2.96 -40.18
N LEU D 220 -23.96 -1.63 -39.92
CA LEU D 220 -23.57 -0.66 -40.96
C LEU D 220 -22.10 -0.86 -41.33
N GLU D 221 -21.23 -0.98 -40.31
CA GLU D 221 -19.78 -1.24 -40.48
C GLU D 221 -19.50 -2.49 -41.31
N ARG D 222 -20.25 -3.58 -41.05
CA ARG D 222 -20.12 -4.86 -41.74
C ARG D 222 -20.49 -4.72 -43.20
N LEU D 223 -21.59 -4.01 -43.49
CA LEU D 223 -22.05 -3.74 -44.85
C LEU D 223 -20.96 -2.92 -45.60
N ALA D 224 -20.48 -1.81 -44.98
CA ALA D 224 -19.44 -0.95 -45.54
C ALA D 224 -18.15 -1.72 -45.85
N LYS D 225 -17.71 -2.62 -44.92
CA LYS D 225 -16.50 -3.45 -45.09
C LYS D 225 -16.67 -4.39 -46.29
N GLY D 226 -17.88 -4.95 -46.45
CA GLY D 226 -18.24 -5.81 -47.57
C GLY D 226 -18.17 -5.11 -48.91
N PHE D 227 -18.59 -3.82 -48.96
CA PHE D 227 -18.58 -3.00 -50.18
C PHE D 227 -17.25 -2.37 -50.53
N PHE D 228 -16.49 -1.92 -49.52
CA PHE D 228 -15.18 -1.32 -49.73
C PHE D 228 -14.13 -2.18 -49.00
N PRO D 229 -13.85 -3.42 -49.50
CA PRO D 229 -12.88 -4.29 -48.79
C PRO D 229 -11.43 -3.80 -48.88
N GLY D 230 -11.11 -3.02 -49.92
CA GLY D 230 -9.79 -2.42 -50.12
C GLY D 230 -9.49 -1.42 -49.02
N SER D 231 -10.48 -0.56 -48.73
CA SER D 231 -10.44 0.45 -47.66
C SER D 231 -10.39 -0.20 -46.26
N ALA D 232 -11.13 -1.32 -46.09
CA ALA D 232 -11.20 -2.08 -44.84
C ALA D 232 -9.86 -2.75 -44.50
N GLN D 233 -9.10 -3.19 -45.54
CA GLN D 233 -7.80 -3.81 -45.37
C GLN D 233 -6.74 -2.77 -44.95
N SER D 234 -6.78 -1.57 -45.56
CA SER D 234 -5.86 -0.46 -45.29
C SER D 234 -6.08 0.20 -43.91
N CYS D 235 -7.35 0.29 -43.47
CA CYS D 235 -7.74 0.90 -42.20
C CYS D 235 -8.96 0.17 -41.65
N GLU D 236 -8.93 -0.25 -40.37
CA GLU D 236 -10.08 -0.92 -39.76
C GLU D 236 -11.28 0.06 -39.69
N ALA D 237 -11.00 1.28 -39.20
CA ALA D 237 -11.98 2.34 -39.05
C ALA D 237 -11.99 3.32 -40.28
N PHE D 238 -12.12 2.78 -41.52
CA PHE D 238 -12.10 3.64 -42.72
C PHE D 238 -13.29 4.63 -42.82
N LEU D 239 -14.43 4.34 -42.13
CA LEU D 239 -15.56 5.25 -42.15
C LEU D 239 -15.24 6.61 -41.49
N ARG D 240 -14.23 6.63 -40.60
CA ARG D 240 -13.72 7.82 -39.91
C ARG D 240 -13.05 8.83 -40.88
N HIS D 241 -12.70 8.38 -42.12
CA HIS D 241 -12.14 9.20 -43.20
C HIS D 241 -13.20 10.14 -43.74
N LYS D 242 -14.49 9.81 -43.48
CA LYS D 242 -15.68 10.56 -43.86
C LYS D 242 -15.77 10.71 -45.38
N MET D 243 -15.55 9.61 -46.09
CA MET D 243 -15.56 9.55 -47.56
C MET D 243 -16.65 8.62 -48.10
N THR D 244 -17.32 7.86 -47.22
CA THR D 244 -18.28 6.85 -47.66
C THR D 244 -19.71 7.33 -47.61
N LEU D 245 -20.34 7.36 -48.79
CA LEU D 245 -21.75 7.74 -48.96
C LEU D 245 -22.53 6.48 -49.36
N ILE D 246 -23.60 6.21 -48.64
CA ILE D 246 -24.47 5.03 -48.83
C ILE D 246 -25.88 5.54 -48.82
N SER D 247 -26.61 5.37 -49.94
CA SER D 247 -27.98 5.85 -50.07
C SER D 247 -29.00 5.14 -49.15
N PRO D 248 -30.12 5.80 -48.73
CA PRO D 248 -31.13 5.11 -47.90
C PRO D 248 -31.69 3.83 -48.55
N LEU D 249 -31.77 3.77 -49.89
CA LEU D 249 -32.19 2.60 -50.66
C LEU D 249 -31.29 1.41 -50.43
N MET D 250 -29.96 1.64 -50.36
CA MET D 250 -28.94 0.62 -50.08
C MET D 250 -29.10 0.11 -48.67
N LEU D 251 -29.28 1.03 -47.70
CA LEU D 251 -29.52 0.64 -46.29
C LEU D 251 -30.79 -0.23 -46.16
N LYS D 252 -31.87 0.14 -46.88
CA LYS D 252 -33.14 -0.59 -46.87
C LYS D 252 -32.94 -1.98 -47.49
N LYS D 253 -32.19 -2.06 -48.60
CA LYS D 253 -31.89 -3.31 -49.30
C LYS D 253 -31.15 -4.33 -48.39
N TYR D 254 -30.20 -3.85 -47.59
CA TYR D 254 -29.38 -4.70 -46.73
C TYR D 254 -29.88 -4.79 -45.27
N GLY D 255 -31.12 -4.35 -45.03
CA GLY D 255 -31.76 -4.45 -43.73
C GLY D 255 -31.18 -3.60 -42.62
N ILE D 256 -30.46 -2.51 -42.95
CA ILE D 256 -29.88 -1.62 -41.96
C ILE D 256 -31.00 -0.66 -41.49
N PRO D 257 -31.42 -0.70 -40.21
CA PRO D 257 -32.47 0.24 -39.76
C PRO D 257 -31.90 1.64 -39.71
N PHE D 258 -32.69 2.63 -40.10
CA PHE D 258 -32.29 4.04 -40.12
C PHE D 258 -33.50 4.96 -40.03
N ASP D 259 -33.24 6.22 -39.77
CA ASP D 259 -34.28 7.25 -39.77
C ASP D 259 -33.71 8.49 -40.41
N LYS D 260 -34.56 9.41 -40.82
CA LYS D 260 -34.17 10.67 -41.42
C LYS D 260 -34.91 11.85 -40.78
N VAL D 261 -34.28 13.02 -40.80
CA VAL D 261 -34.82 14.27 -40.25
C VAL D 261 -34.18 15.46 -40.97
N THR D 262 -34.95 16.55 -41.13
CA THR D 262 -34.50 17.81 -41.71
C THR D 262 -34.37 18.85 -40.59
N GLN D 263 -33.19 19.44 -40.48
CA GLN D 263 -32.89 20.48 -39.53
C GLN D 263 -33.08 21.83 -40.23
N GLU D 264 -33.86 22.72 -39.59
CA GLU D 264 -34.10 24.05 -40.12
C GLU D 264 -33.35 25.08 -39.34
N ALA D 265 -33.20 26.30 -39.91
CA ALA D 265 -32.47 27.38 -39.28
C ALA D 265 -33.06 27.68 -37.93
N GLY D 266 -32.18 27.78 -36.94
CA GLY D 266 -32.56 28.04 -35.55
C GLY D 266 -32.79 26.78 -34.74
N GLU D 267 -32.44 25.60 -35.28
CA GLU D 267 -32.61 24.32 -34.56
C GLU D 267 -31.28 23.65 -34.28
N PHE D 268 -31.27 22.83 -33.23
CA PHE D 268 -30.07 22.08 -32.78
C PHE D 268 -30.28 20.59 -33.04
N MET D 269 -29.24 19.93 -33.56
CA MET D 269 -29.28 18.47 -33.76
C MET D 269 -28.24 17.88 -32.81
N ILE D 270 -28.60 16.83 -32.08
CA ILE D 270 -27.62 16.20 -31.15
C ILE D 270 -27.33 14.79 -31.65
N THR D 271 -26.04 14.45 -31.79
CA THR D 271 -25.61 13.11 -32.18
C THR D 271 -25.07 12.48 -30.88
N PHE D 272 -25.38 11.21 -30.66
CA PHE D 272 -25.03 10.48 -29.43
C PHE D 272 -23.86 9.54 -29.68
N PRO D 273 -23.15 9.05 -28.64
CA PRO D 273 -22.03 8.14 -28.87
C PRO D 273 -22.37 6.93 -29.72
N TYR D 274 -21.53 6.72 -30.79
CA TYR D 274 -21.60 5.59 -31.71
C TYR D 274 -22.87 5.66 -32.61
N GLY D 275 -23.40 6.88 -32.78
CA GLY D 275 -24.52 7.14 -33.66
C GLY D 275 -24.02 7.50 -35.03
N TYR D 276 -24.16 6.57 -36.00
CA TYR D 276 -23.75 6.85 -37.38
C TYR D 276 -24.68 7.83 -38.03
N HIS D 277 -24.13 8.88 -38.66
CA HIS D 277 -24.95 9.87 -39.36
C HIS D 277 -24.30 10.30 -40.67
N ALA D 278 -25.11 10.76 -41.60
CA ALA D 278 -24.77 11.28 -42.93
C ALA D 278 -25.84 12.30 -43.29
N GLY D 279 -25.56 13.12 -44.27
CA GLY D 279 -26.57 14.05 -44.73
C GLY D 279 -26.06 15.02 -45.74
N PHE D 280 -26.90 16.00 -46.07
CA PHE D 280 -26.59 17.03 -47.05
C PHE D 280 -27.32 18.34 -46.75
N ASN D 281 -26.80 19.41 -47.32
CA ASN D 281 -27.34 20.75 -47.25
C ASN D 281 -28.23 21.04 -48.44
N HIS D 282 -29.37 21.71 -48.19
CA HIS D 282 -30.36 22.07 -49.21
C HIS D 282 -29.88 23.27 -49.99
N GLY D 283 -29.05 24.09 -49.38
CA GLY D 283 -28.60 25.28 -50.05
C GLY D 283 -27.70 26.07 -49.16
N PHE D 284 -27.50 27.35 -49.50
CA PHE D 284 -26.66 28.24 -48.73
C PHE D 284 -27.12 28.34 -47.29
N ASN D 285 -26.22 27.98 -46.40
CA ASN D 285 -26.49 27.99 -44.97
C ASN D 285 -25.21 28.05 -44.15
N CYS D 286 -25.36 28.13 -42.83
CA CYS D 286 -24.23 28.15 -41.90
C CYS D 286 -24.56 27.46 -40.62
N ALA D 287 -23.81 26.43 -40.26
CA ALA D 287 -23.99 25.63 -39.03
C ALA D 287 -22.75 25.71 -38.14
N GLU D 288 -22.95 25.64 -36.83
CA GLU D 288 -21.86 25.64 -35.83
C GLU D 288 -21.87 24.30 -35.10
N SER D 289 -20.68 23.73 -34.88
CA SER D 289 -20.53 22.39 -34.32
C SER D 289 -19.34 22.25 -33.40
N THR D 290 -19.44 21.24 -32.52
CA THR D 290 -18.43 20.80 -31.55
C THR D 290 -18.89 19.49 -30.95
N ASN D 291 -17.97 18.81 -30.22
CA ASN D 291 -18.18 17.54 -29.55
C ASN D 291 -18.28 17.82 -28.08
N PHE D 292 -18.98 16.98 -27.37
CA PHE D 292 -19.13 17.08 -25.92
C PHE D 292 -19.25 15.69 -25.36
N ALA D 293 -19.18 15.57 -24.05
CA ALA D 293 -19.30 14.25 -23.44
C ALA D 293 -20.18 14.29 -22.22
N THR D 294 -20.67 13.11 -21.81
CA THR D 294 -21.39 12.85 -20.56
C THR D 294 -20.61 11.70 -19.93
N ARG D 295 -20.99 11.26 -18.71
CA ARG D 295 -20.32 10.15 -18.03
C ARG D 295 -20.44 8.83 -18.84
N ARG D 296 -21.55 8.66 -19.60
CA ARG D 296 -21.84 7.47 -20.42
C ARG D 296 -20.82 7.31 -21.55
N TRP D 297 -20.31 8.44 -22.10
CA TRP D 297 -19.31 8.44 -23.16
C TRP D 297 -17.99 7.73 -22.79
N ILE D 298 -17.58 7.76 -21.53
CA ILE D 298 -16.29 7.18 -21.14
C ILE D 298 -16.13 5.74 -21.66
N GLU D 299 -17.09 4.85 -21.38
CA GLU D 299 -17.05 3.46 -21.84
C GLU D 299 -16.87 3.39 -23.37
N TYR D 300 -17.58 4.27 -24.14
CA TYR D 300 -17.48 4.43 -25.61
C TYR D 300 -16.09 4.92 -26.01
N GLY D 301 -15.58 5.95 -25.32
CA GLY D 301 -14.26 6.54 -25.54
C GLY D 301 -13.16 5.52 -25.43
N LYS D 302 -13.23 4.65 -24.39
CA LYS D 302 -12.27 3.57 -24.16
C LYS D 302 -12.35 2.47 -25.22
N GLN D 303 -13.58 2.11 -25.66
CA GLN D 303 -13.79 1.06 -26.65
C GLN D 303 -13.74 1.50 -28.11
N ALA D 304 -13.64 2.82 -28.39
CA ALA D 304 -13.65 3.38 -29.74
C ALA D 304 -12.53 2.85 -30.67
N VAL D 305 -12.92 2.27 -31.83
CA VAL D 305 -12.00 1.73 -32.85
C VAL D 305 -11.58 2.94 -33.68
N LEU D 306 -10.29 3.27 -33.63
CA LEU D 306 -9.72 4.45 -34.26
C LEU D 306 -9.05 4.20 -35.59
N CYS D 307 -8.92 5.29 -36.40
CA CYS D 307 -8.25 5.28 -37.69
C CYS D 307 -6.76 5.10 -37.46
N SER D 308 -6.22 4.03 -38.07
CA SER D 308 -4.81 3.64 -37.97
C SER D 308 -3.92 4.29 -39.02
N CYS D 309 -4.39 4.32 -40.30
CA CYS D 309 -3.65 4.78 -41.49
C CYS D 309 -3.31 6.31 -41.52
N ARG D 310 -3.95 7.14 -40.68
CA ARG D 310 -3.69 8.58 -40.65
N ASP D 312 -1.98 11.95 -37.49
CA ASP D 312 -2.95 12.95 -37.95
C ASP D 312 -4.28 12.92 -37.15
N MET D 313 -5.09 11.81 -37.29
CA MET D 313 -6.41 11.54 -36.70
C MET D 313 -6.53 11.93 -35.21
N VAL D 314 -7.75 12.33 -34.77
CA VAL D 314 -8.05 12.80 -33.40
C VAL D 314 -8.04 11.65 -32.39
N LYS D 315 -7.12 11.72 -31.41
CA LYS D 315 -7.02 10.73 -30.33
C LYS D 315 -7.00 11.41 -28.96
N ILE D 316 -7.90 10.99 -28.07
CA ILE D 316 -8.01 11.51 -26.70
C ILE D 316 -7.52 10.40 -25.76
N SER D 317 -6.64 10.74 -24.80
CA SER D 317 -6.16 9.80 -23.81
C SER D 317 -7.30 9.60 -22.80
N MET D 318 -7.72 8.34 -22.61
CA MET D 318 -8.82 8.04 -21.70
C MET D 318 -8.41 7.99 -20.22
N ASP D 319 -7.07 8.00 -19.93
CA ASP D 319 -6.46 7.94 -18.59
C ASP D 319 -7.12 8.88 -17.56
N VAL D 320 -7.28 10.16 -17.94
CA VAL D 320 -7.84 11.22 -17.10
C VAL D 320 -9.29 10.92 -16.73
N PHE D 321 -10.10 10.49 -17.74
CA PHE D 321 -11.52 10.17 -17.58
C PHE D 321 -11.76 8.93 -16.71
N VAL D 322 -10.95 7.86 -16.92
CA VAL D 322 -11.03 6.59 -16.19
C VAL D 322 -10.67 6.79 -14.72
N ARG D 323 -9.58 7.52 -14.44
CA ARG D 323 -9.13 7.82 -13.08
C ARG D 323 -10.21 8.58 -12.28
N LYS D 324 -10.84 9.58 -12.89
CA LYS D 324 -11.85 10.42 -12.22
C LYS D 324 -13.22 9.72 -12.04
N PHE D 325 -13.78 9.11 -13.11
CA PHE D 325 -15.12 8.53 -13.07
C PHE D 325 -15.21 7.00 -12.90
N GLN D 326 -14.12 6.27 -13.16
CA GLN D 326 -14.09 4.80 -12.95
C GLN D 326 -12.79 4.43 -12.19
N PRO D 327 -12.48 5.02 -11.00
CA PRO D 327 -11.20 4.69 -10.34
C PRO D 327 -11.04 3.21 -9.97
N GLU D 328 -12.19 2.52 -9.73
CA GLU D 328 -12.27 1.10 -9.38
C GLU D 328 -11.75 0.18 -10.50
N ARG D 329 -11.99 0.60 -11.76
CA ARG D 329 -11.62 -0.16 -12.97
C ARG D 329 -10.26 0.22 -13.56
N TYR D 330 -9.62 1.32 -13.07
CA TYR D 330 -8.35 1.83 -13.58
C TYR D 330 -7.23 0.76 -13.73
N LYS D 331 -6.94 0.01 -12.65
CA LYS D 331 -5.92 -1.05 -12.64
C LYS D 331 -6.23 -2.14 -13.68
N LEU D 332 -7.51 -2.59 -13.76
CA LEU D 332 -7.98 -3.61 -14.70
C LEU D 332 -7.86 -3.15 -16.16
N TRP D 333 -8.25 -1.89 -16.45
CA TRP D 333 -8.20 -1.28 -17.80
C TRP D 333 -6.76 -1.06 -18.26
N LYS D 334 -5.88 -0.61 -17.34
CA LYS D 334 -4.45 -0.39 -17.61
C LYS D 334 -3.81 -1.73 -18.00
N ALA D 335 -4.22 -2.82 -17.31
CA ALA D 335 -3.79 -4.19 -17.56
C ALA D 335 -4.46 -4.78 -18.83
N GLY D 336 -5.55 -4.14 -19.28
CA GLY D 336 -6.32 -4.54 -20.45
C GLY D 336 -7.41 -5.56 -20.15
N LYS D 337 -7.53 -5.93 -18.86
CA LYS D 337 -8.50 -6.90 -18.32
C LYS D 337 -9.94 -6.36 -18.27
N ASP D 338 -10.16 -5.09 -18.66
CA ASP D 338 -11.50 -4.51 -18.68
C ASP D 338 -12.29 -5.04 -19.88
N ASN D 339 -13.25 -5.95 -19.60
CA ASN D 339 -14.08 -6.60 -20.60
C ASN D 339 -15.55 -6.09 -20.58
N THR D 340 -15.74 -4.80 -20.26
CA THR D 340 -17.06 -4.15 -20.17
C THR D 340 -17.79 -4.16 -21.51
N VAL D 341 -19.06 -4.62 -21.51
CA VAL D 341 -19.89 -4.66 -22.70
C VAL D 341 -20.83 -3.47 -22.62
N ILE D 342 -20.81 -2.61 -23.66
CA ILE D 342 -21.67 -1.43 -23.72
C ILE D 342 -23.12 -1.81 -24.07
N ASP D 343 -24.09 -1.31 -23.30
CA ASP D 343 -25.51 -1.45 -23.59
C ASP D 343 -25.95 -0.08 -24.12
N HIS D 344 -26.23 0.01 -25.43
CA HIS D 344 -26.57 1.24 -26.13
C HIS D 344 -27.95 1.82 -25.78
N THR D 345 -28.83 0.99 -25.18
CA THR D 345 -30.18 1.41 -24.79
C THR D 345 -30.18 2.20 -23.48
N LEU D 346 -29.19 1.95 -22.61
CA LEU D 346 -29.08 2.56 -21.29
C LEU D 346 -28.81 4.05 -21.31
N PRO D 347 -29.57 4.85 -20.53
CA PRO D 347 -29.31 6.29 -20.48
C PRO D 347 -28.10 6.62 -19.60
N THR D 348 -27.56 7.85 -19.74
CA THR D 348 -26.41 8.35 -18.97
C THR D 348 -26.75 8.38 -17.48
N PRO D 349 -25.80 8.04 -16.56
CA PRO D 349 -26.13 8.03 -15.11
C PRO D 349 -26.75 9.32 -14.57
N GLU D 350 -26.40 10.50 -15.15
CA GLU D 350 -26.90 11.85 -14.79
C GLU D 350 -28.45 11.98 -14.98
N ALA D 351 -29.05 11.06 -15.77
CA ALA D 351 -30.49 11.02 -16.05
C ALA D 351 -31.30 10.41 -14.88
N ALA D 352 -30.59 9.96 -13.80
CA ALA D 352 -31.15 9.35 -12.58
C ALA D 352 -32.22 10.21 -11.91
N GLU D 353 -32.07 11.54 -11.93
CA GLU D 353 -33.02 12.49 -11.35
C GLU D 353 -34.40 12.51 -12.06
N PHE D 354 -34.44 12.03 -13.31
CA PHE D 354 -35.65 11.93 -14.13
C PHE D 354 -36.20 10.49 -14.12
N LEU D 355 -35.33 9.51 -13.76
CA LEU D 355 -35.59 8.08 -13.70
C LEU D 355 -35.88 7.64 -12.27
ZN ZN E . 16.42 15.37 -6.43
ZN ZN F . 22.60 0.16 -7.00
O FO8 G . 13.97 17.97 -0.36
C FO8 G . 14.01 16.84 -0.85
C3 FO8 G . 14.49 16.56 -2.21
C4 FO8 G . 15.05 17.57 -2.97
C5 FO8 G . 15.55 17.23 -4.21
N2 FO8 G . 15.48 15.99 -4.73
C6 FO8 G . 14.89 15.05 -3.99
C2 FO8 G . 14.40 15.25 -2.68
N1 FO8 G . 13.93 14.21 -1.90
C1 FO8 G . 13.55 14.53 -0.69
N FO8 G . 13.58 15.77 -0.16
N3 FO8 G . 14.64 13.83 -4.67
N6 FO8 G . 15.01 13.67 -5.97
C28 FO8 G . 14.58 12.46 -6.28
C8 FO8 G . 13.95 11.82 -5.20
C7 FO8 G . 14.03 12.73 -4.19
C9 FO8 G . 13.31 10.45 -5.16
C10 FO8 G . 12.01 10.38 -5.92
N4 FO8 G . 11.35 9.07 -5.85
CL CL H . 0.15 22.96 8.46
ZN ZN I . -16.97 -18.27 16.40
ZN ZN J . -23.86 -6.19 25.23
C15 FO8 K . -13.52 -15.51 23.98
C17 FO8 K . -10.53 -13.56 27.24
O FO8 K . -16.47 -24.82 19.06
C FO8 K . -16.49 -23.70 19.57
C3 FO8 K . -16.50 -22.47 18.78
C4 FO8 K . -16.63 -22.52 17.40
C5 FO8 K . -16.71 -21.33 16.73
N2 FO8 K . -16.63 -20.13 17.32
C6 FO8 K . -16.46 -20.10 18.64
C2 FO8 K . -16.43 -21.25 19.47
N1 FO8 K . -16.40 -21.18 20.84
C1 FO8 K . -16.43 -22.32 21.47
N FO8 K . -16.47 -23.53 20.89
N3 FO8 K . -16.09 -18.84 19.17
N6 FO8 K . -15.95 -17.76 18.36
C28 FO8 K . -15.53 -16.79 19.16
C8 FO8 K . -15.39 -17.23 20.48
C7 FO8 K . -15.77 -18.55 20.44
C9 FO8 K . -14.90 -16.46 21.67
C10 FO8 K . -13.38 -16.43 21.75
N4 FO8 K . -12.86 -15.42 22.68
C14 FO8 K . -13.05 -14.39 24.91
C13 FO8 K . -11.54 -14.42 25.09
C12 FO8 K . -10.86 -14.45 23.72
C11 FO8 K . -11.42 -15.58 22.87
C16 FO8 K . -11.01 -13.31 25.97
C27 FO8 K . -10.98 -12.00 25.51
C26 FO8 K . -10.47 -10.99 26.29
C19 FO8 K . -9.98 -11.24 27.56
C18 FO8 K . -10.02 -12.55 28.02
CL CL L . -6.58 -37.86 24.42
S DMS M . -14.01 7.23 14.13
O DMS M . -14.43 6.98 12.73
C1 DMS M . -13.59 5.65 14.81
C2 DMS M . -12.41 7.98 14.07
ZN ZN N . 21.33 -11.47 27.63
ZN ZN O . 9.22 -0.57 26.60
O FO8 P . 25.97 -12.08 22.38
C FO8 P . 24.79 -11.77 22.45
C3 FO8 P . 23.99 -11.82 23.67
C4 FO8 P . 24.59 -12.12 24.89
C5 FO8 P . 23.81 -12.11 26.02
N2 FO8 P . 22.50 -11.85 26.02
C6 FO8 P . 21.93 -11.60 24.83
C2 FO8 P . 22.63 -11.53 23.60
N1 FO8 P . 22.03 -11.15 22.42
C1 FO8 P . 22.79 -11.10 21.36
N FO8 P . 24.11 -11.40 21.35
N3 FO8 P . 20.52 -11.56 24.84
N6 FO8 P . 19.83 -11.81 25.99
C28 FO8 P . 18.56 -11.78 25.62
C8 FO8 P . 18.42 -11.51 24.25
C7 FO8 P . 19.69 -11.35 23.80
C9 FO8 P . 17.15 -11.43 23.42
C10 FO8 P . 16.45 -12.78 23.29
N4 FO8 P . 15.20 -12.70 22.55
CL CL Q . 32.56 -21.86 9.55
C1 GOL R . 27.12 9.11 15.44
O1 GOL R . 26.11 9.26 16.41
C2 GOL R . 26.90 7.90 14.54
O2 GOL R . 25.54 7.71 14.27
C3 GOL R . 27.63 7.97 13.21
O3 GOL R . 29.02 8.16 13.39
S DMS S . 37.75 2.30 27.34
O DMS S . 37.98 1.12 26.49
C1 DMS S . 36.04 2.72 27.10
C2 DMS S . 37.65 1.67 29.00
ZN ZN T . -20.62 14.28 -37.20
ZN ZN U . -7.60 5.30 -41.69
C15 FO8 V . -12.85 17.69 -38.66
O FO8 V . -23.20 19.18 -41.57
C FO8 V . -22.09 18.70 -41.38
C3 FO8 V . -21.79 17.74 -40.33
C4 FO8 V . -22.81 17.22 -39.55
C5 FO8 V . -22.47 16.28 -38.60
N2 FO8 V . -21.22 15.86 -38.37
C6 FO8 V . -20.25 16.41 -39.10
C2 FO8 V . -20.45 17.34 -40.16
N1 FO8 V . -19.44 17.79 -40.95
C1 FO8 V . -19.79 18.64 -41.90
N FO8 V . -21.03 19.09 -42.11
N3 FO8 V . -18.94 16.12 -38.66
N6 FO8 V . -18.72 15.37 -37.54
C28 FO8 V . -17.42 15.40 -37.36
C8 FO8 V . -16.76 16.17 -38.35
C7 FO8 V . -17.78 16.60 -39.16
C9 FO8 V . -15.30 16.51 -38.46
C10 FO8 V . -14.84 17.38 -37.31
N4 FO8 V . -13.38 17.61 -37.30
C14 FO8 V . -11.34 17.83 -38.63
C13 FO8 V . -10.91 19.08 -37.85
C12 FO8 V . -11.57 19.04 -36.48
C11 FO8 V . -13.06 18.85 -36.59
C16 FO8 V . -9.41 19.25 -37.79
S DMS W . -6.70 14.12 -39.47
O DMS W . -7.86 14.78 -38.88
C1 DMS W . -7.26 13.47 -41.03
C2 DMS W . -5.71 15.46 -40.08
S DMS X . -17.97 0.40 -29.58
O DMS X . -17.25 0.30 -30.89
C1 DMS X . -17.91 2.09 -29.08
C2 DMS X . -19.67 0.23 -29.97
#